data_7TM7
#
_entry.id   7TM7
#
_cell.length_a   72.862
_cell.length_b   150.386
_cell.length_c   156.352
_cell.angle_alpha   90.000
_cell.angle_beta   90.000
_cell.angle_gamma   90.000
#
_symmetry.space_group_name_H-M   'P 21 21 21'
#
loop_
_entity.id
_entity.type
_entity.pdbx_description
1 polymer 'Alpha-1,4 glucan phosphorylase'
2 non-polymer "PYRIDOXAL-5'-PHOSPHATE"
3 water water
#
_entity_poly.entity_id   1
_entity_poly.type   'polypeptide(L)'
_entity_poly.pdbx_seq_one_letter_code
;MAHHHHHHMSQTTFNKAQFQAALTRQWQHFGLQSASEMTQRQWWRAVSGALAELLAAQPVAKPAQGQRHVNYISMEFLIG
RLTGNNLLNLGWYEGVSDALKGYDVNLTDLLEEETDPALGNGGLGRLAACFLDSMATVGQSATGYGLNYQYGLFRQSFDD
GQQMEAPDDWGRSSYPWFRHNEALDVQVGIGGKVSKNGEWQPAFVITGEAWDLPVLGYRNNVAQPLRLWQAKHAHPFNLT
KFNDGDFLRAEQQGIDAEKLTKVLYPNDNHQAGKKLRLMQQYFQCACSVADILRRHHLAGRKLAELADYEVIQLNDTHPT
IAIPELLRVLIDEHQLSWDDAWAITSKTFAYTNHTLMPEALECWDEKLVKALLPRHMQIIKEINDRFKQLVDKTWPGDKQ
VWAKLAVVHDKQVRMANMCVVGGFAVNGVAALHSDLVVKDLFPEYNQLWPNKFHNVTNGITPRRWIKQCNPALASLLDET
LKKEWANDLDQLINLEKYADDAAFRQTYRDIKQANKVHLAEFVKQRTGIEINPQAIFDIQIKRLHEYKRQHLNLLHILAL
YKEIRENPQSDRVPRVFLFGAKAAPGYYLAKNIIFAINKVAEAINNDPKVGDKLKVVFLPDYCVSAAEKLIPAADISEQI
STAGKEASGTGNMKLALNGALTVGTLDGANVEIAEQVGEENIFIFGHTVEEVKALKAKGYDPLKWRKKDKLLDAVLKELE
NGTYSNGDKHAFDQMLHSLLQGGDPYLVLADFEAYVAAQKRVDELYRDEEAWTRAAILNTARCGMFSSDRSIRDYQQRIW
QAKR
;
_entity_poly.pdbx_strand_id   A,B
#
# COMPACT_ATOMS: atom_id res chain seq x y z
N HIS A 3 16.84 -40.74 -26.08
CA HIS A 3 17.22 -39.38 -25.60
C HIS A 3 17.52 -39.41 -24.10
N HIS A 4 18.67 -38.86 -23.71
CA HIS A 4 19.09 -38.83 -22.31
C HIS A 4 19.44 -37.39 -21.94
N HIS A 5 18.64 -36.80 -21.05
CA HIS A 5 18.85 -35.42 -20.63
C HIS A 5 19.64 -35.39 -19.33
N HIS A 6 20.60 -34.47 -19.24
CA HIS A 6 21.51 -34.36 -18.09
C HIS A 6 21.44 -32.95 -17.54
N HIS A 7 20.47 -32.72 -16.66
CA HIS A 7 20.30 -31.42 -16.03
C HIS A 7 21.18 -31.33 -14.79
N HIS A 8 21.87 -30.21 -14.66
CA HIS A 8 22.83 -30.00 -13.58
C HIS A 8 22.07 -29.79 -12.27
N MET A 9 22.01 -30.84 -11.44
CA MET A 9 21.30 -30.77 -10.17
C MET A 9 22.15 -30.09 -9.11
N SER A 10 21.48 -29.34 -8.24
CA SER A 10 22.16 -28.49 -7.25
C SER A 10 21.13 -28.16 -6.17
N GLN A 11 21.05 -28.99 -5.14
CA GLN A 11 20.09 -28.81 -4.08
C GLN A 11 20.86 -28.42 -2.82
N THR A 12 20.90 -27.11 -2.53
CA THR A 12 21.26 -26.66 -1.19
C THR A 12 20.24 -27.22 -0.22
N THR A 13 20.71 -27.96 0.78
CA THR A 13 19.83 -28.71 1.65
C THR A 13 19.16 -27.78 2.66
N PHE A 14 18.00 -28.22 3.14
CA PHE A 14 17.30 -27.45 4.15
C PHE A 14 18.17 -27.30 5.39
N ASN A 15 18.17 -26.10 5.97
CA ASN A 15 18.95 -25.79 7.16
C ASN A 15 17.97 -25.36 8.25
N LYS A 16 17.70 -26.27 9.20
CA LYS A 16 16.66 -25.99 10.17
C LYS A 16 17.01 -24.80 11.07
N ALA A 17 18.28 -24.63 11.40
CA ALA A 17 18.66 -23.52 12.26
C ALA A 17 18.44 -22.18 11.57
N GLN A 18 18.82 -22.09 10.29
CA GLN A 18 18.60 -20.86 9.53
C GLN A 18 17.10 -20.57 9.38
N PHE A 19 16.31 -21.62 9.10
CA PHE A 19 14.87 -21.41 9.02
C PHE A 19 14.30 -20.92 10.34
N GLN A 20 14.70 -21.52 11.45
CA GLN A 20 14.24 -21.08 12.75
C GLN A 20 14.57 -19.60 13.00
N ALA A 21 15.79 -19.17 12.63
CA ALA A 21 16.17 -17.79 12.86
C ALA A 21 15.38 -16.83 11.97
N ALA A 22 15.15 -17.21 10.72
CA ALA A 22 14.34 -16.39 9.82
C ALA A 22 12.90 -16.31 10.32
N LEU A 23 12.32 -17.44 10.74
CA LEU A 23 10.97 -17.40 11.30
C LEU A 23 10.91 -16.45 12.50
N THR A 24 11.93 -16.50 13.35
CA THR A 24 11.94 -15.63 14.53
C THR A 24 11.93 -14.16 14.14
N ARG A 25 12.70 -13.79 13.11
CA ARG A 25 12.70 -12.40 12.66
C ARG A 25 11.32 -11.98 12.16
N GLN A 26 10.57 -12.90 11.59
CA GLN A 26 9.26 -12.55 11.05
C GLN A 26 8.27 -12.19 12.16
N TRP A 27 8.13 -13.05 13.18
CA TRP A 27 7.16 -12.71 14.21
C TRP A 27 7.65 -11.58 15.11
N GLN A 28 8.96 -11.40 15.23
CA GLN A 28 9.48 -10.19 15.86
C GLN A 28 9.11 -8.96 15.05
N HIS A 29 9.17 -9.05 13.72
CA HIS A 29 8.82 -7.90 12.87
C HIS A 29 7.34 -7.56 12.95
N PHE A 30 6.48 -8.56 13.18
CA PHE A 30 5.04 -8.34 13.45
C PHE A 30 4.80 -7.71 14.81
N GLY A 31 5.81 -7.66 15.67
CA GLY A 31 5.62 -7.08 16.99
C GLY A 31 5.11 -8.05 18.03
N LEU A 32 5.28 -9.36 17.82
CA LEU A 32 4.83 -10.38 18.75
C LEU A 32 5.95 -10.80 19.70
N GLN A 33 5.55 -11.52 20.76
CA GLN A 33 6.45 -12.00 21.79
C GLN A 33 6.91 -13.44 21.58
N SER A 34 6.16 -14.25 20.84
CA SER A 34 6.58 -15.61 20.56
C SER A 34 5.88 -16.05 19.29
N ALA A 35 6.39 -17.11 18.68
CA ALA A 35 5.73 -17.65 17.50
C ALA A 35 4.32 -18.10 17.82
N SER A 36 4.08 -18.59 19.05
CA SER A 36 2.80 -19.16 19.40
C SER A 36 1.69 -18.11 19.44
N GLU A 37 2.04 -16.83 19.46
CA GLU A 37 1.02 -15.78 19.46
C GLU A 37 0.41 -15.58 18.08
N MET A 38 1.02 -16.10 17.02
CA MET A 38 0.56 -15.84 15.67
C MET A 38 -0.81 -16.43 15.40
N THR A 39 -1.64 -15.65 14.71
CA THR A 39 -2.83 -16.19 14.09
C THR A 39 -2.46 -17.13 12.93
N GLN A 40 -3.46 -17.86 12.45
N GLN A 40 -3.44 -17.89 12.46
CA GLN A 40 -3.25 -18.74 11.30
CA GLN A 40 -3.21 -18.74 11.29
C GLN A 40 -2.75 -17.97 10.09
C GLN A 40 -2.70 -17.94 10.11
N ARG A 41 -3.30 -16.76 9.86
CA ARG A 41 -2.86 -15.97 8.71
C ARG A 41 -1.45 -15.45 8.91
N GLN A 42 -1.10 -15.06 10.14
CA GLN A 42 0.26 -14.63 10.43
C GLN A 42 1.25 -15.77 10.26
N TRP A 43 0.85 -16.99 10.64
CA TRP A 43 1.73 -18.13 10.45
C TRP A 43 2.08 -18.29 8.98
N TRP A 44 1.10 -18.15 8.09
CA TRP A 44 1.41 -18.32 6.67
C TRP A 44 2.33 -17.20 6.19
N ARG A 45 2.07 -15.97 6.64
CA ARG A 45 2.92 -14.84 6.28
C ARG A 45 4.33 -15.05 6.78
N ALA A 46 4.47 -15.46 8.05
CA ALA A 46 5.80 -15.62 8.63
C ALA A 46 6.57 -16.75 7.97
N VAL A 47 5.93 -17.90 7.76
CA VAL A 47 6.62 -19.00 7.12
C VAL A 47 7.02 -18.64 5.69
N SER A 48 6.12 -18.00 4.96
CA SER A 48 6.42 -17.64 3.56
C SER A 48 7.52 -16.57 3.50
N GLY A 49 7.47 -15.59 4.40
CA GLY A 49 8.50 -14.56 4.42
C GLY A 49 9.84 -15.07 4.88
N ALA A 50 9.86 -16.02 5.82
CA ALA A 50 11.11 -16.65 6.21
C ALA A 50 11.73 -17.39 5.02
N LEU A 51 10.90 -18.14 4.28
CA LEU A 51 11.42 -18.82 3.11
C LEU A 51 11.91 -17.83 2.06
N ALA A 52 11.25 -16.68 1.95
CA ALA A 52 11.70 -15.69 0.99
C ALA A 52 13.06 -15.12 1.40
N GLU A 53 13.28 -14.95 2.70
CA GLU A 53 14.58 -14.50 3.17
C GLU A 53 15.67 -15.52 2.88
N LEU A 54 15.38 -16.80 3.14
CA LEU A 54 16.37 -17.83 2.89
C LEU A 54 16.68 -17.92 1.41
N LEU A 55 15.65 -17.82 0.56
CA LEU A 55 15.86 -17.84 -0.88
C LEU A 55 16.74 -16.67 -1.33
N ALA A 56 16.42 -15.47 -0.86
CA ALA A 56 17.22 -14.31 -1.22
C ALA A 56 18.67 -14.45 -0.78
N ALA A 57 18.93 -15.31 0.21
CA ALA A 57 20.30 -15.54 0.64
C ALA A 57 21.01 -16.63 -0.14
N GLN A 58 20.31 -17.37 -1.01
CA GLN A 58 20.97 -18.42 -1.74
C GLN A 58 21.93 -17.83 -2.79
N PRO A 59 22.98 -18.56 -3.15
CA PRO A 59 23.83 -18.10 -4.25
C PRO A 59 23.03 -18.02 -5.55
N VAL A 60 23.29 -16.97 -6.33
CA VAL A 60 22.49 -16.70 -7.52
C VAL A 60 23.12 -17.44 -8.69
N ALA A 61 22.32 -18.27 -9.36
CA ALA A 61 22.82 -19.03 -10.50
C ALA A 61 23.14 -18.09 -11.66
N LYS A 62 24.29 -18.29 -12.26
CA LYS A 62 24.71 -17.41 -13.35
C LYS A 62 24.13 -17.89 -14.68
N PRO A 63 23.88 -16.97 -15.62
CA PRO A 63 23.29 -17.38 -16.89
C PRO A 63 24.27 -18.19 -17.72
N ALA A 64 23.72 -19.11 -18.51
CA ALA A 64 24.55 -19.95 -19.38
C ALA A 64 25.33 -19.10 -20.37
N GLN A 65 26.61 -19.41 -20.51
CA GLN A 65 27.45 -18.68 -21.43
C GLN A 65 26.95 -18.84 -22.87
N GLY A 66 26.86 -17.72 -23.58
CA GLY A 66 26.55 -17.67 -25.00
C GLY A 66 25.09 -17.88 -25.37
N GLN A 67 24.20 -18.03 -24.41
CA GLN A 67 22.79 -18.25 -24.71
C GLN A 67 22.01 -16.94 -24.60
N ARG A 68 21.10 -16.72 -25.54
CA ARG A 68 20.25 -15.54 -25.45
C ARG A 68 19.37 -15.62 -24.20
N HIS A 69 19.11 -14.46 -23.62
CA HIS A 69 18.16 -14.30 -22.52
C HIS A 69 16.76 -14.07 -23.10
N VAL A 70 15.75 -14.72 -22.52
CA VAL A 70 14.38 -14.66 -23.03
C VAL A 70 13.55 -13.70 -22.18
N ASN A 71 12.91 -12.73 -22.84
CA ASN A 71 11.96 -11.83 -22.21
C ASN A 71 10.58 -12.26 -22.68
N TYR A 72 9.80 -12.83 -21.76
CA TYR A 72 8.51 -13.44 -22.10
C TYR A 72 7.40 -12.50 -21.64
N ILE A 73 6.73 -11.85 -22.59
CA ILE A 73 5.75 -10.82 -22.28
C ILE A 73 4.35 -11.39 -22.47
N SER A 74 3.56 -11.37 -21.40
CA SER A 74 2.21 -11.88 -21.44
C SER A 74 1.30 -11.00 -20.60
N MET A 75 0.08 -10.82 -21.06
CA MET A 75 -0.88 -10.04 -20.29
C MET A 75 -1.51 -10.81 -19.14
N GLU A 76 -1.14 -12.08 -18.96
CA GLU A 76 -1.58 -12.83 -17.80
C GLU A 76 -0.57 -13.92 -17.45
N PHE A 77 -0.45 -14.17 -16.15
CA PHE A 77 0.41 -15.21 -15.60
C PHE A 77 -0.39 -15.86 -14.49
N LEU A 78 -0.95 -17.04 -14.76
CA LEU A 78 -1.80 -17.71 -13.77
C LEU A 78 -0.92 -18.66 -12.96
N ILE A 79 -0.17 -18.06 -12.01
CA ILE A 79 0.92 -18.76 -11.35
C ILE A 79 0.43 -19.70 -10.25
N GLY A 80 -0.72 -19.45 -9.64
CA GLY A 80 -1.13 -20.24 -8.49
C GLY A 80 -0.40 -19.84 -7.22
N ARG A 81 -0.71 -20.55 -6.13
CA ARG A 81 0.03 -20.37 -4.89
C ARG A 81 1.50 -20.69 -5.11
N LEU A 82 2.37 -19.93 -4.45
CA LEU A 82 3.81 -20.09 -4.60
C LEU A 82 4.50 -20.86 -3.48
N THR A 83 3.99 -20.80 -2.24
CA THR A 83 4.80 -21.27 -1.11
C THR A 83 5.07 -22.78 -1.21
N GLY A 84 4.04 -23.57 -1.46
CA GLY A 84 4.23 -25.01 -1.59
C GLY A 84 5.09 -25.39 -2.79
N ASN A 85 4.83 -24.76 -3.94
CA ASN A 85 5.62 -25.02 -5.13
C ASN A 85 7.09 -24.69 -4.92
N ASN A 86 7.36 -23.58 -4.23
CA ASN A 86 8.75 -23.19 -3.99
C ASN A 86 9.46 -24.20 -3.11
N LEU A 87 8.79 -24.65 -2.03
CA LEU A 87 9.36 -25.71 -1.19
C LEU A 87 9.66 -26.97 -1.98
N LEU A 88 8.76 -27.35 -2.90
CA LEU A 88 9.00 -28.57 -3.68
C LEU A 88 10.20 -28.41 -4.60
N ASN A 89 10.33 -27.25 -5.26
CA ASN A 89 11.45 -27.05 -6.17
C ASN A 89 12.78 -26.97 -5.43
N LEU A 90 12.78 -26.35 -4.24
CA LEU A 90 13.95 -26.30 -3.39
C LEU A 90 14.29 -27.65 -2.75
N GLY A 91 13.32 -28.56 -2.66
CA GLY A 91 13.51 -29.79 -1.93
C GLY A 91 13.47 -29.63 -0.42
N TRP A 92 12.81 -28.59 0.07
CA TRP A 92 12.73 -28.30 1.50
C TRP A 92 11.39 -28.66 2.12
N TYR A 93 10.49 -29.34 1.40
CA TYR A 93 9.13 -29.49 1.91
C TYR A 93 9.12 -30.27 3.22
N GLU A 94 9.76 -31.43 3.25
CA GLU A 94 9.74 -32.26 4.46
C GLU A 94 10.45 -31.56 5.63
N GLY A 95 11.54 -30.87 5.34
CA GLY A 95 12.24 -30.17 6.42
C GLY A 95 11.38 -29.10 7.07
N VAL A 96 10.67 -28.31 6.27
CA VAL A 96 9.82 -27.28 6.85
C VAL A 96 8.63 -27.92 7.55
N SER A 97 8.05 -28.96 6.96
CA SER A 97 6.93 -29.64 7.61
C SER A 97 7.33 -30.15 9.00
N ASP A 98 8.50 -30.79 9.08
CA ASP A 98 8.97 -31.32 10.36
C ASP A 98 9.26 -30.21 11.36
N ALA A 99 9.91 -29.13 10.90
CA ALA A 99 10.20 -28.03 11.82
C ALA A 99 8.92 -27.43 12.38
N LEU A 100 7.88 -27.32 11.55
CA LEU A 100 6.65 -26.69 12.01
C LEU A 100 5.89 -27.58 12.99
N LYS A 101 6.07 -28.90 12.89
CA LYS A 101 5.49 -29.80 13.88
C LYS A 101 5.99 -29.48 15.29
N GLY A 102 7.21 -28.97 15.41
CA GLY A 102 7.72 -28.55 16.71
C GLY A 102 6.99 -27.36 17.28
N TYR A 103 6.30 -26.59 16.43
CA TYR A 103 5.42 -25.53 16.87
C TYR A 103 3.95 -25.96 16.87
N ASP A 104 3.69 -27.24 16.65
CA ASP A 104 2.31 -27.74 16.58
C ASP A 104 1.53 -27.10 15.43
N VAL A 105 2.24 -26.82 14.32
CA VAL A 105 1.66 -26.26 13.11
C VAL A 105 1.70 -27.32 12.02
N ASN A 106 0.61 -27.43 11.27
CA ASN A 106 0.47 -28.39 10.18
C ASN A 106 0.68 -27.66 8.86
N LEU A 107 1.76 -28.01 8.15
CA LEU A 107 2.16 -27.24 6.96
C LEU A 107 1.06 -27.27 5.89
N THR A 108 0.49 -28.44 5.60
CA THR A 108 -0.47 -28.48 4.51
C THR A 108 -1.70 -27.62 4.82
N ASP A 109 -2.12 -27.57 6.09
CA ASP A 109 -3.19 -26.67 6.49
C ASP A 109 -2.79 -25.21 6.29
N LEU A 110 -1.56 -24.87 6.69
CA LEU A 110 -1.10 -23.50 6.60
C LEU A 110 -1.08 -23.00 5.14
N LEU A 111 -0.71 -23.88 4.21
CA LEU A 111 -0.64 -23.47 2.82
C LEU A 111 -2.00 -23.00 2.30
N GLU A 112 -3.10 -23.47 2.92
CA GLU A 112 -4.43 -23.11 2.47
C GLU A 112 -4.81 -21.69 2.83
N GLU A 113 -3.99 -21.00 3.64
CA GLU A 113 -4.27 -19.60 3.95
C GLU A 113 -4.08 -18.68 2.74
N GLU A 114 -3.38 -19.14 1.71
CA GLU A 114 -2.96 -18.28 0.61
C GLU A 114 -4.07 -18.19 -0.43
N THR A 115 -4.53 -16.97 -0.70
CA THR A 115 -5.34 -16.71 -1.88
C THR A 115 -4.43 -16.72 -3.10
N ASP A 116 -4.82 -17.46 -4.14
CA ASP A 116 -4.00 -17.50 -5.35
C ASP A 116 -3.75 -16.07 -5.81
N PRO A 117 -2.51 -15.70 -6.11
CA PRO A 117 -2.28 -14.36 -6.66
C PRO A 117 -3.09 -14.20 -7.93
N ALA A 118 -3.88 -13.13 -7.99
CA ALA A 118 -4.91 -12.97 -9.02
C ALA A 118 -4.32 -12.25 -10.22
N LEU A 119 -3.51 -13.01 -10.96
CA LEU A 119 -2.60 -12.44 -11.94
C LEU A 119 -2.85 -12.98 -13.35
N GLY A 120 -3.83 -13.86 -13.52
CA GLY A 120 -4.16 -14.39 -14.82
C GLY A 120 -5.60 -14.89 -14.85
N ASN A 121 -6.00 -15.39 -16.03
CA ASN A 121 -7.38 -15.80 -16.26
C ASN A 121 -7.49 -17.27 -16.62
N GLY A 122 -7.07 -17.67 -17.81
CA GLY A 122 -7.24 -19.04 -18.26
C GLY A 122 -5.94 -19.63 -18.78
N GLY A 123 -6.08 -20.42 -19.84
CA GLY A 123 -4.97 -21.21 -20.33
C GLY A 123 -3.85 -20.37 -20.90
N LEU A 124 -4.15 -19.18 -21.41
CA LEU A 124 -3.09 -18.32 -21.93
C LEU A 124 -2.12 -17.96 -20.82
N GLY A 125 -2.65 -17.64 -19.65
CA GLY A 125 -1.81 -17.28 -18.52
C GLY A 125 -1.18 -18.46 -17.82
N ARG A 126 -1.89 -19.59 -17.78
CA ARG A 126 -1.29 -20.78 -17.19
C ARG A 126 -0.17 -21.32 -18.05
N LEU A 127 -0.32 -21.23 -19.38
CA LEU A 127 0.79 -21.55 -20.29
C LEU A 127 2.00 -20.70 -19.97
N ALA A 128 1.79 -19.39 -19.83
CA ALA A 128 2.89 -18.50 -19.48
C ALA A 128 3.54 -18.93 -18.16
N ALA A 129 2.75 -19.39 -17.19
CA ALA A 129 3.32 -19.81 -15.90
C ALA A 129 4.09 -21.13 -16.02
N CYS A 130 3.51 -22.12 -16.71
CA CYS A 130 4.24 -23.38 -16.96
C CYS A 130 5.53 -23.12 -17.73
N PHE A 131 5.51 -22.21 -18.70
CA PHE A 131 6.71 -21.91 -19.47
C PHE A 131 7.78 -21.26 -18.58
N LEU A 132 7.41 -20.35 -17.70
CA LEU A 132 8.42 -19.75 -16.83
C LEU A 132 9.03 -20.81 -15.92
N ASP A 133 8.20 -21.69 -15.36
CA ASP A 133 8.70 -22.78 -14.51
C ASP A 133 9.65 -23.68 -15.30
N SER A 134 9.31 -24.00 -16.55
CA SER A 134 10.14 -24.90 -17.33
C SER A 134 11.45 -24.22 -17.73
N MET A 135 11.42 -22.93 -18.03
CA MET A 135 12.68 -22.25 -18.36
C MET A 135 13.63 -22.27 -17.18
N ALA A 136 13.11 -22.07 -15.96
CA ALA A 136 13.96 -22.16 -14.79
C ALA A 136 14.51 -23.56 -14.63
N THR A 137 13.68 -24.58 -14.87
CA THR A 137 14.14 -25.95 -14.68
C THR A 137 15.13 -26.41 -15.74
N VAL A 138 15.02 -25.94 -16.98
CA VAL A 138 15.96 -26.38 -18.01
C VAL A 138 17.17 -25.46 -18.13
N GLY A 139 17.21 -24.38 -17.36
CA GLY A 139 18.37 -23.51 -17.41
C GLY A 139 18.35 -22.52 -18.54
N GLN A 140 17.16 -22.12 -18.99
CA GLN A 140 17.01 -21.03 -19.95
C GLN A 140 16.87 -19.73 -19.16
N SER A 141 17.89 -18.88 -19.22
CA SER A 141 17.84 -17.59 -18.54
C SER A 141 16.68 -16.76 -19.08
N ALA A 142 15.87 -16.21 -18.16
CA ALA A 142 14.65 -15.57 -18.63
C ALA A 142 14.05 -14.65 -17.59
N THR A 143 13.31 -13.66 -18.09
CA THR A 143 12.51 -12.76 -17.28
C THR A 143 11.11 -12.78 -17.85
N GLY A 144 10.11 -13.02 -17.01
CA GLY A 144 8.74 -12.85 -17.41
C GLY A 144 8.34 -11.40 -17.11
N TYR A 145 7.53 -10.83 -17.99
CA TYR A 145 7.05 -9.45 -17.86
C TYR A 145 5.52 -9.44 -17.90
N GLY A 146 4.92 -9.00 -16.80
CA GLY A 146 3.46 -8.93 -16.71
C GLY A 146 3.00 -7.70 -15.97
N LEU A 147 1.72 -7.66 -15.59
CA LEU A 147 1.14 -6.59 -14.80
C LEU A 147 0.75 -7.13 -13.43
N ASN A 148 0.97 -6.30 -12.40
CA ASN A 148 0.67 -6.67 -11.01
C ASN A 148 -0.77 -6.29 -10.66
N TYR A 149 -1.70 -7.09 -11.19
CA TYR A 149 -3.13 -6.78 -11.05
C TYR A 149 -3.56 -6.87 -9.59
N GLN A 150 -4.26 -5.84 -9.12
CA GLN A 150 -4.68 -5.85 -7.72
C GLN A 150 -5.82 -6.85 -7.47
N TYR A 151 -6.73 -6.99 -8.44
CA TYR A 151 -7.97 -7.72 -8.24
C TYR A 151 -8.26 -8.79 -9.30
N GLY A 152 -7.29 -9.13 -10.13
CA GLY A 152 -7.46 -10.23 -11.06
C GLY A 152 -8.62 -9.99 -12.00
N LEU A 153 -9.27 -11.09 -12.36
CA LEU A 153 -10.46 -11.02 -13.21
C LEU A 153 -11.69 -10.75 -12.36
N PHE A 154 -12.10 -11.74 -11.56
CA PHE A 154 -13.11 -11.57 -10.53
C PHE A 154 -13.14 -12.82 -9.66
N ARG A 155 -13.67 -12.67 -8.44
CA ARG A 155 -13.94 -13.78 -7.56
C ARG A 155 -15.39 -14.18 -7.73
N GLN A 156 -15.63 -15.46 -8.02
CA GLN A 156 -16.95 -15.96 -8.40
C GLN A 156 -17.66 -16.53 -7.18
N SER A 157 -18.93 -16.15 -7.02
CA SER A 157 -19.80 -16.82 -6.08
C SER A 157 -21.16 -17.01 -6.76
N PHE A 158 -22.01 -17.80 -6.10
CA PHE A 158 -23.34 -18.11 -6.60
C PHE A 158 -24.38 -17.64 -5.60
N ASP A 159 -25.36 -16.87 -6.08
CA ASP A 159 -26.49 -16.39 -5.29
C ASP A 159 -27.74 -16.88 -5.98
N ASP A 160 -28.47 -17.80 -5.34
CA ASP A 160 -29.63 -18.44 -5.95
C ASP A 160 -29.30 -19.01 -7.33
N GLY A 161 -28.09 -19.55 -7.47
CA GLY A 161 -27.66 -20.18 -8.70
C GLY A 161 -27.04 -19.26 -9.72
N GLN A 162 -27.09 -17.95 -9.52
CA GLN A 162 -26.56 -17.00 -10.48
C GLN A 162 -25.12 -16.64 -10.14
N GLN A 163 -24.30 -16.48 -11.17
CA GLN A 163 -22.93 -16.02 -10.98
C GLN A 163 -22.92 -14.59 -10.44
N MET A 164 -22.24 -14.38 -9.31
CA MET A 164 -21.91 -13.05 -8.79
C MET A 164 -20.42 -12.81 -8.92
N GLU A 165 -20.04 -11.54 -9.16
CA GLU A 165 -18.66 -11.18 -9.45
C GLU A 165 -18.20 -10.12 -8.44
N ALA A 166 -17.09 -10.39 -7.76
CA ALA A 166 -16.48 -9.49 -6.80
C ALA A 166 -15.00 -9.33 -7.11
N PRO A 167 -14.36 -8.28 -6.62
CA PRO A 167 -12.91 -8.16 -6.79
C PRO A 167 -12.21 -9.35 -6.18
N ASP A 168 -11.19 -9.87 -6.89
CA ASP A 168 -10.40 -11.00 -6.41
C ASP A 168 -9.13 -10.48 -5.72
N ASP A 169 -9.33 -9.85 -4.57
CA ASP A 169 -8.20 -9.31 -3.82
C ASP A 169 -7.35 -10.43 -3.24
N TRP A 170 -6.03 -10.22 -3.23
CA TRP A 170 -5.11 -11.26 -2.76
C TRP A 170 -3.96 -10.72 -1.92
N GLY A 171 -4.11 -9.55 -1.32
CA GLY A 171 -3.05 -8.97 -0.51
C GLY A 171 -1.82 -8.59 -1.32
N ARG A 172 -2.04 -8.03 -2.52
CA ARG A 172 -0.95 -7.73 -3.45
C ARG A 172 0.20 -7.00 -2.78
N SER A 173 -0.08 -5.89 -2.09
CA SER A 173 1.02 -5.05 -1.61
C SER A 173 1.84 -5.72 -0.51
N SER A 174 1.25 -6.66 0.22
CA SER A 174 1.93 -7.33 1.32
C SER A 174 2.33 -8.78 1.00
N TYR A 175 2.21 -9.20 -0.26
CA TYR A 175 2.46 -10.60 -0.60
C TYR A 175 3.92 -10.93 -0.26
N PRO A 176 4.18 -11.96 0.55
CA PRO A 176 5.50 -12.07 1.19
C PRO A 176 6.64 -12.46 0.26
N TRP A 177 6.35 -12.91 -0.96
CA TRP A 177 7.40 -13.30 -1.91
C TRP A 177 7.89 -12.14 -2.78
N PHE A 178 7.30 -10.96 -2.66
CA PHE A 178 7.65 -9.84 -3.53
C PHE A 178 8.98 -9.22 -3.12
N ARG A 179 9.74 -8.79 -4.13
CA ARG A 179 10.87 -7.87 -3.97
C ARG A 179 10.66 -6.69 -4.90
N HIS A 180 11.00 -5.49 -4.43
CA HIS A 180 10.82 -4.27 -5.22
C HIS A 180 12.09 -3.45 -5.17
N ASN A 181 12.75 -3.32 -6.31
CA ASN A 181 13.93 -2.47 -6.49
C ASN A 181 13.50 -1.15 -7.13
N GLU A 182 13.38 -0.09 -6.34
CA GLU A 182 12.89 1.17 -6.89
C GLU A 182 13.79 1.74 -7.98
N ALA A 183 15.04 1.29 -8.08
CA ALA A 183 15.92 1.71 -9.17
C ALA A 183 15.43 1.27 -10.53
N LEU A 184 14.48 0.33 -10.61
CA LEU A 184 13.96 -0.12 -11.87
C LEU A 184 12.71 0.64 -12.30
N ASP A 185 12.30 1.65 -11.54
CA ASP A 185 11.08 2.38 -11.88
C ASP A 185 11.24 3.03 -13.25
N VAL A 186 10.15 3.00 -14.05
CA VAL A 186 10.14 3.54 -15.40
C VAL A 186 9.09 4.63 -15.52
N GLN A 187 9.43 5.71 -16.23
CA GLN A 187 8.46 6.77 -16.54
C GLN A 187 7.81 6.47 -17.88
N VAL A 188 6.47 6.52 -17.89
CA VAL A 188 5.66 6.19 -19.06
C VAL A 188 4.78 7.38 -19.42
N GLY A 189 4.80 7.76 -20.70
CA GLY A 189 3.99 8.87 -21.19
C GLY A 189 2.74 8.42 -21.92
N ILE A 190 1.69 9.26 -21.84
CA ILE A 190 0.40 8.98 -22.44
C ILE A 190 -0.14 10.23 -23.12
N GLY A 191 -0.80 10.06 -24.28
CA GLY A 191 -1.53 11.16 -24.88
C GLY A 191 -0.63 12.28 -25.38
N GLY A 192 -1.19 13.49 -25.43
CA GLY A 192 -0.42 14.64 -25.86
C GLY A 192 -0.29 14.75 -27.37
N LYS A 193 0.86 15.27 -27.80
CA LYS A 193 1.07 15.59 -29.21
C LYS A 193 2.55 15.42 -29.56
N VAL A 194 2.81 15.43 -30.85
CA VAL A 194 4.17 15.46 -31.38
C VAL A 194 4.41 16.85 -31.95
N SER A 195 5.51 17.48 -31.55
CA SER A 195 5.83 18.82 -32.05
C SER A 195 6.27 18.75 -33.51
N LYS A 196 6.34 19.93 -34.14
CA LYS A 196 6.78 19.97 -35.54
C LYS A 196 8.17 19.37 -35.70
N ASN A 197 9.02 19.51 -34.69
CA ASN A 197 10.37 18.95 -34.74
C ASN A 197 10.40 17.46 -34.42
N GLY A 198 9.25 16.83 -34.16
CA GLY A 198 9.19 15.41 -33.93
C GLY A 198 9.35 14.98 -32.49
N GLU A 199 9.19 15.89 -31.53
CA GLU A 199 9.32 15.57 -30.12
C GLU A 199 7.94 15.23 -29.57
N TRP A 200 7.81 14.03 -29.03
CA TRP A 200 6.56 13.62 -28.37
C TRP A 200 6.48 14.33 -27.01
N GLN A 201 5.38 15.05 -26.78
CA GLN A 201 5.13 15.79 -25.54
C GLN A 201 3.89 15.21 -24.90
N PRO A 202 4.05 14.23 -23.99
CA PRO A 202 2.88 13.52 -23.46
C PRO A 202 2.03 14.42 -22.56
N ALA A 203 0.76 14.07 -22.46
CA ALA A 203 -0.19 14.82 -21.64
C ALA A 203 -0.30 14.31 -20.21
N PHE A 204 0.17 13.10 -19.94
CA PHE A 204 0.01 12.44 -18.66
C PHE A 204 1.23 11.54 -18.49
N VAL A 205 1.78 11.48 -17.28
CA VAL A 205 2.95 10.66 -17.02
C VAL A 205 2.66 9.73 -15.84
N ILE A 206 3.13 8.50 -15.97
CA ILE A 206 2.83 7.42 -15.04
C ILE A 206 4.16 6.79 -14.65
N THR A 207 4.31 6.44 -13.37
CA THR A 207 5.45 5.66 -12.93
C THR A 207 5.10 4.19 -12.92
N GLY A 208 5.96 3.36 -13.51
CA GLY A 208 5.84 1.92 -13.43
C GLY A 208 6.87 1.33 -12.48
N GLU A 209 6.38 0.68 -11.41
CA GLU A 209 7.23 0.00 -10.44
C GLU A 209 7.31 -1.49 -10.76
N ALA A 210 8.52 -2.04 -10.64
CA ALA A 210 8.73 -3.46 -10.86
C ALA A 210 8.60 -4.22 -9.54
N TRP A 211 7.62 -5.10 -9.48
CA TRP A 211 7.38 -5.96 -8.32
C TRP A 211 7.68 -7.39 -8.75
N ASP A 212 8.76 -7.96 -8.23
CA ASP A 212 9.30 -9.23 -8.71
C ASP A 212 8.91 -10.39 -7.80
N LEU A 213 8.41 -11.44 -8.42
CA LEU A 213 8.21 -12.73 -7.80
C LEU A 213 9.26 -13.71 -8.32
N PRO A 214 9.68 -14.68 -7.49
CA PRO A 214 10.69 -15.66 -7.92
C PRO A 214 10.09 -16.86 -8.62
N VAL A 215 10.70 -17.24 -9.74
CA VAL A 215 10.41 -18.48 -10.46
C VAL A 215 11.56 -19.44 -10.19
N LEU A 216 11.27 -20.55 -9.51
CA LEU A 216 12.31 -21.46 -9.04
C LEU A 216 12.35 -22.71 -9.89
N GLY A 217 13.56 -23.11 -10.29
CA GLY A 217 13.74 -24.35 -10.99
C GLY A 217 13.78 -25.54 -10.06
N TYR A 218 13.62 -26.70 -10.68
CA TYR A 218 13.49 -27.96 -9.95
C TYR A 218 14.89 -28.45 -9.53
N ARG A 219 15.20 -28.28 -8.25
CA ARG A 219 16.39 -28.87 -7.62
C ARG A 219 17.67 -28.48 -8.31
N ASN A 220 17.74 -27.24 -8.81
CA ASN A 220 18.92 -26.78 -9.53
C ASN A 220 19.37 -25.39 -9.10
N ASN A 221 18.79 -24.87 -8.01
CA ASN A 221 19.12 -23.58 -7.42
C ASN A 221 18.95 -22.43 -8.41
N VAL A 222 18.10 -22.59 -9.42
CA VAL A 222 17.81 -21.49 -10.33
C VAL A 222 16.64 -20.70 -9.76
N ALA A 223 16.79 -19.38 -9.70
CA ALA A 223 15.72 -18.46 -9.33
C ALA A 223 15.74 -17.30 -10.32
N GLN A 224 14.63 -17.07 -11.01
CA GLN A 224 14.54 -16.08 -12.06
C GLN A 224 13.29 -15.25 -11.86
N PRO A 225 13.30 -14.00 -12.30
CA PRO A 225 12.17 -13.11 -11.99
C PRO A 225 10.97 -13.17 -12.92
N LEU A 226 9.79 -13.13 -12.30
CA LEU A 226 8.54 -12.68 -12.93
C LEU A 226 8.36 -11.24 -12.48
N ARG A 227 8.66 -10.31 -13.39
CA ARG A 227 8.66 -8.89 -13.12
C ARG A 227 7.28 -8.35 -13.47
N LEU A 228 6.54 -7.90 -12.46
CA LEU A 228 5.16 -7.43 -12.61
C LEU A 228 5.12 -5.92 -12.41
N TRP A 229 4.68 -5.19 -13.44
CA TRP A 229 4.65 -3.73 -13.39
C TRP A 229 3.38 -3.24 -12.71
N GLN A 230 3.54 -2.26 -11.82
CA GLN A 230 2.42 -1.64 -11.12
C GLN A 230 2.45 -0.14 -11.38
N ALA A 231 1.29 0.43 -11.70
CA ALA A 231 1.24 1.83 -12.10
C ALA A 231 0.92 2.74 -10.91
N LYS A 232 1.62 3.86 -10.85
CA LYS A 232 1.42 4.87 -9.83
C LYS A 232 1.63 6.24 -10.47
N HIS A 233 1.17 7.27 -9.78
CA HIS A 233 1.46 8.65 -10.16
C HIS A 233 2.40 9.28 -9.14
N ALA A 234 3.30 10.15 -9.63
CA ALA A 234 4.24 10.82 -8.72
C ALA A 234 3.56 11.84 -7.82
N HIS A 235 2.39 12.34 -8.21
CA HIS A 235 1.63 13.34 -7.46
C HIS A 235 0.17 12.91 -7.43
N PRO A 236 -0.15 11.86 -6.67
CA PRO A 236 -1.48 11.27 -6.75
C PRO A 236 -2.57 12.11 -6.10
N PHE A 237 -2.21 13.03 -5.21
CA PHE A 237 -3.15 13.65 -4.28
C PHE A 237 -3.09 15.18 -4.42
N ASN A 238 -4.28 15.80 -4.52
CA ASN A 238 -4.45 17.25 -4.68
C ASN A 238 -4.98 17.84 -3.38
N LEU A 239 -4.15 18.61 -2.68
CA LEU A 239 -4.54 19.08 -1.34
C LEU A 239 -5.64 20.14 -1.42
N THR A 240 -5.61 20.97 -2.45
CA THR A 240 -6.63 22.00 -2.61
C THR A 240 -8.02 21.39 -2.69
N LYS A 241 -8.17 20.33 -3.49
CA LYS A 241 -9.50 19.71 -3.61
C LYS A 241 -9.91 18.99 -2.32
N PHE A 242 -8.95 18.39 -1.61
CA PHE A 242 -9.29 17.74 -0.35
C PHE A 242 -9.80 18.76 0.65
N ASN A 243 -9.11 19.90 0.77
CA ASN A 243 -9.55 20.96 1.68
C ASN A 243 -10.86 21.59 1.25
N ASP A 244 -11.22 21.50 -0.03
CA ASP A 244 -12.54 21.93 -0.48
C ASP A 244 -13.62 20.92 -0.17
N GLY A 245 -13.29 19.77 0.42
CA GLY A 245 -14.26 18.74 0.69
C GLY A 245 -14.46 17.73 -0.42
N ASP A 246 -13.69 17.80 -1.51
CA ASP A 246 -13.82 16.86 -2.62
C ASP A 246 -12.79 15.74 -2.45
N PHE A 247 -13.09 14.88 -1.49
CA PHE A 247 -12.10 13.91 -1.03
C PHE A 247 -11.78 12.89 -2.10
N LEU A 248 -12.79 12.48 -2.88
CA LEU A 248 -12.56 11.50 -3.94
C LEU A 248 -11.84 12.14 -5.12
N ARG A 249 -12.31 13.30 -5.58
CA ARG A 249 -11.64 13.97 -6.70
C ARG A 249 -10.23 14.37 -6.32
N ALA A 250 -9.93 14.52 -5.03
CA ALA A 250 -8.56 14.79 -4.62
C ALA A 250 -7.61 13.69 -5.06
N GLU A 251 -8.09 12.46 -5.20
CA GLU A 251 -7.27 11.32 -5.55
C GLU A 251 -7.26 11.04 -7.06
N GLN A 252 -7.89 11.90 -7.88
CA GLN A 252 -8.08 11.63 -9.30
C GLN A 252 -6.78 11.25 -10.02
N GLN A 253 -5.72 12.04 -9.83
CA GLN A 253 -4.52 11.82 -10.63
C GLN A 253 -3.92 10.46 -10.32
N GLY A 254 -3.90 10.09 -9.02
CA GLY A 254 -3.38 8.79 -8.65
C GLY A 254 -4.23 7.65 -9.15
N ILE A 255 -5.56 7.79 -9.04
CA ILE A 255 -6.48 6.75 -9.49
C ILE A 255 -6.41 6.58 -11.00
N ASP A 256 -6.19 7.67 -11.74
CA ASP A 256 -6.05 7.57 -13.19
C ASP A 256 -4.79 6.83 -13.61
N ALA A 257 -3.74 6.85 -12.78
CA ALA A 257 -2.59 6.00 -13.05
C ALA A 257 -2.81 4.58 -12.56
N GLU A 258 -3.29 4.43 -11.32
CA GLU A 258 -3.37 3.10 -10.71
C GLU A 258 -4.39 2.21 -11.40
N LYS A 259 -5.37 2.80 -12.08
CA LYS A 259 -6.41 1.98 -12.71
C LYS A 259 -5.85 1.04 -13.76
N LEU A 260 -4.65 1.32 -14.29
CA LEU A 260 -4.04 0.43 -15.26
C LEU A 260 -3.71 -0.95 -14.69
N THR A 261 -3.49 -1.08 -13.37
CA THR A 261 -3.18 -2.38 -12.80
C THR A 261 -4.16 -2.77 -11.70
N LYS A 262 -5.42 -2.39 -11.88
CA LYS A 262 -6.50 -2.83 -10.99
C LYS A 262 -7.07 -4.19 -11.39
N VAL A 263 -7.50 -4.32 -12.65
CA VAL A 263 -8.32 -5.45 -13.08
C VAL A 263 -7.75 -6.03 -14.38
N LEU A 264 -7.82 -7.35 -14.50
CA LEU A 264 -7.44 -8.05 -15.72
C LEU A 264 -8.66 -8.17 -16.63
N TYR A 265 -8.48 -7.85 -17.92
CA TYR A 265 -9.54 -7.87 -18.91
C TYR A 265 -10.81 -7.17 -18.41
N PRO A 266 -10.72 -5.90 -18.05
CA PRO A 266 -11.92 -5.16 -17.65
C PRO A 266 -12.84 -5.01 -18.84
N ASN A 267 -14.12 -4.87 -18.56
CA ASN A 267 -15.14 -4.82 -19.61
C ASN A 267 -14.84 -3.76 -20.65
N ASP A 268 -14.81 -4.18 -21.93
CA ASP A 268 -14.49 -3.29 -23.03
C ASP A 268 -15.65 -3.23 -24.03
N ASN A 269 -16.87 -3.50 -23.55
CA ASN A 269 -18.09 -3.29 -24.33
C ASN A 269 -18.37 -1.82 -24.60
N HIS A 270 -17.65 -0.91 -23.94
CA HIS A 270 -17.84 0.52 -24.10
C HIS A 270 -16.50 1.17 -24.38
N GLN A 271 -16.54 2.46 -24.70
CA GLN A 271 -15.35 3.16 -25.17
C GLN A 271 -14.32 3.36 -24.06
N ALA A 272 -14.77 3.63 -22.83
CA ALA A 272 -13.80 3.81 -21.75
C ALA A 272 -13.01 2.54 -21.50
N GLY A 273 -13.65 1.37 -21.64
CA GLY A 273 -12.95 0.12 -21.41
C GLY A 273 -11.97 -0.22 -22.50
N LYS A 274 -12.31 0.10 -23.75
CA LYS A 274 -11.37 -0.11 -24.86
C LYS A 274 -10.13 0.76 -24.66
N LYS A 275 -10.34 2.03 -24.32
CA LYS A 275 -9.21 2.91 -24.07
C LYS A 275 -8.34 2.39 -22.91
N LEU A 276 -8.97 1.87 -21.86
CA LEU A 276 -8.23 1.33 -20.72
C LEU A 276 -7.36 0.15 -21.14
N ARG A 277 -7.91 -0.80 -21.88
CA ARG A 277 -7.14 -1.98 -22.28
C ARG A 277 -5.92 -1.58 -23.10
N LEU A 278 -6.09 -0.65 -24.04
CA LEU A 278 -4.94 -0.19 -24.81
C LEU A 278 -3.89 0.48 -23.93
N MET A 279 -4.32 1.28 -22.95
CA MET A 279 -3.36 1.89 -22.03
C MET A 279 -2.65 0.82 -21.20
N GLN A 280 -3.38 -0.20 -20.74
CA GLN A 280 -2.76 -1.29 -20.00
C GLN A 280 -1.65 -1.95 -20.81
N GLN A 281 -1.95 -2.25 -22.07
CA GLN A 281 -0.97 -2.91 -22.93
C GLN A 281 0.24 -2.03 -23.18
N TYR A 282 0.01 -0.74 -23.46
CA TYR A 282 1.16 0.14 -23.68
C TYR A 282 2.01 0.28 -22.42
N PHE A 283 1.37 0.43 -21.26
CA PHE A 283 2.12 0.59 -20.02
C PHE A 283 3.02 -0.62 -19.77
N GLN A 284 2.47 -1.83 -19.93
CA GLN A 284 3.27 -3.03 -19.78
C GLN A 284 4.47 -3.03 -20.73
N CYS A 285 4.26 -2.61 -21.98
CA CYS A 285 5.33 -2.73 -22.97
C CYS A 285 6.37 -1.63 -22.83
N ALA A 286 5.94 -0.41 -22.50
CA ALA A 286 6.90 0.66 -22.27
C ALA A 286 7.83 0.37 -21.10
N CYS A 287 7.28 -0.19 -20.02
CA CYS A 287 8.12 -0.54 -18.88
C CYS A 287 9.07 -1.68 -19.25
N SER A 288 8.54 -2.73 -19.88
CA SER A 288 9.36 -3.90 -20.19
C SER A 288 10.49 -3.55 -21.15
N VAL A 289 10.20 -2.77 -22.19
CA VAL A 289 11.23 -2.38 -23.15
C VAL A 289 12.33 -1.57 -22.45
N ALA A 290 11.94 -0.65 -21.57
CA ALA A 290 12.94 0.14 -20.86
C ALA A 290 13.81 -0.76 -19.98
N ASP A 291 13.20 -1.75 -19.33
CA ASP A 291 13.93 -2.62 -18.42
C ASP A 291 14.91 -3.51 -19.17
N ILE A 292 14.50 -4.02 -20.33
CA ILE A 292 15.38 -4.84 -21.16
C ILE A 292 16.59 -4.03 -21.61
N LEU A 293 16.35 -2.81 -22.08
CA LEU A 293 17.46 -1.98 -22.53
C LEU A 293 18.37 -1.62 -21.37
N ARG A 294 17.80 -1.44 -20.18
CA ARG A 294 18.62 -1.12 -19.01
C ARG A 294 19.54 -2.28 -18.66
N ARG A 295 19.01 -3.51 -18.68
CA ARG A 295 19.83 -4.67 -18.41
CA ARG A 295 19.84 -4.68 -18.42
C ARG A 295 20.97 -4.79 -19.43
N HIS A 296 20.65 -4.59 -20.70
CA HIS A 296 21.64 -4.67 -21.77
C HIS A 296 22.74 -3.63 -21.57
N HIS A 297 22.35 -2.40 -21.29
CA HIS A 297 23.31 -1.32 -21.08
C HIS A 297 24.17 -1.55 -19.83
N LEU A 298 23.57 -2.03 -18.74
CA LEU A 298 24.34 -2.25 -17.52
C LEU A 298 25.29 -3.43 -17.66
N ALA A 299 24.98 -4.38 -18.54
CA ALA A 299 25.91 -5.46 -18.82
C ALA A 299 27.05 -5.03 -19.72
N GLY A 300 27.08 -3.76 -20.14
CA GLY A 300 28.17 -3.26 -20.95
C GLY A 300 28.12 -3.68 -22.40
N ARG A 301 26.92 -3.94 -22.91
CA ARG A 301 26.74 -4.46 -24.26
C ARG A 301 26.30 -3.36 -25.21
N LYS A 302 26.59 -3.57 -26.49
CA LYS A 302 26.27 -2.60 -27.54
C LYS A 302 24.82 -2.71 -27.97
N LEU A 303 24.18 -1.56 -28.14
CA LEU A 303 22.79 -1.54 -28.60
C LEU A 303 22.63 -2.30 -29.90
N ALA A 304 23.59 -2.15 -30.83
CA ALA A 304 23.48 -2.80 -32.13
C ALA A 304 23.48 -4.31 -32.02
N GLU A 305 23.95 -4.86 -30.90
CA GLU A 305 24.04 -6.30 -30.71
C GLU A 305 22.90 -6.83 -29.84
N LEU A 306 21.85 -6.05 -29.63
CA LEU A 306 20.76 -6.49 -28.76
C LEU A 306 20.26 -7.88 -29.12
N ALA A 307 20.01 -8.13 -30.40
CA ALA A 307 19.43 -9.40 -30.81
C ALA A 307 20.37 -10.58 -30.60
N ASP A 308 21.69 -10.36 -30.56
CA ASP A 308 22.58 -11.45 -30.22
C ASP A 308 22.45 -11.88 -28.77
N TYR A 309 21.92 -11.02 -27.88
CA TYR A 309 21.90 -11.32 -26.45
C TYR A 309 20.49 -11.49 -25.89
N GLU A 310 19.48 -10.94 -26.53
CA GLU A 310 18.12 -10.88 -26.02
C GLU A 310 17.14 -11.28 -27.11
N VAL A 311 16.09 -11.98 -26.72
CA VAL A 311 14.95 -12.24 -27.60
C VAL A 311 13.70 -11.92 -26.80
N ILE A 312 12.69 -11.42 -27.48
CA ILE A 312 11.45 -10.97 -26.85
C ILE A 312 10.33 -11.81 -27.42
N GLN A 313 9.72 -12.65 -26.59
CA GLN A 313 8.61 -13.47 -27.01
C GLN A 313 7.27 -12.80 -26.67
N LEU A 314 6.47 -12.55 -27.68
CA LEU A 314 5.15 -11.95 -27.49
C LEU A 314 4.12 -13.08 -27.41
N ASN A 315 3.50 -13.23 -26.23
CA ASN A 315 2.47 -14.25 -26.02
C ASN A 315 1.14 -13.67 -26.49
N ASP A 316 0.72 -14.05 -27.69
CA ASP A 316 -0.46 -13.45 -28.31
C ASP A 316 -0.17 -12.01 -28.73
N THR A 317 -1.18 -11.29 -29.19
CA THR A 317 -0.98 -9.95 -29.73
C THR A 317 -1.07 -8.82 -28.68
N HIS A 318 -1.42 -9.12 -27.43
CA HIS A 318 -1.55 -8.04 -26.46
C HIS A 318 -0.30 -7.18 -26.33
N PRO A 319 0.91 -7.71 -26.43
CA PRO A 319 2.10 -6.85 -26.28
C PRO A 319 2.69 -6.41 -27.61
N THR A 320 1.87 -6.39 -28.67
CA THR A 320 2.32 -5.95 -30.00
C THR A 320 2.95 -4.57 -29.95
N ILE A 321 2.37 -3.65 -29.19
CA ILE A 321 2.86 -2.28 -29.17
C ILE A 321 4.31 -2.19 -28.70
N ALA A 322 4.87 -3.25 -28.12
CA ALA A 322 6.29 -3.25 -27.79
C ALA A 322 7.16 -2.98 -29.01
N ILE A 323 6.67 -3.35 -30.19
CA ILE A 323 7.45 -3.24 -31.41
C ILE A 323 7.68 -1.77 -31.78
N PRO A 324 6.63 -0.98 -32.05
CA PRO A 324 6.86 0.45 -32.27
C PRO A 324 7.47 1.16 -31.06
N GLU A 325 7.22 0.68 -29.83
CA GLU A 325 7.84 1.30 -28.67
C GLU A 325 9.36 1.16 -28.69
N LEU A 326 9.88 -0.03 -29.05
CA LEU A 326 11.33 -0.16 -29.10
C LEU A 326 11.92 0.64 -30.26
N LEU A 327 11.20 0.72 -31.38
CA LEU A 327 11.63 1.60 -32.47
C LEU A 327 11.68 3.06 -32.02
N ARG A 328 10.67 3.49 -31.26
CA ARG A 328 10.65 4.87 -30.75
C ARG A 328 11.88 5.17 -29.90
N VAL A 329 12.23 4.24 -28.99
CA VAL A 329 13.34 4.49 -28.09
C VAL A 329 14.65 4.51 -28.87
N LEU A 330 14.82 3.54 -29.78
CA LEU A 330 16.04 3.50 -30.57
C LEU A 330 16.18 4.74 -31.46
N ILE A 331 15.09 5.19 -32.07
CA ILE A 331 15.15 6.34 -32.98
C ILE A 331 15.20 7.64 -32.20
N ASP A 332 14.23 7.85 -31.31
CA ASP A 332 14.08 9.16 -30.69
C ASP A 332 15.05 9.39 -29.53
N GLU A 333 15.52 8.33 -28.86
CA GLU A 333 16.36 8.52 -27.70
C GLU A 333 17.80 8.06 -27.91
N HIS A 334 18.08 7.28 -28.94
CA HIS A 334 19.46 6.90 -29.24
C HIS A 334 19.88 7.33 -30.64
N GLN A 335 19.02 8.06 -31.35
CA GLN A 335 19.34 8.67 -32.64
C GLN A 335 19.72 7.65 -33.71
N LEU A 336 19.19 6.43 -33.64
CA LEU A 336 19.40 5.46 -34.71
C LEU A 336 18.56 5.84 -35.92
N SER A 337 19.10 5.59 -37.11
CA SER A 337 18.32 5.69 -38.33
C SER A 337 17.25 4.60 -38.32
N TRP A 338 16.22 4.80 -39.15
CA TRP A 338 15.17 3.79 -39.23
C TRP A 338 15.75 2.42 -39.61
N ASP A 339 16.61 2.39 -40.62
CA ASP A 339 17.18 1.12 -41.05
C ASP A 339 17.97 0.45 -39.93
N ASP A 340 18.76 1.22 -39.17
CA ASP A 340 19.57 0.63 -38.12
C ASP A 340 18.71 0.17 -36.94
N ALA A 341 17.65 0.93 -36.64
CA ALA A 341 16.69 0.53 -35.61
C ALA A 341 15.93 -0.74 -36.03
N TRP A 342 15.40 -0.74 -37.25
CA TRP A 342 14.65 -1.90 -37.75
C TRP A 342 15.53 -3.14 -37.83
N ALA A 343 16.81 -2.97 -38.17
CA ALA A 343 17.71 -4.11 -38.20
C ALA A 343 17.79 -4.79 -36.84
N ILE A 344 17.58 -4.03 -35.77
CA ILE A 344 17.59 -4.62 -34.44
C ILE A 344 16.23 -5.23 -34.11
N THR A 345 15.16 -4.46 -34.24
CA THR A 345 13.86 -4.94 -33.78
C THR A 345 13.41 -6.16 -34.58
N SER A 346 13.68 -6.18 -35.88
CA SER A 346 13.17 -7.26 -36.70
C SER A 346 13.87 -8.58 -36.40
N LYS A 347 14.99 -8.56 -35.69
CA LYS A 347 15.67 -9.79 -35.30
C LYS A 347 15.51 -10.08 -33.81
N THR A 348 14.71 -9.30 -33.11
CA THR A 348 14.53 -9.44 -31.67
C THR A 348 13.16 -9.97 -31.27
N PHE A 349 12.10 -9.62 -31.99
CA PHE A 349 10.72 -10.00 -31.63
C PHE A 349 10.27 -11.29 -32.30
N ALA A 350 9.63 -12.16 -31.51
CA ALA A 350 8.94 -13.35 -32.00
C ALA A 350 7.51 -13.37 -31.44
N TYR A 351 6.60 -14.01 -32.16
CA TYR A 351 5.17 -13.90 -31.90
C TYR A 351 4.53 -15.28 -31.83
N THR A 352 3.81 -15.53 -30.73
CA THR A 352 3.08 -16.78 -30.53
C THR A 352 1.61 -16.51 -30.76
N ASN A 353 1.04 -17.16 -31.77
CA ASN A 353 -0.34 -17.00 -32.17
C ASN A 353 -1.18 -18.09 -31.52
N HIS A 354 -2.34 -17.71 -30.98
CA HIS A 354 -3.28 -18.63 -30.36
C HIS A 354 -4.65 -18.65 -31.06
N THR A 355 -4.76 -18.06 -32.24
CA THR A 355 -6.06 -17.75 -32.85
C THR A 355 -6.36 -18.73 -33.98
N LEU A 356 -7.65 -18.95 -34.21
CA LEU A 356 -8.11 -19.85 -35.26
C LEU A 356 -8.79 -19.15 -36.42
N MET A 357 -9.53 -18.06 -36.15
CA MET A 357 -10.31 -17.37 -37.18
C MET A 357 -9.71 -16.01 -37.49
N PRO A 358 -9.58 -15.64 -38.77
CA PRO A 358 -9.04 -14.31 -39.10
C PRO A 358 -9.79 -13.19 -38.42
N GLU A 359 -11.09 -13.37 -38.18
CA GLU A 359 -11.92 -12.32 -37.60
C GLU A 359 -11.57 -12.05 -36.13
N ALA A 360 -10.86 -12.96 -35.47
CA ALA A 360 -10.52 -12.81 -34.06
C ALA A 360 -9.16 -12.14 -33.84
N LEU A 361 -8.46 -11.75 -34.90
CA LEU A 361 -7.15 -11.14 -34.75
C LEU A 361 -7.28 -9.70 -34.25
N GLU A 362 -6.45 -9.33 -33.28
CA GLU A 362 -6.65 -8.08 -32.56
C GLU A 362 -6.43 -6.88 -33.48
N CYS A 363 -7.34 -5.90 -33.40
CA CYS A 363 -7.29 -4.66 -34.17
C CYS A 363 -7.70 -3.50 -33.29
N TRP A 364 -7.09 -2.33 -33.51
CA TRP A 364 -7.46 -1.10 -32.82
C TRP A 364 -7.84 0.01 -33.81
N ASP A 365 -8.84 0.81 -33.44
CA ASP A 365 -9.18 2.00 -34.22
C ASP A 365 -8.00 2.96 -34.30
N GLU A 366 -7.66 3.37 -35.53
CA GLU A 366 -6.56 4.33 -35.70
C GLU A 366 -6.84 5.65 -34.98
N LYS A 367 -8.12 6.06 -34.88
CA LYS A 367 -8.47 7.28 -34.17
C LYS A 367 -8.01 7.22 -32.71
N LEU A 368 -8.13 6.04 -32.09
CA LEU A 368 -7.78 5.88 -30.69
C LEU A 368 -6.27 5.76 -30.49
N VAL A 369 -5.59 4.99 -31.33
CA VAL A 369 -4.14 4.89 -31.24
C VAL A 369 -3.51 6.28 -31.43
N LYS A 370 -4.06 7.07 -32.36
CA LYS A 370 -3.50 8.40 -32.61
C LYS A 370 -3.66 9.30 -31.39
N ALA A 371 -4.81 9.21 -30.72
CA ALA A 371 -5.07 10.09 -29.57
C ALA A 371 -4.23 9.69 -28.36
N LEU A 372 -4.05 8.39 -28.12
CA LEU A 372 -3.30 7.96 -26.94
C LEU A 372 -1.79 7.93 -27.18
N LEU A 373 -1.35 7.61 -28.39
CA LEU A 373 0.07 7.39 -28.68
C LEU A 373 0.40 8.04 -30.03
N PRO A 374 0.33 9.37 -30.10
CA PRO A 374 0.57 10.05 -31.39
C PRO A 374 1.91 9.76 -32.02
N ARG A 375 2.99 9.65 -31.22
CA ARG A 375 4.28 9.31 -31.82
C ARG A 375 4.29 7.86 -32.32
N HIS A 376 3.60 6.96 -31.62
CA HIS A 376 3.59 5.57 -32.08
C HIS A 376 2.81 5.42 -33.37
N MET A 377 1.71 6.17 -33.52
CA MET A 377 0.97 6.13 -34.77
C MET A 377 1.87 6.51 -35.96
N GLN A 378 2.71 7.53 -35.78
CA GLN A 378 3.64 7.92 -36.83
C GLN A 378 4.57 6.76 -37.20
N ILE A 379 5.15 6.13 -36.17
CA ILE A 379 6.04 4.99 -36.38
C ILE A 379 5.30 3.85 -37.08
N ILE A 380 4.06 3.60 -36.68
CA ILE A 380 3.30 2.49 -37.25
C ILE A 380 2.98 2.76 -38.72
N LYS A 381 2.65 4.02 -39.07
CA LYS A 381 2.43 4.33 -40.47
C LYS A 381 3.70 4.12 -41.28
N GLU A 382 4.86 4.48 -40.70
CA GLU A 382 6.13 4.24 -41.39
C GLU A 382 6.37 2.75 -41.60
N ILE A 383 6.03 1.92 -40.61
CA ILE A 383 6.09 0.47 -40.82
C ILE A 383 5.20 0.09 -42.01
N ASN A 384 3.99 0.62 -42.01
CA ASN A 384 3.01 0.32 -43.05
C ASN A 384 3.51 0.76 -44.43
N ASP A 385 3.95 2.02 -44.53
CA ASP A 385 4.40 2.55 -45.81
C ASP A 385 5.58 1.75 -46.36
N ARG A 386 6.51 1.36 -45.49
CA ARG A 386 7.66 0.59 -45.96
C ARG A 386 7.26 -0.84 -46.32
N PHE A 387 6.28 -1.41 -45.62
CA PHE A 387 5.84 -2.75 -45.98
C PHE A 387 5.10 -2.75 -47.32
N LYS A 388 4.37 -1.68 -47.63
CA LYS A 388 3.67 -1.62 -48.91
C LYS A 388 4.63 -1.75 -50.08
N GLN A 389 5.83 -1.18 -49.97
CA GLN A 389 6.80 -1.28 -51.05
C GLN A 389 7.17 -2.74 -51.31
N LEU A 390 7.28 -3.54 -50.25
CA LEU A 390 7.52 -4.96 -50.43
C LEU A 390 6.30 -5.66 -51.05
N VAL A 391 5.09 -5.32 -50.61
CA VAL A 391 3.89 -5.95 -51.16
C VAL A 391 3.72 -5.57 -52.63
N ASP A 392 3.99 -4.31 -52.98
CA ASP A 392 3.92 -3.85 -54.36
C ASP A 392 4.79 -4.70 -55.29
N LYS A 393 6.00 -5.04 -54.84
CA LYS A 393 6.93 -5.80 -55.66
C LYS A 393 6.42 -7.20 -55.96
N THR A 394 5.58 -7.75 -55.08
CA THR A 394 5.17 -9.14 -55.19
C THR A 394 3.75 -9.31 -55.72
N TRP A 395 2.83 -8.40 -55.39
CA TRP A 395 1.47 -8.39 -55.94
C TRP A 395 1.18 -6.97 -56.43
N PRO A 396 1.78 -6.57 -57.55
CA PRO A 396 1.69 -5.17 -57.97
C PRO A 396 0.25 -4.75 -58.21
N GLY A 397 -0.11 -3.61 -57.64
CA GLY A 397 -1.41 -2.99 -57.89
C GLY A 397 -2.61 -3.79 -57.44
N ASP A 398 -2.42 -4.87 -56.68
CA ASP A 398 -3.53 -5.71 -56.22
C ASP A 398 -4.10 -5.11 -54.95
N LYS A 399 -5.27 -4.47 -55.05
CA LYS A 399 -5.81 -3.74 -53.91
C LYS A 399 -6.43 -4.64 -52.86
N GLN A 400 -6.91 -5.83 -53.25
CA GLN A 400 -7.48 -6.74 -52.26
C GLN A 400 -6.39 -7.40 -51.42
N VAL A 401 -5.26 -7.73 -52.04
CA VAL A 401 -4.14 -8.28 -51.26
C VAL A 401 -3.67 -7.25 -50.25
N TRP A 402 -3.48 -6.00 -50.68
CA TRP A 402 -3.02 -4.98 -49.74
C TRP A 402 -4.01 -4.78 -48.61
N ALA A 403 -5.31 -4.77 -48.93
CA ALA A 403 -6.30 -4.61 -47.87
C ALA A 403 -6.18 -5.72 -46.83
N LYS A 404 -5.71 -6.90 -47.24
CA LYS A 404 -5.56 -8.03 -46.34
C LYS A 404 -4.29 -7.94 -45.50
N LEU A 405 -3.16 -7.54 -46.10
CA LEU A 405 -1.86 -7.62 -45.44
C LEU A 405 -1.45 -6.35 -44.73
N ALA A 406 -2.16 -5.24 -44.95
CA ALA A 406 -1.72 -3.95 -44.46
C ALA A 406 -1.69 -3.92 -42.94
N VAL A 407 -0.75 -3.14 -42.39
CA VAL A 407 -0.73 -2.91 -40.95
C VAL A 407 -1.77 -1.87 -40.55
N VAL A 408 -1.97 -0.85 -41.40
CA VAL A 408 -2.99 0.17 -41.22
C VAL A 408 -3.82 0.23 -42.51
N HIS A 409 -5.15 0.13 -42.36
CA HIS A 409 -6.03 0.17 -43.51
C HIS A 409 -7.45 0.42 -43.03
N ASP A 410 -8.18 1.27 -43.75
CA ASP A 410 -9.56 1.58 -43.41
C ASP A 410 -9.66 2.06 -41.96
N LYS A 411 -8.67 2.83 -41.53
CA LYS A 411 -8.64 3.45 -40.20
C LYS A 411 -8.67 2.39 -39.08
N GLN A 412 -8.02 1.25 -39.31
CA GLN A 412 -7.82 0.27 -38.27
CA GLN A 412 -7.83 0.25 -38.28
C GLN A 412 -6.38 -0.22 -38.32
N VAL A 413 -5.81 -0.49 -37.14
CA VAL A 413 -4.46 -1.02 -37.02
C VAL A 413 -4.56 -2.51 -36.73
N ARG A 414 -3.94 -3.34 -37.59
CA ARG A 414 -3.99 -4.80 -37.48
C ARG A 414 -2.79 -5.27 -36.66
N MET A 415 -3.00 -5.60 -35.38
CA MET A 415 -1.87 -5.87 -34.48
C MET A 415 -1.19 -7.19 -34.82
N ALA A 416 -1.95 -8.21 -35.21
CA ALA A 416 -1.34 -9.47 -35.61
C ALA A 416 -0.48 -9.28 -36.86
N ASN A 417 -0.97 -8.49 -37.82
CA ASN A 417 -0.17 -8.18 -38.99
C ASN A 417 1.13 -7.48 -38.59
N MET A 418 1.05 -6.55 -37.64
CA MET A 418 2.27 -5.85 -37.20
C MET A 418 3.26 -6.84 -36.57
N CYS A 419 2.77 -7.83 -35.83
CA CYS A 419 3.65 -8.84 -35.25
C CYS A 419 4.37 -9.66 -36.32
N VAL A 420 3.65 -10.05 -37.37
CA VAL A 420 4.29 -10.85 -38.41
C VAL A 420 5.29 -10.01 -39.18
N VAL A 421 4.87 -8.80 -39.58
CA VAL A 421 5.71 -7.89 -40.35
C VAL A 421 6.96 -7.51 -39.57
N GLY A 422 6.82 -7.29 -38.26
CA GLY A 422 7.87 -6.73 -37.46
C GLY A 422 8.76 -7.69 -36.72
N GLY A 423 8.49 -9.00 -36.78
CA GLY A 423 9.25 -10.00 -36.07
C GLY A 423 10.00 -10.95 -37.00
N PHE A 424 10.75 -11.87 -36.39
CA PHE A 424 11.50 -12.87 -37.15
C PHE A 424 10.93 -14.27 -37.04
N ALA A 425 9.96 -14.51 -36.15
CA ALA A 425 9.38 -15.83 -35.98
C ALA A 425 7.93 -15.72 -35.53
N VAL A 426 7.10 -16.61 -36.07
CA VAL A 426 5.71 -16.79 -35.68
C VAL A 426 5.52 -18.28 -35.37
N ASN A 427 4.81 -18.59 -34.28
CA ASN A 427 4.51 -20.00 -34.01
C ASN A 427 3.08 -20.15 -33.53
N GLY A 428 2.49 -21.28 -33.92
CA GLY A 428 1.28 -21.79 -33.30
C GLY A 428 1.61 -22.82 -32.21
N VAL A 429 0.55 -23.42 -31.66
CA VAL A 429 0.64 -24.12 -30.38
C VAL A 429 0.27 -25.61 -30.47
N ALA A 430 0.05 -26.12 -31.68
CA ALA A 430 -0.16 -27.55 -31.88
C ALA A 430 0.07 -27.81 -33.36
N ALA A 431 0.42 -29.06 -33.70
CA ALA A 431 0.75 -29.40 -35.07
C ALA A 431 -0.31 -28.88 -36.04
N LEU A 432 -1.56 -29.28 -35.84
CA LEU A 432 -2.60 -28.89 -36.79
C LEU A 432 -2.85 -27.38 -36.74
N HIS A 433 -2.86 -26.80 -35.55
CA HIS A 433 -3.08 -25.36 -35.45
C HIS A 433 -2.02 -24.59 -36.23
N SER A 434 -0.76 -24.95 -36.04
CA SER A 434 0.33 -24.25 -36.71
C SER A 434 0.23 -24.37 -38.23
N ASP A 435 -0.30 -25.49 -38.73
CA ASP A 435 -0.58 -25.61 -40.16
C ASP A 435 -1.66 -24.64 -40.59
N LEU A 436 -2.71 -24.49 -39.77
CA LEU A 436 -3.78 -23.56 -40.12
C LEU A 436 -3.33 -22.11 -40.07
N VAL A 437 -2.40 -21.78 -39.17
CA VAL A 437 -1.86 -20.43 -39.14
C VAL A 437 -1.28 -20.07 -40.51
N VAL A 438 -0.56 -20.99 -41.12
CA VAL A 438 0.04 -20.75 -42.42
C VAL A 438 -1.00 -20.85 -43.54
N LYS A 439 -1.95 -21.78 -43.43
CA LYS A 439 -2.90 -22.03 -44.51
C LYS A 439 -4.05 -21.03 -44.49
N ASP A 440 -4.66 -20.81 -43.33
CA ASP A 440 -5.85 -19.97 -43.21
C ASP A 440 -5.56 -18.53 -42.81
N LEU A 441 -4.61 -18.31 -41.90
CA LEU A 441 -4.45 -16.97 -41.38
C LEU A 441 -3.49 -16.12 -42.22
N PHE A 442 -2.28 -16.64 -42.46
CA PHE A 442 -1.19 -15.81 -42.99
C PHE A 442 -0.53 -16.47 -44.19
N PRO A 443 -1.31 -16.97 -45.15
CA PRO A 443 -0.68 -17.66 -46.29
C PRO A 443 0.22 -16.75 -47.13
N GLU A 444 -0.16 -15.48 -47.34
CA GLU A 444 0.67 -14.60 -48.15
C GLU A 444 1.97 -14.26 -47.43
N TYR A 445 1.90 -14.01 -46.13
CA TYR A 445 3.12 -13.77 -45.35
C TYR A 445 4.05 -14.96 -45.40
N ASN A 446 3.50 -16.17 -45.36
CA ASN A 446 4.33 -17.36 -45.43
C ASN A 446 5.02 -17.48 -46.79
N GLN A 447 4.41 -16.93 -47.84
CA GLN A 447 5.07 -16.87 -49.15
C GLN A 447 6.25 -15.91 -49.11
N LEU A 448 6.08 -14.75 -48.47
CA LEU A 448 7.16 -13.76 -48.41
C LEU A 448 8.31 -14.25 -47.53
N TRP A 449 7.99 -14.94 -46.44
CA TRP A 449 8.97 -15.30 -45.41
C TRP A 449 8.82 -16.78 -45.10
N PRO A 450 9.31 -17.66 -45.98
CA PRO A 450 9.10 -19.10 -45.80
C PRO A 450 9.84 -19.73 -44.62
N ASN A 451 10.73 -19.01 -43.93
CA ASN A 451 11.39 -19.54 -42.75
C ASN A 451 10.85 -18.96 -41.44
N LYS A 452 9.85 -18.08 -41.50
CA LYS A 452 9.38 -17.37 -40.32
C LYS A 452 8.40 -18.16 -39.48
N PHE A 453 7.71 -19.16 -40.05
CA PHE A 453 6.59 -19.82 -39.38
C PHE A 453 6.99 -21.18 -38.84
N HIS A 454 6.51 -21.49 -37.63
CA HIS A 454 6.90 -22.69 -36.92
C HIS A 454 5.73 -23.22 -36.10
N ASN A 455 5.93 -24.39 -35.52
CA ASN A 455 5.08 -24.94 -34.48
C ASN A 455 5.90 -25.17 -33.22
N VAL A 456 5.28 -24.92 -32.06
CA VAL A 456 5.74 -25.47 -30.78
C VAL A 456 4.52 -25.94 -30.02
N THR A 457 4.38 -27.25 -29.86
CA THR A 457 3.22 -27.78 -29.15
C THR A 457 3.26 -27.37 -27.69
N ASN A 458 2.11 -26.90 -27.20
CA ASN A 458 2.00 -26.52 -25.80
C ASN A 458 2.33 -27.68 -24.87
N GLY A 459 2.39 -27.34 -23.58
CA GLY A 459 2.70 -28.31 -22.54
C GLY A 459 2.42 -27.72 -21.17
N ILE A 460 2.61 -28.58 -20.15
CA ILE A 460 2.33 -28.26 -18.75
C ILE A 460 3.51 -28.71 -17.90
N THR A 461 3.69 -28.05 -16.73
CA THR A 461 4.85 -28.44 -15.91
C THR A 461 4.52 -29.67 -15.05
N PRO A 462 5.36 -30.71 -15.07
CA PRO A 462 5.12 -31.87 -14.19
C PRO A 462 5.33 -31.60 -12.71
N ARG A 463 5.98 -30.49 -12.33
CA ARG A 463 6.18 -30.24 -10.91
C ARG A 463 4.84 -29.94 -10.25
N ARG A 464 4.20 -28.81 -10.61
CA ARG A 464 2.91 -28.50 -10.02
C ARG A 464 1.87 -29.56 -10.37
N TRP A 465 1.83 -30.03 -11.62
CA TRP A 465 0.67 -30.78 -12.10
C TRP A 465 0.79 -32.28 -11.91
N ILE A 466 1.89 -32.80 -11.35
CA ILE A 466 1.91 -34.18 -10.87
C ILE A 466 2.52 -34.23 -9.48
N LYS A 467 3.76 -33.76 -9.34
CA LYS A 467 4.48 -33.95 -8.10
C LYS A 467 3.81 -33.21 -6.95
N GLN A 468 3.31 -31.99 -7.21
CA GLN A 468 2.72 -31.24 -6.10
C GLN A 468 1.27 -31.67 -5.85
N CYS A 469 0.44 -31.76 -6.89
CA CYS A 469 -0.98 -31.97 -6.65
C CYS A 469 -1.31 -33.44 -6.46
N ASN A 470 -0.48 -34.36 -6.93
CA ASN A 470 -0.71 -35.80 -6.82
C ASN A 470 0.52 -36.48 -6.22
N PRO A 471 0.85 -36.19 -4.96
CA PRO A 471 2.08 -36.75 -4.37
C PRO A 471 2.06 -38.26 -4.21
N ALA A 472 0.87 -38.87 -4.04
CA ALA A 472 0.81 -40.32 -3.99
C ALA A 472 1.20 -40.94 -5.34
N LEU A 473 0.69 -40.39 -6.45
CA LEU A 473 1.12 -40.92 -7.74
C LEU A 473 2.59 -40.62 -7.98
N ALA A 474 3.06 -39.44 -7.54
CA ALA A 474 4.47 -39.11 -7.70
C ALA A 474 5.35 -40.14 -7.02
N SER A 475 5.00 -40.53 -5.79
CA SER A 475 5.87 -41.47 -5.09
C SER A 475 5.77 -42.89 -5.68
N LEU A 476 4.61 -43.25 -6.26
CA LEU A 476 4.54 -44.48 -7.05
C LEU A 476 5.49 -44.43 -8.25
N LEU A 477 5.54 -43.28 -8.93
CA LEU A 477 6.45 -43.15 -10.07
C LEU A 477 7.90 -43.23 -9.59
N ASP A 478 8.19 -42.60 -8.45
CA ASP A 478 9.52 -42.71 -7.85
C ASP A 478 9.87 -44.16 -7.59
N GLU A 479 9.01 -44.87 -6.85
CA GLU A 479 9.28 -46.26 -6.47
C GLU A 479 9.37 -47.16 -7.68
N THR A 480 8.57 -46.88 -8.72
CA THR A 480 8.49 -47.77 -9.87
C THR A 480 9.62 -47.52 -10.87
N LEU A 481 9.83 -46.25 -11.27
CA LEU A 481 10.79 -45.98 -12.35
C LEU A 481 12.22 -45.96 -11.84
N LYS A 482 12.44 -45.63 -10.55
CA LYS A 482 13.78 -45.61 -9.95
C LYS A 482 14.74 -44.72 -10.73
N LYS A 483 14.19 -43.71 -11.41
CA LYS A 483 14.95 -42.65 -12.06
C LYS A 483 14.12 -41.38 -11.95
N GLU A 484 14.78 -40.22 -11.96
CA GLU A 484 14.04 -38.98 -11.80
C GLU A 484 13.22 -38.71 -13.05
N TRP A 485 11.93 -38.44 -12.86
CA TRP A 485 10.97 -38.21 -13.94
C TRP A 485 10.40 -36.80 -13.93
N ALA A 486 10.57 -36.05 -12.84
CA ALA A 486 9.90 -34.77 -12.68
C ALA A 486 10.49 -33.69 -13.59
N ASN A 487 11.76 -33.82 -13.99
CA ASN A 487 12.33 -32.97 -15.01
C ASN A 487 12.73 -33.77 -16.24
N ASP A 488 12.11 -34.94 -16.42
CA ASP A 488 12.45 -35.85 -17.50
C ASP A 488 11.23 -36.73 -17.80
N LEU A 489 10.15 -36.11 -18.28
CA LEU A 489 8.85 -36.76 -18.22
C LEU A 489 8.69 -37.87 -19.24
N ASP A 490 9.56 -37.94 -20.25
CA ASP A 490 9.52 -39.05 -21.20
C ASP A 490 9.83 -40.38 -20.54
N GLN A 491 10.42 -40.38 -19.35
CA GLN A 491 10.61 -41.62 -18.60
C GLN A 491 9.28 -42.31 -18.30
N LEU A 492 8.16 -41.58 -18.36
CA LEU A 492 6.87 -42.19 -18.03
C LEU A 492 6.53 -43.33 -18.98
N ILE A 493 7.10 -43.36 -20.18
CA ILE A 493 6.81 -44.44 -21.12
C ILE A 493 7.24 -45.80 -20.56
N ASN A 494 8.17 -45.83 -19.62
CA ASN A 494 8.59 -47.09 -19.01
C ASN A 494 7.54 -47.66 -18.06
N LEU A 495 6.44 -46.94 -17.84
CA LEU A 495 5.32 -47.47 -17.08
C LEU A 495 4.46 -48.44 -17.88
N GLU A 496 4.60 -48.48 -19.20
CA GLU A 496 3.67 -49.25 -20.03
C GLU A 496 3.53 -50.67 -19.52
N LYS A 497 4.65 -51.34 -19.28
CA LYS A 497 4.60 -52.74 -18.91
C LYS A 497 3.89 -52.96 -17.59
N TYR A 498 3.94 -51.97 -16.69
CA TYR A 498 3.33 -52.16 -15.38
C TYR A 498 1.81 -52.21 -15.45
N ALA A 499 1.21 -51.89 -16.60
CA ALA A 499 -0.21 -52.12 -16.75
C ALA A 499 -0.59 -53.59 -16.60
N ASP A 500 0.37 -54.52 -16.75
CA ASP A 500 0.11 -55.95 -16.63
C ASP A 500 0.50 -56.51 -15.29
N ASP A 501 0.93 -55.66 -14.37
CA ASP A 501 1.29 -56.04 -13.00
C ASP A 501 0.10 -55.72 -12.12
N ALA A 502 -0.59 -56.76 -11.66
CA ALA A 502 -1.83 -56.55 -10.91
C ALA A 502 -1.59 -55.76 -9.64
N ALA A 503 -0.43 -55.95 -9.00
CA ALA A 503 -0.14 -55.19 -7.78
C ALA A 503 -0.01 -53.71 -8.08
N PHE A 504 0.63 -53.36 -9.20
CA PHE A 504 0.74 -51.97 -9.63
C PHE A 504 -0.63 -51.39 -9.94
N ARG A 505 -1.42 -52.07 -10.77
CA ARG A 505 -2.77 -51.60 -11.04
C ARG A 505 -3.52 -51.30 -9.75
N GLN A 506 -3.42 -52.20 -8.77
CA GLN A 506 -4.13 -52.00 -7.50
C GLN A 506 -3.62 -50.76 -6.77
N THR A 507 -2.30 -50.56 -6.75
CA THR A 507 -1.76 -49.37 -6.12
C THR A 507 -2.18 -48.11 -6.87
N TYR A 508 -2.03 -48.12 -8.19
CA TYR A 508 -2.46 -46.98 -9.01
C TYR A 508 -3.93 -46.66 -8.78
N ARG A 509 -4.77 -47.70 -8.67
CA ARG A 509 -6.19 -47.49 -8.42
C ARG A 509 -6.45 -46.98 -7.00
N ASP A 510 -5.72 -47.51 -6.00
CA ASP A 510 -5.87 -46.99 -4.64
C ASP A 510 -5.60 -45.49 -4.60
N ILE A 511 -4.61 -45.04 -5.36
CA ILE A 511 -4.22 -43.63 -5.37
C ILE A 511 -5.33 -42.79 -6.00
N LYS A 512 -5.85 -43.20 -7.16
CA LYS A 512 -6.98 -42.46 -7.73
C LYS A 512 -8.11 -42.35 -6.72
N GLN A 513 -8.44 -43.45 -6.04
CA GLN A 513 -9.56 -43.41 -5.11
C GLN A 513 -9.24 -42.55 -3.90
N ALA A 514 -8.00 -42.59 -3.40
CA ALA A 514 -7.65 -41.71 -2.29
C ALA A 514 -7.76 -40.24 -2.70
N ASN A 515 -7.38 -39.94 -3.95
CA ASN A 515 -7.55 -38.57 -4.44
C ASN A 515 -9.02 -38.19 -4.48
N LYS A 516 -9.90 -39.13 -4.84
CA LYS A 516 -11.33 -38.84 -4.86
C LYS A 516 -11.86 -38.59 -3.45
N VAL A 517 -11.38 -39.36 -2.47
CA VAL A 517 -11.76 -39.11 -1.07
C VAL A 517 -11.31 -37.72 -0.63
N HIS A 518 -10.09 -37.32 -1.04
CA HIS A 518 -9.60 -36.01 -0.63
C HIS A 518 -10.43 -34.90 -1.27
N LEU A 519 -10.82 -35.07 -2.53
CA LEU A 519 -11.69 -34.07 -3.16
C LEU A 519 -13.06 -34.03 -2.49
N ALA A 520 -13.59 -35.20 -2.10
CA ALA A 520 -14.88 -35.23 -1.42
C ALA A 520 -14.85 -34.38 -0.15
N GLU A 521 -13.76 -34.47 0.62
CA GLU A 521 -13.62 -33.61 1.80
C GLU A 521 -13.71 -32.14 1.42
N PHE A 522 -12.92 -31.74 0.43
CA PHE A 522 -12.87 -30.34 0.00
C PHE A 522 -14.23 -29.88 -0.51
N VAL A 523 -14.91 -30.72 -1.29
CA VAL A 523 -16.24 -30.40 -1.78
C VAL A 523 -17.22 -30.24 -0.61
N LYS A 524 -17.17 -31.15 0.35
CA LYS A 524 -18.00 -31.01 1.54
C LYS A 524 -17.70 -29.70 2.25
N GLN A 525 -16.42 -29.38 2.42
CA GLN A 525 -16.08 -28.14 3.11
C GLN A 525 -16.59 -26.92 2.35
N ARG A 526 -16.56 -26.96 1.02
CA ARG A 526 -16.90 -25.78 0.22
C ARG A 526 -18.38 -25.68 -0.14
N THR A 527 -19.11 -26.78 -0.17
CA THR A 527 -20.49 -26.75 -0.62
C THR A 527 -21.47 -27.46 0.32
N GLY A 528 -20.99 -28.24 1.29
CA GLY A 528 -21.85 -29.06 2.10
C GLY A 528 -22.31 -30.35 1.45
N ILE A 529 -22.02 -30.57 0.17
CA ILE A 529 -22.47 -31.76 -0.54
C ILE A 529 -21.55 -32.93 -0.22
N GLU A 530 -22.14 -34.08 0.10
CA GLU A 530 -21.41 -35.31 0.33
C GLU A 530 -21.45 -36.13 -0.96
N ILE A 531 -20.29 -36.27 -1.62
CA ILE A 531 -20.24 -36.94 -2.92
C ILE A 531 -19.68 -38.35 -2.75
N ASN A 532 -20.15 -39.24 -3.63
CA ASN A 532 -19.96 -40.67 -3.50
C ASN A 532 -18.63 -41.09 -4.15
N PRO A 533 -17.62 -41.50 -3.37
CA PRO A 533 -16.30 -41.75 -3.97
C PRO A 533 -16.23 -42.99 -4.82
N GLN A 534 -17.23 -43.87 -4.78
CA GLN A 534 -17.29 -44.99 -5.71
C GLN A 534 -17.84 -44.60 -7.08
N ALA A 535 -18.45 -43.43 -7.20
CA ALA A 535 -18.99 -42.98 -8.46
C ALA A 535 -17.88 -42.53 -9.41
N ILE A 536 -18.21 -42.51 -10.70
CA ILE A 536 -17.36 -41.91 -11.71
C ILE A 536 -17.31 -40.41 -11.48
N PHE A 537 -16.10 -39.87 -11.30
CA PHE A 537 -15.92 -38.43 -11.13
C PHE A 537 -15.71 -37.83 -12.52
N ASP A 538 -16.73 -37.13 -13.00
CA ASP A 538 -16.83 -36.65 -14.38
C ASP A 538 -16.65 -35.13 -14.35
N ILE A 539 -15.52 -34.63 -14.87
CA ILE A 539 -15.05 -33.28 -14.58
C ILE A 539 -14.91 -32.48 -15.87
N GLN A 540 -15.52 -31.29 -15.89
CA GLN A 540 -15.36 -30.30 -16.94
C GLN A 540 -14.86 -29.02 -16.29
N ILE A 541 -13.64 -28.62 -16.62
CA ILE A 541 -13.02 -27.44 -16.03
C ILE A 541 -12.48 -26.56 -17.15
N LYS A 542 -13.38 -26.04 -17.97
CA LYS A 542 -13.11 -25.06 -19.01
C LYS A 542 -13.76 -23.74 -18.60
N ARG A 543 -13.28 -22.63 -19.15
CA ARG A 543 -14.01 -21.39 -19.03
CA ARG A 543 -14.02 -21.39 -19.01
C ARG A 543 -15.42 -21.55 -19.59
N LEU A 544 -16.35 -20.76 -19.08
CA LEU A 544 -17.74 -20.83 -19.56
C LEU A 544 -17.86 -20.02 -20.85
N HIS A 545 -17.87 -20.71 -21.99
CA HIS A 545 -18.21 -20.12 -23.27
C HIS A 545 -19.15 -21.07 -24.01
N GLU A 546 -20.03 -20.50 -24.82
CA GLU A 546 -21.02 -21.28 -25.55
C GLU A 546 -20.35 -22.43 -26.30
N TYR A 547 -19.22 -22.17 -26.95
CA TYR A 547 -18.60 -23.22 -27.75
C TYR A 547 -17.88 -24.28 -26.93
N LYS A 548 -17.64 -24.05 -25.62
CA LYS A 548 -17.15 -25.14 -24.77
C LYS A 548 -18.26 -26.13 -24.43
N ARG A 549 -19.51 -25.71 -24.57
CA ARG A 549 -20.68 -26.58 -24.51
C ARG A 549 -20.86 -27.26 -23.15
N GLN A 550 -20.68 -26.50 -22.07
CA GLN A 550 -21.16 -26.95 -20.77
C GLN A 550 -22.64 -27.34 -20.79
N HIS A 551 -23.43 -26.78 -21.72
CA HIS A 551 -24.84 -27.14 -21.80
C HIS A 551 -25.07 -28.43 -22.61
N LEU A 552 -24.12 -28.87 -23.42
CA LEU A 552 -24.16 -30.25 -23.92
C LEU A 552 -23.95 -31.23 -22.77
N ASN A 553 -22.96 -30.97 -21.93
CA ASN A 553 -22.82 -31.72 -20.70
C ASN A 553 -24.12 -31.71 -19.90
N LEU A 554 -24.78 -30.55 -19.82
CA LEU A 554 -26.02 -30.45 -19.05
C LEU A 554 -27.14 -31.30 -19.62
N LEU A 555 -27.32 -31.29 -20.94
CA LEU A 555 -28.39 -32.10 -21.53
C LEU A 555 -28.15 -33.57 -21.26
N HIS A 556 -26.89 -34.02 -21.30
CA HIS A 556 -26.60 -35.41 -20.99
C HIS A 556 -26.89 -35.72 -19.53
N ILE A 557 -26.51 -34.83 -18.61
CA ILE A 557 -26.87 -35.03 -17.21
C ILE A 557 -28.38 -35.19 -17.08
N LEU A 558 -29.14 -34.35 -17.76
CA LEU A 558 -30.59 -34.44 -17.70
C LEU A 558 -31.08 -35.78 -18.23
N ALA A 559 -30.48 -36.26 -19.32
CA ALA A 559 -30.87 -37.56 -19.86
C ALA A 559 -30.59 -38.68 -18.86
N LEU A 560 -29.40 -38.65 -18.25
CA LEU A 560 -29.07 -39.65 -17.25
C LEU A 560 -30.01 -39.55 -16.05
N TYR A 561 -30.31 -38.33 -15.61
CA TYR A 561 -31.23 -38.12 -14.50
C TYR A 561 -32.58 -38.74 -14.80
N LYS A 562 -33.09 -38.47 -16.00
CA LYS A 562 -34.38 -39.02 -16.41
C LYS A 562 -34.37 -40.56 -16.41
N GLU A 563 -33.31 -41.16 -16.97
CA GLU A 563 -33.21 -42.61 -17.09
C GLU A 563 -33.27 -43.30 -15.73
N ILE A 564 -32.54 -42.79 -14.74
CA ILE A 564 -32.50 -43.47 -13.45
C ILE A 564 -33.63 -43.03 -12.52
N ARG A 565 -34.29 -41.92 -12.84
CA ARG A 565 -35.48 -41.52 -12.09
C ARG A 565 -36.68 -42.38 -12.48
N GLU A 566 -36.85 -42.65 -13.77
CA GLU A 566 -37.95 -43.43 -14.27
C GLU A 566 -37.72 -44.93 -14.13
N ASN A 567 -36.47 -45.37 -14.00
CA ASN A 567 -36.14 -46.78 -13.77
C ASN A 567 -35.14 -46.87 -12.63
N PRO A 568 -35.62 -47.03 -11.39
CA PRO A 568 -34.69 -47.20 -10.26
C PRO A 568 -33.84 -48.47 -10.35
N GLN A 569 -34.18 -49.41 -11.23
CA GLN A 569 -33.38 -50.60 -11.46
C GLN A 569 -32.34 -50.41 -12.55
N SER A 570 -32.18 -49.19 -13.05
CA SER A 570 -31.24 -48.92 -14.15
C SER A 570 -29.85 -49.43 -13.82
N ASP A 571 -29.16 -49.94 -14.84
CA ASP A 571 -27.79 -50.42 -14.64
C ASP A 571 -26.73 -49.34 -14.86
N ARG A 572 -27.09 -48.05 -14.97
CA ARG A 572 -26.06 -47.04 -15.18
C ARG A 572 -25.17 -46.93 -13.94
N VAL A 573 -23.89 -46.71 -14.19
CA VAL A 573 -22.90 -46.54 -13.11
C VAL A 573 -23.16 -45.22 -12.38
N PRO A 574 -22.99 -45.17 -11.05
CA PRO A 574 -23.17 -43.90 -10.35
C PRO A 574 -22.16 -42.86 -10.81
N ARG A 575 -22.55 -41.58 -10.73
CA ARG A 575 -21.72 -40.50 -11.27
C ARG A 575 -21.76 -39.28 -10.38
N VAL A 576 -20.64 -38.55 -10.39
CA VAL A 576 -20.56 -37.21 -9.81
C VAL A 576 -20.05 -36.30 -10.90
N PHE A 577 -20.86 -35.34 -11.31
CA PHE A 577 -20.47 -34.37 -12.31
C PHE A 577 -19.96 -33.13 -11.59
N LEU A 578 -18.73 -32.73 -11.91
CA LEU A 578 -18.10 -31.59 -11.28
C LEU A 578 -17.77 -30.57 -12.35
N PHE A 579 -18.10 -29.31 -12.08
CA PHE A 579 -17.82 -28.20 -12.97
C PHE A 579 -16.93 -27.19 -12.26
N GLY A 580 -15.95 -26.66 -12.99
CA GLY A 580 -15.27 -25.43 -12.62
C GLY A 580 -15.27 -24.52 -13.83
N ALA A 581 -15.79 -23.29 -13.70
CA ALA A 581 -15.93 -22.42 -14.85
C ALA A 581 -16.34 -21.02 -14.41
N LYS A 582 -15.72 -20.00 -15.00
CA LYS A 582 -16.12 -18.60 -14.84
C LYS A 582 -16.65 -18.08 -16.16
N ALA A 583 -17.71 -17.28 -16.09
CA ALA A 583 -18.21 -16.56 -17.25
C ALA A 583 -17.70 -15.14 -17.19
N ALA A 584 -17.18 -14.66 -18.30
CA ALA A 584 -16.67 -13.30 -18.35
C ALA A 584 -17.78 -12.32 -17.96
N PRO A 585 -17.48 -11.27 -17.20
CA PRO A 585 -18.54 -10.35 -16.79
C PRO A 585 -19.24 -9.78 -18.01
N GLY A 586 -20.57 -9.69 -17.94
CA GLY A 586 -21.37 -9.21 -19.04
C GLY A 586 -21.68 -10.24 -20.12
N TYR A 587 -21.25 -11.49 -19.95
CA TYR A 587 -21.50 -12.55 -20.92
C TYR A 587 -22.81 -13.20 -20.53
N TYR A 588 -23.90 -12.63 -21.04
CA TYR A 588 -25.23 -12.98 -20.50
C TYR A 588 -25.61 -14.42 -20.82
N LEU A 589 -25.30 -14.91 -22.02
CA LEU A 589 -25.65 -16.28 -22.36
C LEU A 589 -24.93 -17.26 -21.44
N ALA A 590 -23.61 -17.07 -21.30
CA ALA A 590 -22.82 -17.96 -20.45
C ALA A 590 -23.33 -17.93 -19.02
N LYS A 591 -23.76 -16.75 -18.54
CA LYS A 591 -24.29 -16.70 -17.20
C LYS A 591 -25.63 -17.42 -17.08
N ASN A 592 -26.40 -17.47 -18.16
CA ASN A 592 -27.66 -18.20 -18.09
C ASN A 592 -27.40 -19.70 -18.11
N ILE A 593 -26.36 -20.14 -18.83
CA ILE A 593 -25.96 -21.54 -18.80
C ILE A 593 -25.56 -21.93 -17.39
N ILE A 594 -24.77 -21.08 -16.73
CA ILE A 594 -24.40 -21.32 -15.33
C ILE A 594 -25.65 -21.47 -14.47
N PHE A 595 -26.62 -20.57 -14.67
CA PHE A 595 -27.85 -20.62 -13.89
C PHE A 595 -28.57 -21.94 -14.08
N ALA A 596 -28.66 -22.41 -15.32
CA ALA A 596 -29.33 -23.67 -15.59
C ALA A 596 -28.62 -24.83 -14.92
N ILE A 597 -27.28 -24.85 -14.97
CA ILE A 597 -26.54 -25.94 -14.35
C ILE A 597 -26.80 -25.98 -12.85
N ASN A 598 -26.75 -24.82 -12.20
CA ASN A 598 -26.92 -24.79 -10.75
C ASN A 598 -28.34 -25.17 -10.33
N LYS A 599 -29.36 -24.77 -11.11
CA LYS A 599 -30.72 -25.13 -10.75
C LYS A 599 -30.98 -26.61 -10.95
N VAL A 600 -30.46 -27.19 -12.04
CA VAL A 600 -30.59 -28.63 -12.23
C VAL A 600 -29.85 -29.38 -11.13
N ALA A 601 -28.65 -28.91 -10.77
CA ALA A 601 -27.90 -29.55 -9.69
C ALA A 601 -28.70 -29.52 -8.39
N GLU A 602 -29.29 -28.38 -8.08
CA GLU A 602 -30.09 -28.28 -6.86
C GLU A 602 -31.17 -29.35 -6.82
N ALA A 603 -31.84 -29.58 -7.94
CA ALA A 603 -32.91 -30.57 -7.95
C ALA A 603 -32.35 -31.98 -7.80
N ILE A 604 -31.30 -32.30 -8.57
CA ILE A 604 -30.70 -33.63 -8.52
C ILE A 604 -30.17 -33.93 -7.12
N ASN A 605 -29.41 -33.00 -6.56
CA ASN A 605 -28.72 -33.27 -5.30
C ASN A 605 -29.68 -33.48 -4.14
N ASN A 606 -30.92 -33.01 -4.25
CA ASN A 606 -31.88 -33.14 -3.17
C ASN A 606 -33.00 -34.12 -3.49
N ASP A 607 -32.85 -34.92 -4.56
CA ASP A 607 -33.90 -35.85 -4.97
C ASP A 607 -33.62 -37.21 -4.37
N PRO A 608 -34.36 -37.66 -3.35
CA PRO A 608 -34.07 -38.98 -2.75
C PRO A 608 -34.28 -40.13 -3.72
N LYS A 609 -34.93 -39.90 -4.86
CA LYS A 609 -35.10 -40.97 -5.84
C LYS A 609 -33.77 -41.42 -6.43
N VAL A 610 -32.81 -40.52 -6.60
CA VAL A 610 -31.50 -40.88 -7.13
C VAL A 610 -30.46 -41.05 -6.02
N GLY A 611 -30.49 -40.20 -5.00
CA GLY A 611 -29.59 -40.40 -3.87
C GLY A 611 -28.14 -40.31 -4.29
N ASP A 612 -27.34 -41.30 -3.87
CA ASP A 612 -25.91 -41.33 -4.17
C ASP A 612 -25.62 -41.86 -5.56
N LYS A 613 -26.64 -42.06 -6.40
CA LYS A 613 -26.41 -42.45 -7.78
C LYS A 613 -26.00 -41.28 -8.66
N LEU A 614 -26.25 -40.06 -8.22
CA LEU A 614 -26.03 -38.90 -9.08
C LEU A 614 -26.01 -37.63 -8.26
N LYS A 615 -24.93 -36.87 -8.40
CA LYS A 615 -24.80 -35.55 -7.81
C LYS A 615 -24.13 -34.65 -8.83
N VAL A 616 -24.38 -33.36 -8.71
CA VAL A 616 -23.78 -32.36 -9.58
C VAL A 616 -23.24 -31.24 -8.70
N VAL A 617 -21.94 -30.94 -8.85
CA VAL A 617 -21.25 -29.99 -7.99
C VAL A 617 -20.60 -28.96 -8.91
N PHE A 618 -21.09 -27.73 -8.85
CA PHE A 618 -20.47 -26.61 -9.57
C PHE A 618 -19.64 -25.89 -8.52
N LEU A 619 -18.33 -26.16 -8.50
CA LEU A 619 -17.46 -25.53 -7.51
C LEU A 619 -17.22 -24.08 -7.87
N PRO A 620 -17.60 -23.12 -7.04
CA PRO A 620 -17.39 -21.72 -7.40
C PRO A 620 -15.92 -21.32 -7.35
N ASP A 621 -15.55 -20.41 -8.27
CA ASP A 621 -14.29 -19.69 -8.23
C ASP A 621 -13.12 -20.59 -8.62
N TYR A 622 -13.29 -21.31 -9.72
CA TYR A 622 -12.24 -22.18 -10.26
C TYR A 622 -10.94 -21.42 -10.41
N CYS A 623 -9.86 -22.03 -9.93
CA CYS A 623 -8.55 -21.41 -9.91
C CYS A 623 -7.51 -22.51 -9.88
N VAL A 624 -6.23 -22.13 -9.90
CA VAL A 624 -5.17 -23.12 -9.89
C VAL A 624 -5.30 -24.03 -8.68
N SER A 625 -5.52 -23.44 -7.49
CA SER A 625 -5.59 -24.25 -6.29
C SER A 625 -6.76 -25.23 -6.35
N ALA A 626 -7.88 -24.80 -6.91
CA ALA A 626 -9.00 -25.71 -7.09
C ALA A 626 -8.66 -26.78 -8.12
N ALA A 627 -7.94 -26.39 -9.17
CA ALA A 627 -7.54 -27.37 -10.18
C ALA A 627 -6.63 -28.44 -9.56
N GLU A 628 -5.76 -28.04 -8.64
CA GLU A 628 -4.88 -29.03 -8.05
C GLU A 628 -5.63 -30.06 -7.22
N LYS A 629 -6.82 -29.73 -6.72
CA LYS A 629 -7.65 -30.71 -6.02
C LYS A 629 -8.52 -31.53 -6.96
N LEU A 630 -9.05 -30.92 -8.02
CA LEU A 630 -9.95 -31.63 -8.92
C LEU A 630 -9.21 -32.60 -9.83
N ILE A 631 -8.10 -32.15 -10.41
CA ILE A 631 -7.45 -32.93 -11.48
C ILE A 631 -7.02 -34.31 -11.01
N PRO A 632 -6.40 -34.49 -9.85
CA PRO A 632 -5.95 -35.83 -9.47
C PRO A 632 -7.10 -36.79 -9.18
N ALA A 633 -8.30 -36.26 -8.93
CA ALA A 633 -9.46 -37.08 -8.59
C ALA A 633 -10.32 -37.43 -9.80
N ALA A 634 -9.93 -37.03 -11.00
CA ALA A 634 -10.79 -37.16 -12.16
C ALA A 634 -10.77 -38.57 -12.73
N ASP A 635 -11.95 -39.12 -13.04
CA ASP A 635 -12.05 -40.34 -13.83
C ASP A 635 -12.29 -40.03 -15.30
N ILE A 636 -13.17 -39.08 -15.59
CA ILE A 636 -13.49 -38.67 -16.95
C ILE A 636 -13.11 -37.20 -17.12
N SER A 637 -12.41 -36.91 -18.21
CA SER A 637 -12.01 -35.57 -18.60
C SER A 637 -12.91 -35.10 -19.73
N GLU A 638 -13.81 -34.16 -19.44
CA GLU A 638 -14.74 -33.65 -20.44
C GLU A 638 -14.03 -32.63 -21.32
N GLN A 639 -13.97 -32.93 -22.64
CA GLN A 639 -13.26 -32.08 -23.62
C GLN A 639 -14.13 -32.00 -24.87
N ILE A 640 -15.27 -31.31 -24.76
CA ILE A 640 -16.36 -31.51 -25.70
C ILE A 640 -16.69 -30.26 -26.51
N SER A 641 -15.72 -29.35 -26.67
CA SER A 641 -15.95 -28.17 -27.51
C SER A 641 -16.27 -28.58 -28.94
N THR A 642 -17.10 -27.78 -29.61
CA THR A 642 -17.39 -28.00 -31.03
C THR A 642 -16.09 -28.20 -31.81
N ALA A 643 -16.06 -29.24 -32.62
CA ALA A 643 -14.89 -29.47 -33.44
C ALA A 643 -14.66 -28.29 -34.35
N GLY A 644 -13.42 -27.79 -34.36
CA GLY A 644 -13.06 -26.59 -35.07
C GLY A 644 -12.73 -25.40 -34.18
N LYS A 645 -13.06 -25.46 -32.90
CA LYS A 645 -12.95 -24.28 -32.03
C LYS A 645 -11.83 -24.36 -31.00
N GLU A 646 -11.03 -25.42 -30.97
CA GLU A 646 -9.94 -25.50 -30.00
C GLU A 646 -8.61 -25.67 -30.72
N ALA A 647 -7.66 -24.79 -30.40
CA ALA A 647 -6.31 -24.97 -30.93
C ALA A 647 -5.52 -25.97 -30.10
N SER A 648 -5.75 -25.99 -28.79
CA SER A 648 -4.93 -26.78 -27.88
C SER A 648 -5.81 -27.37 -26.78
N GLY A 649 -5.34 -27.30 -25.53
CA GLY A 649 -6.06 -27.83 -24.40
C GLY A 649 -5.08 -28.34 -23.37
N THR A 650 -4.51 -27.40 -22.61
CA THR A 650 -3.52 -27.79 -21.60
C THR A 650 -4.18 -28.48 -20.42
N GLY A 651 -5.41 -28.08 -20.06
CA GLY A 651 -6.14 -28.83 -19.05
C GLY A 651 -6.27 -30.29 -19.45
N ASN A 652 -6.47 -30.55 -20.75
CA ASN A 652 -6.60 -31.92 -21.22
C ASN A 652 -5.37 -32.73 -20.85
N MET A 653 -4.20 -32.12 -20.98
CA MET A 653 -2.93 -32.80 -20.73
C MET A 653 -2.75 -33.15 -19.27
N LYS A 654 -3.05 -32.19 -18.39
CA LYS A 654 -3.00 -32.42 -16.95
C LYS A 654 -3.88 -33.60 -16.55
N LEU A 655 -5.12 -33.61 -17.02
CA LEU A 655 -6.05 -34.65 -16.60
C LEU A 655 -5.59 -36.02 -17.10
N ALA A 656 -5.06 -36.09 -18.32
CA ALA A 656 -4.61 -37.39 -18.85
C ALA A 656 -3.43 -37.93 -18.05
N LEU A 657 -2.46 -37.07 -17.71
CA LEU A 657 -1.29 -37.54 -17.00
C LEU A 657 -1.63 -38.08 -15.62
N ASN A 658 -2.69 -37.55 -15.00
CA ASN A 658 -3.10 -37.97 -13.66
C ASN A 658 -4.12 -39.10 -13.67
N GLY A 659 -4.42 -39.65 -14.84
CA GLY A 659 -5.13 -40.90 -14.93
C GLY A 659 -6.62 -40.80 -15.22
N ALA A 660 -7.07 -39.73 -15.86
CA ALA A 660 -8.44 -39.59 -16.33
C ALA A 660 -8.50 -39.97 -17.80
N LEU A 661 -9.61 -40.58 -18.21
CA LEU A 661 -9.85 -40.87 -19.61
C LEU A 661 -10.66 -39.73 -20.23
N THR A 662 -10.34 -39.38 -21.47
CA THR A 662 -10.94 -38.24 -22.13
C THR A 662 -12.18 -38.64 -22.93
N VAL A 663 -13.25 -37.88 -22.75
CA VAL A 663 -14.40 -37.91 -23.64
C VAL A 663 -14.37 -36.59 -24.39
N GLY A 664 -14.17 -36.66 -25.69
CA GLY A 664 -13.89 -35.44 -26.43
C GLY A 664 -14.13 -35.55 -27.91
N THR A 665 -14.25 -34.39 -28.53
CA THR A 665 -14.29 -34.23 -29.97
C THR A 665 -12.88 -34.29 -30.54
N LEU A 666 -12.79 -34.55 -31.84
CA LEU A 666 -11.49 -34.75 -32.48
C LEU A 666 -10.97 -33.40 -32.96
N ASP A 667 -10.41 -32.65 -32.01
CA ASP A 667 -9.95 -31.30 -32.26
C ASP A 667 -9.03 -30.91 -31.11
N GLY A 668 -8.26 -29.85 -31.33
CA GLY A 668 -7.42 -29.35 -30.24
C GLY A 668 -6.47 -30.41 -29.73
N ALA A 669 -6.21 -30.38 -28.42
CA ALA A 669 -5.24 -31.30 -27.84
C ALA A 669 -5.72 -32.74 -27.85
N ASN A 670 -7.02 -32.98 -28.00
CA ASN A 670 -7.50 -34.35 -28.08
C ASN A 670 -6.87 -35.11 -29.22
N VAL A 671 -6.57 -34.44 -30.34
CA VAL A 671 -5.94 -35.10 -31.47
C VAL A 671 -4.63 -35.75 -31.04
N GLU A 672 -3.77 -34.97 -30.37
CA GLU A 672 -2.44 -35.48 -30.03
C GLU A 672 -2.51 -36.49 -28.88
N ILE A 673 -3.37 -36.25 -27.89
CA ILE A 673 -3.59 -37.26 -26.85
C ILE A 673 -4.05 -38.57 -27.48
N ALA A 674 -5.05 -38.51 -28.37
CA ALA A 674 -5.58 -39.74 -28.94
C ALA A 674 -4.51 -40.50 -29.72
N GLU A 675 -3.67 -39.77 -30.45
CA GLU A 675 -2.58 -40.40 -31.18
C GLU A 675 -1.62 -41.09 -30.22
N GLN A 676 -1.23 -40.41 -29.15
CA GLN A 676 -0.25 -40.99 -28.23
C GLN A 676 -0.84 -42.17 -27.45
N VAL A 677 -2.06 -42.04 -26.93
CA VAL A 677 -2.56 -43.06 -26.01
C VAL A 677 -3.24 -44.22 -26.72
N GLY A 678 -3.71 -44.03 -27.94
CA GLY A 678 -4.35 -45.10 -28.68
C GLY A 678 -5.86 -45.08 -28.57
N GLU A 679 -6.52 -45.48 -29.66
CA GLU A 679 -7.97 -45.30 -29.77
C GLU A 679 -8.73 -46.09 -28.70
N GLU A 680 -8.18 -47.24 -28.29
CA GLU A 680 -8.79 -48.06 -27.25
C GLU A 680 -8.82 -47.38 -25.89
N ASN A 681 -8.01 -46.35 -25.67
CA ASN A 681 -7.85 -45.76 -24.35
C ASN A 681 -8.38 -44.33 -24.29
N ILE A 682 -9.29 -43.96 -25.20
CA ILE A 682 -9.91 -42.64 -25.23
C ILE A 682 -11.31 -42.80 -25.84
N PHE A 683 -12.16 -41.80 -25.63
CA PHE A 683 -13.54 -41.83 -26.11
C PHE A 683 -13.79 -40.63 -27.03
N ILE A 684 -13.33 -40.72 -28.26
CA ILE A 684 -13.58 -39.68 -29.25
C ILE A 684 -15.00 -39.84 -29.81
N PHE A 685 -15.71 -38.72 -30.02
CA PHE A 685 -17.09 -38.78 -30.49
C PHE A 685 -17.43 -37.56 -31.33
N GLY A 686 -18.59 -37.63 -31.99
CA GLY A 686 -19.22 -36.45 -32.55
C GLY A 686 -18.72 -36.09 -33.93
N HIS A 687 -19.26 -34.98 -34.44
CA HIS A 687 -18.91 -34.53 -35.77
C HIS A 687 -17.47 -34.04 -35.83
N THR A 688 -16.79 -34.33 -36.93
CA THR A 688 -15.44 -33.85 -37.18
C THR A 688 -15.45 -32.38 -37.56
N VAL A 689 -14.25 -31.81 -37.67
CA VAL A 689 -14.12 -30.43 -38.12
C VAL A 689 -14.80 -30.25 -39.48
N GLU A 690 -14.49 -31.13 -40.43
CA GLU A 690 -15.09 -31.06 -41.75
C GLU A 690 -16.61 -31.31 -41.71
N GLU A 691 -17.03 -32.29 -40.91
CA GLU A 691 -18.46 -32.58 -40.83
C GLU A 691 -19.25 -31.43 -40.23
N VAL A 692 -18.66 -30.70 -39.28
CA VAL A 692 -19.32 -29.52 -38.71
C VAL A 692 -19.52 -28.46 -39.79
N LYS A 693 -18.47 -28.18 -40.57
CA LYS A 693 -18.56 -27.14 -41.59
C LYS A 693 -19.61 -27.51 -42.65
N ALA A 694 -19.58 -28.76 -43.12
CA ALA A 694 -20.52 -29.19 -44.16
C ALA A 694 -21.96 -29.17 -43.67
N LEU A 695 -22.18 -29.55 -42.40
CA LEU A 695 -23.54 -29.57 -41.88
C LEU A 695 -24.13 -28.16 -41.88
N LYS A 696 -23.34 -27.17 -41.45
CA LYS A 696 -23.83 -25.79 -41.43
C LYS A 696 -24.13 -25.28 -42.85
N ALA A 697 -23.31 -25.67 -43.82
CA ALA A 697 -23.50 -25.19 -45.20
C ALA A 697 -24.71 -25.84 -45.85
N LYS A 698 -25.01 -27.10 -45.52
CA LYS A 698 -26.26 -27.70 -45.95
C LYS A 698 -27.47 -27.06 -45.27
N GLY A 699 -27.27 -26.06 -44.42
CA GLY A 699 -28.35 -25.46 -43.66
C GLY A 699 -28.79 -26.34 -42.51
N TYR A 700 -28.14 -26.17 -41.36
CA TYR A 700 -28.44 -26.98 -40.18
C TYR A 700 -29.58 -26.33 -39.41
N ASP A 701 -30.60 -27.10 -39.07
CA ASP A 701 -31.76 -26.58 -38.35
C ASP A 701 -31.99 -27.42 -37.10
N PRO A 702 -31.57 -26.93 -35.94
CA PRO A 702 -31.75 -27.73 -34.72
C PRO A 702 -33.19 -28.11 -34.45
N LEU A 703 -34.16 -27.25 -34.80
CA LEU A 703 -35.57 -27.60 -34.64
C LEU A 703 -35.89 -28.94 -35.30
N LYS A 704 -35.32 -29.17 -36.49
CA LYS A 704 -35.56 -30.43 -37.19
C LYS A 704 -35.00 -31.60 -36.40
N TRP A 705 -33.79 -31.44 -35.85
CA TRP A 705 -33.19 -32.50 -35.05
C TRP A 705 -34.03 -32.81 -33.81
N ARG A 706 -34.54 -31.76 -33.15
CA ARG A 706 -35.35 -31.99 -31.96
C ARG A 706 -36.59 -32.83 -32.26
N LYS A 707 -37.23 -32.60 -33.42
CA LYS A 707 -38.49 -33.31 -33.67
C LYS A 707 -38.27 -34.80 -33.97
N LYS A 708 -37.07 -35.19 -34.40
CA LYS A 708 -36.76 -36.59 -34.67
C LYS A 708 -36.16 -37.34 -33.49
N ASP A 709 -35.97 -36.69 -32.34
CA ASP A 709 -35.27 -37.30 -31.19
C ASP A 709 -36.10 -37.11 -29.92
N LYS A 710 -36.80 -38.17 -29.48
CA LYS A 710 -37.74 -38.02 -28.37
C LYS A 710 -37.04 -37.77 -27.05
N LEU A 711 -35.83 -38.29 -26.86
CA LEU A 711 -35.10 -38.05 -25.60
C LEU A 711 -34.67 -36.59 -25.52
N LEU A 712 -34.07 -36.09 -26.61
CA LEU A 712 -33.68 -34.69 -26.70
C LEU A 712 -34.88 -33.77 -26.49
N ASP A 713 -36.00 -34.07 -27.13
CA ASP A 713 -37.18 -33.24 -26.93
C ASP A 713 -37.61 -33.23 -25.48
N ALA A 714 -37.50 -34.38 -24.80
CA ALA A 714 -38.00 -34.50 -23.44
C ALA A 714 -37.17 -33.70 -22.45
N VAL A 715 -35.84 -33.75 -22.58
CA VAL A 715 -35.00 -33.02 -21.62
C VAL A 715 -35.13 -31.52 -21.86
N LEU A 716 -35.25 -31.11 -23.12
CA LEU A 716 -35.47 -29.69 -23.38
C LEU A 716 -36.81 -29.23 -22.82
N LYS A 717 -37.84 -30.09 -22.86
CA LYS A 717 -39.12 -29.71 -22.26
C LYS A 717 -38.97 -29.47 -20.77
N GLU A 718 -38.14 -30.26 -20.10
CA GLU A 718 -37.93 -30.06 -18.68
C GLU A 718 -37.36 -28.67 -18.40
N LEU A 719 -36.56 -28.13 -19.32
CA LEU A 719 -35.99 -26.80 -19.13
C LEU A 719 -36.97 -25.69 -19.48
N GLU A 720 -38.04 -26.03 -20.21
CA GLU A 720 -39.02 -25.05 -20.70
C GLU A 720 -40.21 -24.86 -19.77
N ASN A 721 -40.55 -25.85 -18.95
CA ASN A 721 -41.83 -25.88 -18.27
C ASN A 721 -41.74 -25.63 -16.76
N GLY A 722 -40.65 -24.99 -16.30
CA GLY A 722 -40.52 -24.63 -14.89
C GLY A 722 -40.16 -25.77 -13.95
N THR A 723 -39.78 -26.94 -14.48
CA THR A 723 -39.46 -28.06 -13.61
C THR A 723 -38.38 -27.70 -12.58
N TYR A 724 -37.30 -27.06 -13.03
CA TYR A 724 -36.18 -26.73 -12.16
C TYR A 724 -36.21 -25.29 -11.69
N SER A 725 -37.36 -24.64 -11.84
CA SER A 725 -37.45 -23.18 -11.82
C SER A 725 -38.54 -22.71 -10.87
N ASN A 726 -39.07 -23.59 -10.03
CA ASN A 726 -40.28 -23.33 -9.26
C ASN A 726 -41.37 -22.68 -10.13
N GLY A 727 -41.55 -23.20 -11.34
CA GLY A 727 -42.63 -22.80 -12.20
C GLY A 727 -42.32 -21.71 -13.20
N ASP A 728 -41.17 -21.05 -13.08
CA ASP A 728 -40.82 -19.97 -14.00
C ASP A 728 -40.34 -20.56 -15.32
N LYS A 729 -41.19 -20.48 -16.34
CA LYS A 729 -40.90 -21.05 -17.64
C LYS A 729 -39.90 -20.21 -18.45
N HIS A 730 -39.57 -19.00 -18.01
CA HIS A 730 -38.64 -18.13 -18.71
C HIS A 730 -37.24 -18.13 -18.10
N ALA A 731 -37.01 -18.93 -17.06
CA ALA A 731 -35.71 -18.95 -16.37
C ALA A 731 -34.53 -19.10 -17.32
N PHE A 732 -34.62 -20.05 -18.25
CA PHE A 732 -33.52 -20.41 -19.14
C PHE A 732 -33.79 -19.97 -20.57
N ASP A 733 -34.45 -18.83 -20.72
CA ASP A 733 -34.86 -18.35 -22.04
C ASP A 733 -33.66 -18.12 -22.94
N GLN A 734 -32.56 -17.58 -22.40
CA GLN A 734 -31.44 -17.27 -23.28
C GLN A 734 -30.73 -18.52 -23.75
N MET A 735 -30.54 -19.49 -22.86
CA MET A 735 -29.89 -20.74 -23.27
C MET A 735 -30.78 -21.50 -24.25
N LEU A 736 -32.06 -21.65 -23.93
CA LEU A 736 -32.97 -22.36 -24.84
C LEU A 736 -33.03 -21.71 -26.21
N HIS A 737 -33.10 -20.37 -26.24
CA HIS A 737 -33.15 -19.69 -27.53
C HIS A 737 -31.90 -19.98 -28.35
N SER A 738 -30.71 -19.92 -27.73
CA SER A 738 -29.49 -20.16 -28.50
C SER A 738 -29.48 -21.56 -29.12
N LEU A 739 -30.13 -22.52 -28.47
CA LEU A 739 -30.18 -23.91 -28.94
C LEU A 739 -31.23 -24.14 -30.02
N LEU A 740 -32.22 -23.26 -30.15
CA LEU A 740 -33.40 -23.55 -30.94
C LEU A 740 -33.61 -22.48 -32.00
N GLN A 741 -34.43 -21.46 -31.71
CA GLN A 741 -34.67 -20.44 -32.72
C GLN A 741 -33.39 -19.68 -33.07
N GLY A 742 -32.44 -19.61 -32.14
CA GLY A 742 -31.14 -19.03 -32.41
C GLY A 742 -30.25 -19.87 -33.31
N GLY A 743 -30.61 -21.12 -33.55
CA GLY A 743 -29.95 -21.92 -34.56
C GLY A 743 -28.84 -22.83 -34.09
N ASP A 744 -28.60 -22.93 -32.78
CA ASP A 744 -27.61 -23.87 -32.25
C ASP A 744 -26.29 -23.77 -33.01
N PRO A 745 -25.65 -22.60 -33.02
CA PRO A 745 -24.44 -22.41 -33.86
C PRO A 745 -23.29 -23.34 -33.51
N TYR A 746 -23.23 -23.88 -32.30
CA TYR A 746 -22.14 -24.77 -31.88
C TYR A 746 -22.58 -26.23 -31.82
N LEU A 747 -23.75 -26.55 -32.35
CA LEU A 747 -24.12 -27.93 -32.68
C LEU A 747 -24.25 -28.81 -31.44
N VAL A 748 -24.86 -28.26 -30.39
CA VAL A 748 -25.17 -29.06 -29.20
C VAL A 748 -26.13 -30.20 -29.54
N LEU A 749 -27.21 -29.89 -30.25
CA LEU A 749 -28.19 -30.92 -30.58
C LEU A 749 -27.60 -31.93 -31.55
N ALA A 750 -26.79 -31.45 -32.51
CA ALA A 750 -26.25 -32.35 -33.53
C ALA A 750 -25.32 -33.39 -32.94
N ASP A 751 -24.61 -33.08 -31.85
CA ASP A 751 -23.69 -34.03 -31.25
C ASP A 751 -24.30 -34.80 -30.09
N PHE A 752 -25.54 -34.48 -29.69
CA PHE A 752 -26.11 -35.02 -28.47
C PHE A 752 -26.09 -36.56 -28.45
N GLU A 753 -26.70 -37.20 -29.45
CA GLU A 753 -26.77 -38.66 -29.40
C GLU A 753 -25.39 -39.31 -29.52
N ALA A 754 -24.51 -38.75 -30.34
CA ALA A 754 -23.13 -39.27 -30.38
C ALA A 754 -22.49 -39.19 -28.99
N TYR A 755 -22.77 -38.11 -28.26
CA TYR A 755 -22.22 -37.94 -26.92
C TYR A 755 -22.83 -38.91 -25.93
N VAL A 756 -24.15 -39.08 -25.98
CA VAL A 756 -24.81 -40.07 -25.11
C VAL A 756 -24.22 -41.45 -25.35
N ALA A 757 -23.95 -41.78 -26.62
CA ALA A 757 -23.45 -43.11 -26.94
C ALA A 757 -22.04 -43.30 -26.41
N ALA A 758 -21.20 -42.28 -26.53
CA ALA A 758 -19.84 -42.38 -26.01
C ALA A 758 -19.88 -42.53 -24.49
N GLN A 759 -20.81 -41.84 -23.82
CA GLN A 759 -20.87 -41.95 -22.37
C GLN A 759 -21.37 -43.31 -21.91
N LYS A 760 -22.12 -44.03 -22.74
CA LYS A 760 -22.48 -45.41 -22.39
C LYS A 760 -21.27 -46.32 -22.48
N ARG A 761 -20.38 -46.08 -23.45
CA ARG A 761 -19.13 -46.85 -23.50
C ARG A 761 -18.26 -46.58 -22.27
N VAL A 762 -18.36 -45.39 -21.68
CA VAL A 762 -17.65 -45.12 -20.42
C VAL A 762 -18.14 -46.05 -19.32
N ASP A 763 -19.46 -46.16 -19.18
CA ASP A 763 -20.02 -47.09 -18.20
C ASP A 763 -19.41 -48.47 -18.37
N GLU A 764 -19.41 -48.97 -19.61
CA GLU A 764 -19.01 -50.36 -19.87
C GLU A 764 -17.54 -50.61 -19.53
N LEU A 765 -16.66 -49.65 -19.83
CA LEU A 765 -15.27 -49.82 -19.43
C LEU A 765 -15.10 -49.69 -17.93
N TYR A 766 -15.78 -48.70 -17.32
CA TYR A 766 -15.61 -48.49 -15.90
C TYR A 766 -16.04 -49.70 -15.08
N ARG A 767 -16.92 -50.54 -15.65
CA ARG A 767 -17.40 -51.74 -14.95
CA ARG A 767 -17.39 -51.72 -14.93
C ARG A 767 -16.28 -52.75 -14.71
N ASP A 768 -15.29 -52.80 -15.60
CA ASP A 768 -14.14 -53.68 -15.45
C ASP A 768 -13.00 -52.81 -14.91
N GLU A 769 -12.79 -52.84 -13.60
CA GLU A 769 -11.78 -51.92 -13.07
C GLU A 769 -10.37 -52.28 -13.52
N GLU A 770 -10.12 -53.53 -13.95
CA GLU A 770 -8.82 -53.85 -14.53
C GLU A 770 -8.63 -53.17 -15.88
N ALA A 771 -9.63 -53.27 -16.76
CA ALA A 771 -9.52 -52.65 -18.07
C ALA A 771 -9.49 -51.14 -17.96
N TRP A 772 -10.28 -50.59 -17.03
CA TRP A 772 -10.25 -49.14 -16.81
C TRP A 772 -8.88 -48.70 -16.30
N THR A 773 -8.40 -49.36 -15.25
CA THR A 773 -7.11 -48.99 -14.69
C THR A 773 -6.01 -49.12 -15.72
N ARG A 774 -6.04 -50.19 -16.53
CA ARG A 774 -5.06 -50.34 -17.60
C ARG A 774 -5.07 -49.13 -18.54
N ALA A 775 -6.25 -48.74 -19.01
CA ALA A 775 -6.34 -47.57 -19.91
C ALA A 775 -5.81 -46.31 -19.23
N ALA A 776 -6.14 -46.11 -17.96
CA ALA A 776 -5.68 -44.91 -17.25
C ALA A 776 -4.16 -44.91 -17.12
N ILE A 777 -3.59 -46.05 -16.73
CA ILE A 777 -2.13 -46.16 -16.62
C ILE A 777 -1.48 -45.80 -17.95
N LEU A 778 -2.04 -46.29 -19.05
CA LEU A 778 -1.45 -46.02 -20.36
C LEU A 778 -1.65 -44.57 -20.78
N ASN A 779 -2.62 -43.86 -20.22
CA ASN A 779 -2.69 -42.42 -20.49
C ASN A 779 -1.55 -41.70 -19.77
N THR A 780 -1.29 -42.07 -18.52
CA THR A 780 -0.15 -41.53 -17.81
C THR A 780 1.16 -41.85 -18.53
N ALA A 781 1.28 -43.09 -18.99
CA ALA A 781 2.56 -43.57 -19.52
C ALA A 781 2.91 -42.90 -20.84
N ARG A 782 1.91 -42.59 -21.67
CA ARG A 782 2.19 -42.20 -23.05
C ARG A 782 2.08 -40.72 -23.31
N CYS A 783 1.89 -39.90 -22.27
CA CYS A 783 1.69 -38.46 -22.42
C CYS A 783 2.91 -37.63 -21.98
N GLY A 784 4.08 -38.25 -21.86
CA GLY A 784 5.27 -37.52 -21.45
C GLY A 784 5.62 -36.36 -22.36
N MET A 785 5.21 -36.43 -23.62
CA MET A 785 5.52 -35.35 -24.56
C MET A 785 4.85 -34.03 -24.19
N PHE A 786 3.84 -34.05 -23.33
CA PHE A 786 3.11 -32.84 -22.98
C PHE A 786 3.78 -32.05 -21.85
N SER A 787 5.01 -32.41 -21.48
CA SER A 787 5.77 -31.60 -20.53
C SER A 787 6.16 -30.27 -21.16
N SER A 788 5.96 -29.19 -20.41
CA SER A 788 6.40 -27.88 -20.89
C SER A 788 7.92 -27.80 -20.99
N ASP A 789 8.67 -28.72 -20.36
CA ASP A 789 10.11 -28.76 -20.59
C ASP A 789 10.42 -29.04 -22.05
N ARG A 790 9.66 -29.96 -22.67
CA ARG A 790 9.79 -30.24 -24.09
C ARG A 790 9.41 -29.03 -24.94
N SER A 791 8.34 -28.33 -24.54
CA SER A 791 7.95 -27.09 -25.23
C SER A 791 9.12 -26.11 -25.27
N ILE A 792 9.76 -25.90 -24.11
CA ILE A 792 10.85 -24.92 -24.01
C ILE A 792 12.03 -25.33 -24.90
N ARG A 793 12.39 -26.61 -24.87
N ARG A 793 12.39 -26.61 -24.89
CA ARG A 793 13.47 -27.10 -25.72
CA ARG A 793 13.50 -27.03 -25.73
C ARG A 793 13.18 -26.82 -27.20
C ARG A 793 13.19 -26.84 -27.22
N ASP A 794 11.93 -27.02 -27.61
CA ASP A 794 11.53 -26.67 -28.97
C ASP A 794 11.65 -25.17 -29.23
N TYR A 795 11.18 -24.32 -28.31
CA TYR A 795 11.35 -22.89 -28.51
C TYR A 795 12.83 -22.53 -28.64
N GLN A 796 13.69 -23.13 -27.81
CA GLN A 796 15.13 -22.83 -27.85
C GLN A 796 15.72 -23.17 -29.21
N GLN A 797 15.48 -24.40 -29.68
CA GLN A 797 16.07 -24.88 -30.92
C GLN A 797 15.53 -24.12 -32.13
N ARG A 798 14.23 -23.81 -32.13
CA ARG A 798 13.59 -23.28 -33.31
C ARG A 798 13.60 -21.77 -33.39
N ILE A 799 13.71 -21.08 -32.24
CA ILE A 799 13.47 -19.63 -32.21
C ILE A 799 14.50 -18.92 -31.32
N TRP A 800 14.46 -19.17 -30.02
CA TRP A 800 15.22 -18.33 -29.08
C TRP A 800 16.73 -18.45 -29.28
N GLN A 801 17.25 -19.68 -29.50
CA GLN A 801 18.69 -19.86 -29.67
C GLN A 801 19.06 -20.14 -31.12
N ALA A 802 18.16 -19.89 -32.05
CA ALA A 802 18.45 -20.15 -33.45
C ALA A 802 19.28 -19.02 -34.05
N LYS A 803 19.91 -19.30 -35.18
CA LYS A 803 20.64 -18.26 -35.89
C LYS A 803 19.66 -17.41 -36.68
N ARG A 804 19.84 -16.09 -36.64
CA ARG A 804 18.93 -15.18 -37.33
C ARG A 804 19.28 -15.05 -38.80
N GLN B 11 22.48 -1.46 29.12
CA GLN B 11 22.26 -1.16 27.70
C GLN B 11 23.07 -2.09 26.79
N THR B 12 22.35 -2.87 25.97
CA THR B 12 22.99 -3.82 25.06
C THR B 12 23.83 -3.10 24.01
N THR B 13 25.07 -3.57 23.84
CA THR B 13 26.05 -2.86 23.05
C THR B 13 25.91 -3.22 21.58
N PHE B 14 26.42 -2.32 20.73
CA PHE B 14 26.32 -2.50 19.29
C PHE B 14 27.11 -3.73 18.84
N ASN B 15 26.45 -4.58 18.05
CA ASN B 15 27.01 -5.84 17.59
C ASN B 15 27.27 -5.72 16.09
N LYS B 16 28.54 -5.50 15.74
CA LYS B 16 28.85 -5.17 14.35
C LYS B 16 28.50 -6.32 13.40
N ALA B 17 28.80 -7.56 13.78
CA ALA B 17 28.48 -8.68 12.90
C ALA B 17 26.97 -8.84 12.71
N GLN B 18 26.19 -8.66 13.78
CA GLN B 18 24.74 -8.71 13.65
C GLN B 18 24.21 -7.60 12.74
N PHE B 19 24.78 -6.41 12.85
CA PHE B 19 24.39 -5.31 11.98
C PHE B 19 24.71 -5.63 10.51
N GLN B 20 25.88 -6.22 10.28
CA GLN B 20 26.28 -6.59 8.92
C GLN B 20 25.32 -7.62 8.33
N ALA B 21 24.96 -8.63 9.11
CA ALA B 21 24.04 -9.64 8.60
C ALA B 21 22.67 -9.05 8.34
N ALA B 22 22.24 -8.10 9.20
CA ALA B 22 20.94 -7.45 8.98
C ALA B 22 20.97 -6.55 7.75
N LEU B 23 22.08 -5.85 7.52
CA LEU B 23 22.19 -4.98 6.36
C LEU B 23 22.19 -5.82 5.08
N THR B 24 22.89 -6.94 5.10
CA THR B 24 22.87 -7.85 3.96
C THR B 24 21.44 -8.31 3.66
N ARG B 25 20.68 -8.68 4.69
CA ARG B 25 19.30 -9.10 4.42
C ARG B 25 18.50 -7.98 3.76
N GLN B 26 18.80 -6.73 4.10
CA GLN B 26 18.02 -5.61 3.54
C GLN B 26 18.24 -5.46 2.04
N TRP B 27 19.51 -5.41 1.59
CA TRP B 27 19.68 -5.19 0.17
C TRP B 27 19.38 -6.45 -0.64
N GLN B 28 19.42 -7.63 -0.03
CA GLN B 28 18.95 -8.83 -0.71
C GLN B 28 17.45 -8.76 -0.91
N HIS B 29 16.74 -8.21 0.07
CA HIS B 29 15.30 -8.08 -0.02
C HIS B 29 14.89 -7.07 -1.09
N PHE B 30 15.73 -6.07 -1.34
CA PHE B 30 15.52 -5.14 -2.44
C PHE B 30 15.75 -5.79 -3.80
N GLY B 31 16.38 -6.97 -3.83
CA GLY B 31 16.73 -7.61 -5.08
C GLY B 31 18.06 -7.17 -5.67
N LEU B 32 18.98 -6.70 -4.85
CA LEU B 32 20.27 -6.23 -5.33
C LEU B 32 21.32 -7.32 -5.14
N GLN B 33 22.46 -7.14 -5.82
CA GLN B 33 23.56 -8.10 -5.74
C GLN B 33 24.63 -7.69 -4.74
N SER B 34 24.66 -6.44 -4.32
CA SER B 34 25.63 -6.01 -3.32
C SER B 34 25.13 -4.73 -2.67
N ALA B 35 25.74 -4.41 -1.53
CA ALA B 35 25.40 -3.18 -0.86
C ALA B 35 25.75 -1.97 -1.72
N SER B 36 26.83 -2.07 -2.51
CA SER B 36 27.26 -0.91 -3.29
C SER B 36 26.29 -0.56 -4.41
N GLU B 37 25.37 -1.44 -4.75
CA GLU B 37 24.40 -1.08 -5.77
C GLU B 37 23.32 -0.13 -5.26
N MET B 38 23.19 0.04 -3.95
CA MET B 38 22.10 0.86 -3.42
C MET B 38 22.26 2.33 -3.79
N THR B 39 21.13 2.95 -4.10
CA THR B 39 21.08 4.40 -4.14
C THR B 39 21.15 4.95 -2.71
N GLN B 40 21.37 6.26 -2.60
CA GLN B 40 21.42 6.89 -1.28
C GLN B 40 20.10 6.71 -0.52
N ARG B 41 18.98 6.73 -1.22
CA ARG B 41 17.70 6.47 -0.56
C ARG B 41 17.62 5.03 -0.06
N GLN B 42 18.00 4.07 -0.91
CA GLN B 42 18.02 2.67 -0.49
C GLN B 42 18.94 2.48 0.72
N TRP B 43 20.11 3.13 0.72
CA TRP B 43 21.01 3.05 1.86
C TRP B 43 20.32 3.48 3.15
N TRP B 44 19.57 4.58 3.12
CA TRP B 44 18.91 5.00 4.34
C TRP B 44 17.83 3.99 4.75
N ARG B 45 17.04 3.50 3.79
CA ARG B 45 16.03 2.51 4.12
C ARG B 45 16.66 1.24 4.68
N ALA B 46 17.79 0.81 4.08
CA ALA B 46 18.41 -0.45 4.52
C ALA B 46 19.05 -0.31 5.89
N VAL B 47 19.75 0.80 6.15
CA VAL B 47 20.36 0.97 7.48
C VAL B 47 19.27 1.05 8.54
N SER B 48 18.21 1.79 8.25
CA SER B 48 17.12 1.95 9.21
C SER B 48 16.40 0.64 9.45
N GLY B 49 16.14 -0.10 8.37
CA GLY B 49 15.50 -1.40 8.51
C GLY B 49 16.38 -2.40 9.25
N ALA B 50 17.69 -2.39 8.98
CA ALA B 50 18.61 -3.27 9.71
C ALA B 50 18.58 -2.96 11.21
N LEU B 51 18.67 -1.68 11.55
CA LEU B 51 18.57 -1.29 12.96
C LEU B 51 17.22 -1.69 13.56
N ALA B 52 16.15 -1.60 12.78
CA ALA B 52 14.85 -1.99 13.30
C ALA B 52 14.82 -3.49 13.59
N GLU B 53 15.47 -4.29 12.74
CA GLU B 53 15.54 -5.73 12.98
C GLU B 53 16.29 -6.02 14.27
N LEU B 54 17.45 -5.38 14.46
CA LEU B 54 18.22 -5.57 15.68
C LEU B 54 17.41 -5.13 16.91
N LEU B 55 16.71 -4.01 16.80
CA LEU B 55 15.89 -3.55 17.92
C LEU B 55 14.83 -4.58 18.27
N ALA B 56 14.17 -5.16 17.25
CA ALA B 56 13.10 -6.10 17.48
C ALA B 56 13.58 -7.42 18.04
N ALA B 57 14.87 -7.70 17.93
CA ALA B 57 15.46 -8.87 18.56
C ALA B 57 15.89 -8.60 20.00
N GLN B 58 15.86 -7.35 20.46
CA GLN B 58 16.29 -7.05 21.81
C GLN B 58 15.25 -7.54 22.82
N PRO B 59 15.69 -8.02 23.98
CA PRO B 59 14.72 -8.45 25.00
C PRO B 59 13.97 -7.25 25.55
N VAL B 60 12.67 -7.44 25.78
CA VAL B 60 11.80 -6.36 26.22
C VAL B 60 11.99 -6.15 27.73
N ALA B 61 12.54 -5.01 28.11
CA ALA B 61 12.62 -4.65 29.52
C ALA B 61 11.21 -4.59 30.12
N LYS B 62 10.98 -5.37 31.19
CA LYS B 62 9.65 -5.53 31.75
C LYS B 62 9.22 -4.32 32.57
N PRO B 63 7.90 -4.09 32.68
CA PRO B 63 7.42 -2.89 33.38
C PRO B 63 7.56 -2.99 34.89
N ALA B 64 7.51 -1.83 35.53
CA ALA B 64 7.60 -1.75 36.98
C ALA B 64 6.28 -2.19 37.60
N GLN B 65 6.34 -3.18 38.48
CA GLN B 65 5.14 -3.65 39.16
C GLN B 65 4.52 -2.54 39.99
N GLY B 66 3.20 -2.59 40.12
CA GLY B 66 2.49 -1.60 40.91
C GLY B 66 2.48 -0.19 40.36
N GLN B 67 2.70 -0.04 39.06
CA GLN B 67 2.61 1.25 38.38
C GLN B 67 1.52 1.17 37.31
N ARG B 68 0.63 2.15 37.28
CA ARG B 68 -0.31 2.24 36.17
C ARG B 68 0.42 2.44 34.84
N HIS B 69 -0.12 1.83 33.80
CA HIS B 69 0.33 2.04 32.43
C HIS B 69 -0.43 3.25 31.88
N VAL B 70 0.28 4.12 31.17
CA VAL B 70 -0.26 5.36 30.66
C VAL B 70 -0.62 5.19 29.19
N ASN B 71 -1.82 5.61 28.83
CA ASN B 71 -2.29 5.70 27.46
C ASN B 71 -2.42 7.17 27.10
N TYR B 72 -1.52 7.66 26.27
CA TYR B 72 -1.41 9.08 25.97
C TYR B 72 -2.01 9.32 24.60
N ILE B 73 -3.19 9.96 24.55
CA ILE B 73 -3.95 10.15 23.32
C ILE B 73 -3.80 11.59 22.83
N SER B 74 -3.28 11.74 21.61
CA SER B 74 -3.05 13.04 21.03
C SER B 74 -3.33 13.00 19.54
N MET B 75 -3.90 14.08 19.02
CA MET B 75 -4.19 14.12 17.59
C MET B 75 -2.98 14.54 16.77
N GLU B 76 -1.87 14.87 17.41
CA GLU B 76 -0.62 15.08 16.70
C GLU B 76 0.55 14.57 17.54
N PHE B 77 1.55 14.04 16.83
CA PHE B 77 2.83 13.62 17.40
C PHE B 77 3.91 14.13 16.45
N LEU B 78 4.59 15.21 16.83
CA LEU B 78 5.59 15.80 15.93
C LEU B 78 6.95 15.21 16.31
N ILE B 79 7.16 13.99 15.85
CA ILE B 79 8.26 13.19 16.35
C ILE B 79 9.59 13.55 15.72
N GLY B 80 9.61 14.14 14.53
CA GLY B 80 10.87 14.39 13.82
C GLY B 80 11.49 13.09 13.31
N ARG B 81 12.67 13.22 12.70
CA ARG B 81 13.41 12.04 12.24
C ARG B 81 13.70 11.10 13.40
N LEU B 82 13.64 9.78 13.12
CA LEU B 82 13.83 8.80 14.17
C LEU B 82 15.18 8.09 14.16
N THR B 83 15.84 7.95 13.02
CA THR B 83 17.00 7.04 12.99
C THR B 83 18.14 7.53 13.88
N GLY B 84 18.52 8.80 13.75
CA GLY B 84 19.57 9.34 14.61
C GLY B 84 19.22 9.31 16.09
N ASN B 85 17.96 9.65 16.41
CA ASN B 85 17.51 9.64 17.80
C ASN B 85 17.58 8.25 18.38
N ASN B 86 17.18 7.25 17.60
CA ASN B 86 17.21 5.89 18.10
C ASN B 86 18.64 5.44 18.36
N LEU B 87 19.57 5.78 17.46
CA LEU B 87 20.97 5.42 17.67
C LEU B 87 21.53 6.06 18.94
N LEU B 88 21.21 7.34 19.18
CA LEU B 88 21.68 8.01 20.39
C LEU B 88 21.15 7.32 21.64
N ASN B 89 19.85 6.98 21.64
CA ASN B 89 19.25 6.37 22.82
C ASN B 89 19.80 4.97 23.07
N LEU B 90 20.12 4.22 22.00
CA LEU B 90 20.72 2.90 22.19
C LEU B 90 22.21 2.97 22.49
N GLY B 91 22.86 4.09 22.18
CA GLY B 91 24.29 4.19 22.33
C GLY B 91 25.07 3.51 21.21
N TRP B 92 24.44 3.35 20.05
CA TRP B 92 25.02 2.67 18.91
C TRP B 92 25.53 3.61 17.83
N TYR B 93 25.47 4.92 18.03
CA TYR B 93 25.79 5.83 16.94
C TYR B 93 27.22 5.61 16.42
N GLU B 94 28.20 5.55 17.33
CA GLU B 94 29.58 5.44 16.87
C GLU B 94 29.84 4.10 16.19
N GLY B 95 29.26 3.02 16.73
CA GLY B 95 29.46 1.72 16.12
C GLY B 95 28.92 1.66 14.71
N VAL B 96 27.73 2.22 14.48
CA VAL B 96 27.16 2.25 13.15
C VAL B 96 27.94 3.17 12.24
N SER B 97 28.32 4.35 12.75
CA SER B 97 29.12 5.27 11.94
C SER B 97 30.36 4.57 11.40
N ASP B 98 31.07 3.84 12.26
CA ASP B 98 32.31 3.20 11.84
C ASP B 98 32.04 2.04 10.88
N ALA B 99 31.01 1.24 11.14
CA ALA B 99 30.69 0.15 10.23
C ALA B 99 30.42 0.68 8.82
N LEU B 100 29.75 1.81 8.72
CA LEU B 100 29.39 2.34 7.40
C LEU B 100 30.59 2.93 6.67
N LYS B 101 31.57 3.48 7.39
CA LYS B 101 32.81 3.91 6.74
C LYS B 101 33.43 2.78 5.94
N GLY B 102 33.30 1.54 6.43
CA GLY B 102 33.76 0.38 5.67
C GLY B 102 33.08 0.20 4.34
N TYR B 103 31.88 0.78 4.16
CA TYR B 103 31.18 0.80 2.87
C TYR B 103 31.36 2.12 2.14
N ASP B 104 32.24 3.00 2.62
CA ASP B 104 32.34 4.38 2.14
C ASP B 104 30.98 5.09 2.19
N VAL B 105 30.27 4.92 3.30
CA VAL B 105 29.01 5.63 3.54
C VAL B 105 29.18 6.52 4.76
N ASN B 106 28.73 7.77 4.65
CA ASN B 106 28.85 8.77 5.70
C ASN B 106 27.50 8.81 6.42
N LEU B 107 27.50 8.41 7.69
CA LEU B 107 26.26 8.28 8.43
C LEU B 107 25.52 9.61 8.54
N THR B 108 26.21 10.70 8.91
CA THR B 108 25.45 11.93 9.14
C THR B 108 24.76 12.38 7.86
N ASP B 109 25.41 12.19 6.71
CA ASP B 109 24.78 12.56 5.45
C ASP B 109 23.62 11.64 5.12
N LEU B 110 23.74 10.35 5.46
CA LEU B 110 22.66 9.41 5.17
C LEU B 110 21.39 9.78 5.92
N LEU B 111 21.54 10.27 7.15
CA LEU B 111 20.38 10.61 7.97
C LEU B 111 19.51 11.68 7.33
N GLU B 112 20.10 12.54 6.50
CA GLU B 112 19.36 13.62 5.84
C GLU B 112 18.44 13.11 4.74
N GLU B 113 18.49 11.82 4.43
CA GLU B 113 17.55 11.27 3.46
C GLU B 113 16.14 11.15 4.01
N GLU B 114 15.97 11.22 5.32
CA GLU B 114 14.68 10.97 5.96
C GLU B 114 13.84 12.24 5.97
N THR B 115 12.72 12.22 5.27
CA THR B 115 11.68 13.21 5.46
C THR B 115 11.03 13.00 6.83
N ASP B 116 10.99 14.07 7.65
CA ASP B 116 10.30 14.07 8.93
C ASP B 116 8.94 13.41 8.77
N PRO B 117 8.62 12.35 9.52
CA PRO B 117 7.24 11.82 9.47
C PRO B 117 6.24 12.93 9.72
N ALA B 118 5.31 13.13 8.78
CA ALA B 118 4.39 14.27 8.82
C ALA B 118 3.18 13.91 9.70
N LEU B 119 3.45 13.87 10.98
CA LEU B 119 2.51 13.31 11.94
C LEU B 119 2.01 14.33 12.95
N GLY B 120 2.49 15.57 12.88
CA GLY B 120 2.06 16.60 13.80
C GLY B 120 2.19 17.96 13.17
N ASN B 121 1.78 18.98 13.91
CA ASN B 121 1.80 20.36 13.40
C ASN B 121 2.73 21.23 14.23
N GLY B 122 2.40 21.49 15.49
CA GLY B 122 3.14 22.47 16.27
C GLY B 122 3.43 22.01 17.69
N GLY B 123 3.35 22.94 18.64
CA GLY B 123 3.80 22.63 19.99
C GLY B 123 2.99 21.56 20.67
N LEU B 124 1.70 21.43 20.31
CA LEU B 124 0.90 20.37 20.90
C LEU B 124 1.47 19.01 20.54
N GLY B 125 1.83 18.80 19.27
CA GLY B 125 2.39 17.54 18.86
C GLY B 125 3.83 17.34 19.29
N ARG B 126 4.58 18.42 19.45
CA ARG B 126 5.95 18.25 19.91
C ARG B 126 5.99 17.95 21.40
N LEU B 127 5.04 18.50 22.15
CA LEU B 127 4.89 18.14 23.56
C LEU B 127 4.58 16.66 23.71
N ALA B 128 3.63 16.16 22.92
CA ALA B 128 3.34 14.73 22.97
C ALA B 128 4.59 13.90 22.66
N ALA B 129 5.38 14.32 21.67
CA ALA B 129 6.60 13.58 21.34
C ALA B 129 7.64 13.63 22.46
N CYS B 130 7.87 14.81 23.04
CA CYS B 130 8.81 14.89 24.16
C CYS B 130 8.33 14.04 25.34
N PHE B 131 7.01 14.02 25.59
CA PHE B 131 6.49 13.25 26.71
C PHE B 131 6.63 11.74 26.47
N LEU B 132 6.42 11.27 25.23
CA LEU B 132 6.68 9.85 24.95
C LEU B 132 8.14 9.52 25.26
N ASP B 133 9.05 10.38 24.80
CA ASP B 133 10.47 10.11 24.99
C ASP B 133 10.80 10.07 26.47
N SER B 134 10.24 11.01 27.25
CA SER B 134 10.56 11.05 28.67
C SER B 134 9.96 9.86 29.41
N MET B 135 8.75 9.43 29.04
CA MET B 135 8.18 8.28 29.73
C MET B 135 9.08 7.06 29.54
N ALA B 136 9.61 6.88 28.32
CA ALA B 136 10.48 5.73 28.07
C ALA B 136 11.75 5.82 28.89
N THR B 137 12.26 7.03 29.05
CA THR B 137 13.51 7.25 29.78
C THR B 137 13.35 7.15 31.29
N VAL B 138 12.25 7.66 31.85
CA VAL B 138 12.09 7.57 33.31
C VAL B 138 11.47 6.24 33.73
N GLY B 139 11.12 5.37 32.79
CA GLY B 139 10.57 4.08 33.13
C GLY B 139 9.08 4.04 33.38
N GLN B 140 8.32 5.02 32.86
CA GLN B 140 6.86 5.00 32.92
C GLN B 140 6.35 4.18 31.74
N SER B 141 5.81 2.99 32.03
CA SER B 141 5.24 2.17 30.97
C SER B 141 4.11 2.93 30.28
N ALA B 142 4.13 2.97 28.96
CA ALA B 142 3.14 3.79 28.28
C ALA B 142 3.01 3.41 26.82
N THR B 143 1.87 3.79 26.25
CA THR B 143 1.57 3.65 24.84
C THR B 143 1.05 5.00 24.35
N GLY B 144 1.67 5.53 23.30
CA GLY B 144 1.11 6.67 22.62
C GLY B 144 0.09 6.20 21.58
N TYR B 145 -1.00 6.95 21.46
CA TYR B 145 -2.07 6.65 20.51
C TYR B 145 -2.32 7.86 19.64
N GLY B 146 -2.09 7.71 18.33
CA GLY B 146 -2.30 8.79 17.39
C GLY B 146 -2.91 8.31 16.09
N LEU B 147 -2.84 9.16 15.06
CA LEU B 147 -3.28 8.83 13.71
C LEU B 147 -2.08 8.82 12.76
N ASN B 148 -2.08 7.86 11.83
CA ASN B 148 -0.99 7.70 10.88
C ASN B 148 -1.29 8.54 9.62
N TYR B 149 -1.09 9.85 9.72
CA TYR B 149 -1.46 10.74 8.63
C TYR B 149 -0.55 10.52 7.42
N GLN B 150 -1.14 10.41 6.23
CA GLN B 150 -0.34 10.21 5.02
C GLN B 150 0.40 11.48 4.61
N TYR B 151 -0.23 12.65 4.78
CA TYR B 151 0.28 13.88 4.21
C TYR B 151 0.47 15.01 5.23
N GLY B 152 0.34 14.73 6.52
CA GLY B 152 0.60 15.74 7.53
C GLY B 152 -0.29 16.97 7.37
N LEU B 153 0.28 18.13 7.69
CA LEU B 153 -0.45 19.40 7.52
C LEU B 153 -0.31 19.89 6.08
N PHE B 154 0.90 20.30 5.71
CA PHE B 154 1.25 20.59 4.32
C PHE B 154 2.74 20.86 4.28
N ARG B 155 3.29 20.73 3.08
CA ARG B 155 4.66 21.08 2.79
C ARG B 155 4.68 22.50 2.25
N GLN B 156 5.47 23.37 2.88
CA GLN B 156 5.49 24.78 2.57
C GLN B 156 6.61 25.09 1.57
N SER B 157 6.28 25.92 0.58
CA SER B 157 7.29 26.49 -0.30
C SER B 157 6.93 27.95 -0.57
N PHE B 158 7.84 28.67 -1.22
CA PHE B 158 7.67 30.08 -1.53
C PHE B 158 7.71 30.28 -3.04
N ASP B 159 6.67 30.92 -3.58
CA ASP B 159 6.55 31.26 -4.98
C ASP B 159 6.41 32.78 -5.08
N ASP B 160 7.48 33.44 -5.54
CA ASP B 160 7.55 34.90 -5.53
C ASP B 160 7.15 35.42 -4.15
N GLY B 161 7.66 34.75 -3.11
CA GLY B 161 7.49 35.20 -1.74
C GLY B 161 6.18 34.84 -1.10
N GLN B 162 5.24 34.24 -1.82
CA GLN B 162 3.96 33.83 -1.26
C GLN B 162 4.03 32.38 -0.81
N GLN B 163 3.35 32.08 0.30
CA GLN B 163 3.28 30.71 0.78
C GLN B 163 2.49 29.86 -0.21
N MET B 164 3.07 28.73 -0.61
CA MET B 164 2.38 27.69 -1.37
C MET B 164 2.30 26.42 -0.53
N GLU B 165 1.19 25.69 -0.70
CA GLU B 165 0.92 24.49 0.08
C GLU B 165 0.80 23.28 -0.85
N ALA B 166 1.53 22.22 -0.51
CA ALA B 166 1.45 20.92 -1.17
C ALA B 166 1.31 19.84 -0.11
N PRO B 167 0.98 18.61 -0.52
CA PRO B 167 0.94 17.52 0.47
C PRO B 167 2.32 17.17 1.00
N ASP B 168 2.38 16.82 2.28
CA ASP B 168 3.65 16.52 2.94
C ASP B 168 3.82 15.00 3.03
N ASP B 169 4.06 14.40 1.86
CA ASP B 169 4.26 12.96 1.81
C ASP B 169 5.60 12.61 2.42
N TRP B 170 5.65 11.44 3.08
CA TRP B 170 6.86 11.04 3.77
C TRP B 170 7.16 9.54 3.63
N GLY B 171 6.54 8.88 2.68
CA GLY B 171 6.71 7.44 2.51
C GLY B 171 6.06 6.63 3.61
N ARG B 172 4.83 6.98 4.00
CA ARG B 172 4.23 6.38 5.18
C ARG B 172 4.25 4.85 5.12
N SER B 173 3.75 4.28 4.02
CA SER B 173 3.60 2.83 3.95
C SER B 173 4.94 2.09 3.95
N SER B 174 6.04 2.72 3.53
CA SER B 174 7.34 2.06 3.46
C SER B 174 8.30 2.53 4.55
N TYR B 175 7.82 3.27 5.53
CA TYR B 175 8.71 3.80 6.56
C TYR B 175 9.34 2.65 7.34
N PRO B 176 10.68 2.59 7.44
CA PRO B 176 11.32 1.34 7.85
C PRO B 176 11.23 0.99 9.34
N TRP B 177 10.79 1.92 10.19
CA TRP B 177 10.67 1.65 11.61
C TRP B 177 9.29 1.13 12.01
N PHE B 178 8.36 1.00 11.07
CA PHE B 178 7.01 0.53 11.39
C PHE B 178 6.98 -0.97 11.63
N ARG B 179 6.07 -1.38 12.51
CA ARG B 179 5.65 -2.76 12.69
C ARG B 179 4.13 -2.76 12.74
N HIS B 180 3.51 -3.76 12.12
CA HIS B 180 2.05 -3.83 12.04
C HIS B 180 1.63 -5.23 12.44
N ASN B 181 0.99 -5.34 13.60
CA ASN B 181 0.38 -6.58 14.09
C ASN B 181 -1.09 -6.55 13.68
N GLU B 182 -1.43 -7.34 12.65
CA GLU B 182 -2.81 -7.32 12.15
C GLU B 182 -3.82 -7.84 13.17
N ALA B 183 -3.38 -8.56 14.21
CA ALA B 183 -4.31 -8.99 15.24
C ALA B 183 -4.87 -7.82 16.05
N LEU B 184 -4.30 -6.63 15.93
CA LEU B 184 -4.82 -5.46 16.63
C LEU B 184 -5.79 -4.63 15.81
N ASP B 185 -6.18 -5.10 14.62
CA ASP B 185 -7.15 -4.35 13.83
C ASP B 185 -8.45 -4.22 14.60
N VAL B 186 -9.10 -3.05 14.45
CA VAL B 186 -10.35 -2.75 15.13
C VAL B 186 -11.41 -2.34 14.10
N GLN B 187 -12.65 -2.81 14.29
CA GLN B 187 -13.79 -2.37 13.50
C GLN B 187 -14.46 -1.17 14.17
N VAL B 188 -14.71 -0.13 13.40
CA VAL B 188 -15.32 1.10 13.88
C VAL B 188 -16.60 1.36 13.09
N GLY B 189 -17.71 1.56 13.79
CA GLY B 189 -18.97 1.90 13.16
C GLY B 189 -19.21 3.40 13.06
N ILE B 190 -19.95 3.81 12.02
CA ILE B 190 -20.25 5.21 11.75
C ILE B 190 -21.72 5.33 11.35
N GLY B 191 -22.41 6.33 11.90
CA GLY B 191 -23.77 6.66 11.48
C GLY B 191 -24.79 5.59 11.81
N GLY B 192 -25.83 5.51 10.98
CA GLY B 192 -26.88 4.52 11.16
C GLY B 192 -27.94 4.95 12.17
N LYS B 193 -28.46 4.00 12.96
CA LYS B 193 -29.55 4.27 13.88
C LYS B 193 -29.39 3.39 15.12
N VAL B 194 -30.13 3.76 16.17
CA VAL B 194 -30.27 2.92 17.36
C VAL B 194 -31.70 2.39 17.37
N SER B 195 -31.83 1.07 17.44
CA SER B 195 -33.12 0.39 17.46
C SER B 195 -33.89 0.72 18.73
N LYS B 196 -35.17 0.34 18.76
CA LYS B 196 -36.00 0.62 19.93
C LYS B 196 -35.45 -0.04 21.18
N ASN B 197 -34.78 -1.17 21.05
CA ASN B 197 -34.22 -1.88 22.19
C ASN B 197 -32.78 -1.49 22.51
N GLY B 198 -32.28 -0.42 21.90
CA GLY B 198 -30.98 0.09 22.28
C GLY B 198 -29.80 -0.47 21.52
N GLU B 199 -30.00 -1.05 20.34
CA GLU B 199 -28.94 -1.66 19.55
C GLU B 199 -28.49 -0.68 18.47
N TRP B 200 -27.22 -0.31 18.51
CA TRP B 200 -26.64 0.54 17.48
C TRP B 200 -26.37 -0.28 16.23
N GLN B 201 -26.89 0.21 15.10
CA GLN B 201 -26.75 -0.41 13.78
C GLN B 201 -26.05 0.60 12.88
N PRO B 202 -24.72 0.58 12.84
CA PRO B 202 -24.01 1.59 12.02
C PRO B 202 -24.33 1.42 10.54
N ALA B 203 -24.21 2.53 9.82
CA ALA B 203 -24.41 2.51 8.37
C ALA B 203 -23.10 2.28 7.61
N PHE B 204 -21.97 2.50 8.25
CA PHE B 204 -20.67 2.41 7.60
C PHE B 204 -19.67 1.84 8.61
N VAL B 205 -18.77 0.98 8.15
CA VAL B 205 -17.81 0.32 9.01
C VAL B 205 -16.42 0.54 8.44
N ILE B 206 -15.49 0.90 9.30
CA ILE B 206 -14.11 1.23 8.95
C ILE B 206 -13.21 0.28 9.72
N THR B 207 -12.11 -0.14 9.10
CA THR B 207 -11.10 -0.91 9.79
C THR B 207 -9.96 0.01 10.19
N GLY B 208 -9.56 -0.07 11.46
CA GLY B 208 -8.39 0.62 11.93
C GLY B 208 -7.23 -0.35 12.11
N GLU B 209 -6.12 -0.08 11.44
CA GLU B 209 -4.89 -0.85 11.59
C GLU B 209 -3.91 -0.12 12.48
N ALA B 210 -3.26 -0.85 13.38
CA ALA B 210 -2.25 -0.28 14.26
C ALA B 210 -0.87 -0.32 13.59
N TRP B 211 -0.31 0.85 13.32
CA TRP B 211 1.03 0.97 12.75
C TRP B 211 1.94 1.55 13.83
N ASP B 212 2.86 0.73 14.35
CA ASP B 212 3.58 1.04 15.57
C ASP B 212 4.99 1.54 15.26
N LEU B 213 5.36 2.68 15.89
CA LEU B 213 6.73 3.17 15.88
C LEU B 213 7.35 2.98 17.27
N PRO B 214 8.66 2.73 17.34
CA PRO B 214 9.28 2.46 18.64
C PRO B 214 9.70 3.75 19.31
N VAL B 215 9.42 3.86 20.61
CA VAL B 215 9.88 4.97 21.44
C VAL B 215 10.94 4.42 22.38
N LEU B 216 12.20 4.85 22.21
CA LEU B 216 13.32 4.28 22.94
C LEU B 216 13.70 5.16 24.11
N GLY B 217 13.92 4.53 25.26
CA GLY B 217 14.47 5.24 26.40
C GLY B 217 15.98 5.39 26.33
N TYR B 218 16.51 6.29 27.15
CA TYR B 218 17.92 6.66 27.08
C TYR B 218 18.76 5.63 27.82
N ARG B 219 19.48 4.79 27.07
CA ARG B 219 20.46 3.86 27.62
C ARG B 219 19.87 2.92 28.67
N ASN B 220 18.58 2.58 28.56
CA ASN B 220 17.93 1.74 29.57
C ASN B 220 17.19 0.55 28.95
N ASN B 221 17.38 0.29 27.67
CA ASN B 221 16.76 -0.86 27.02
C ASN B 221 15.23 -0.81 27.03
N VAL B 222 14.63 0.38 27.19
CA VAL B 222 13.17 0.53 27.14
C VAL B 222 12.75 0.84 25.71
N ALA B 223 11.75 0.13 25.21
CA ALA B 223 11.18 0.42 23.90
C ALA B 223 9.68 0.25 24.04
N GLN B 224 8.93 1.31 23.78
CA GLN B 224 7.49 1.37 23.95
C GLN B 224 6.86 1.89 22.67
N PRO B 225 5.58 1.58 22.42
CA PRO B 225 5.02 1.93 21.13
C PRO B 225 4.35 3.29 21.06
N LEU B 226 4.54 3.95 19.91
CA LEU B 226 3.65 4.99 19.43
C LEU B 226 2.74 4.30 18.41
N ARG B 227 1.50 4.14 18.78
CA ARG B 227 0.55 3.35 18.00
C ARG B 227 -0.31 4.31 17.19
N LEU B 228 -0.17 4.25 15.87
CA LEU B 228 -0.76 5.20 14.93
C LEU B 228 -1.81 4.47 14.11
N TRP B 229 -3.06 4.88 14.27
CA TRP B 229 -4.15 4.18 13.61
C TRP B 229 -4.29 4.68 12.18
N GLN B 230 -4.54 3.75 11.26
CA GLN B 230 -4.71 4.04 9.85
C GLN B 230 -6.03 3.43 9.38
N ALA B 231 -6.87 4.24 8.73
CA ALA B 231 -8.21 3.81 8.35
C ALA B 231 -8.21 3.16 6.97
N LYS B 232 -8.92 2.04 6.86
CA LYS B 232 -9.14 1.38 5.57
C LYS B 232 -10.56 0.83 5.56
N HIS B 233 -11.01 0.42 4.38
CA HIS B 233 -12.28 -0.27 4.24
C HIS B 233 -12.04 -1.72 3.82
N ALA B 234 -12.88 -2.63 4.34
CA ALA B 234 -12.72 -4.04 4.01
C ALA B 234 -13.12 -4.34 2.56
N HIS B 235 -13.90 -3.47 1.93
CA HIS B 235 -14.37 -3.63 0.56
C HIS B 235 -14.26 -2.29 -0.14
N PRO B 236 -13.02 -1.82 -0.37
CA PRO B 236 -12.83 -0.44 -0.87
C PRO B 236 -13.19 -0.24 -2.33
N PHE B 237 -13.28 -1.31 -3.12
CA PHE B 237 -13.31 -1.26 -4.58
C PHE B 237 -14.58 -1.94 -5.06
N ASN B 238 -15.31 -1.27 -5.96
CA ASN B 238 -16.55 -1.79 -6.54
C ASN B 238 -16.29 -2.21 -7.98
N LEU B 239 -16.24 -3.52 -8.22
CA LEU B 239 -15.90 -4.02 -9.54
C LEU B 239 -16.98 -3.68 -10.57
N THR B 240 -18.24 -3.66 -10.15
CA THR B 240 -19.31 -3.34 -11.08
C THR B 240 -19.12 -1.95 -11.66
N LYS B 241 -18.80 -0.97 -10.81
CA LYS B 241 -18.60 0.38 -11.30
C LYS B 241 -17.37 0.48 -12.18
N PHE B 242 -16.28 -0.19 -11.80
CA PHE B 242 -15.08 -0.22 -12.64
C PHE B 242 -15.40 -0.80 -14.02
N ASN B 243 -16.13 -1.92 -14.06
CA ASN B 243 -16.42 -2.55 -15.35
C ASN B 243 -17.43 -1.75 -16.17
N ASP B 244 -18.17 -0.83 -15.53
CA ASP B 244 -19.02 0.10 -16.28
C ASP B 244 -18.25 1.29 -16.81
N GLY B 245 -16.97 1.42 -16.45
CA GLY B 245 -16.14 2.54 -16.89
C GLY B 245 -15.97 3.66 -15.88
N ASP B 246 -16.58 3.57 -14.71
CA ASP B 246 -16.44 4.63 -13.71
C ASP B 246 -15.30 4.25 -12.77
N PHE B 247 -14.09 4.46 -13.27
CA PHE B 247 -12.89 4.01 -12.56
C PHE B 247 -12.68 4.80 -11.27
N LEU B 248 -13.15 6.04 -11.22
CA LEU B 248 -12.97 6.87 -10.04
C LEU B 248 -13.96 6.47 -8.94
N ARG B 249 -15.25 6.41 -9.29
CA ARG B 249 -16.24 6.10 -8.27
C ARG B 249 -16.14 4.66 -7.81
N ALA B 250 -15.44 3.81 -8.56
CA ALA B 250 -15.18 2.46 -8.08
C ALA B 250 -14.44 2.48 -6.75
N GLU B 251 -13.66 3.53 -6.50
CA GLU B 251 -12.81 3.59 -5.30
C GLU B 251 -13.51 4.29 -4.13
N GLN B 252 -14.80 4.62 -4.28
CA GLN B 252 -15.42 5.57 -3.36
C GLN B 252 -15.47 5.05 -1.92
N GLN B 253 -15.83 3.78 -1.72
CA GLN B 253 -15.95 3.28 -0.36
C GLN B 253 -14.61 3.28 0.33
N GLY B 254 -13.55 2.91 -0.39
CA GLY B 254 -12.22 2.96 0.19
C GLY B 254 -11.84 4.38 0.58
N ILE B 255 -12.10 5.34 -0.30
CA ILE B 255 -11.71 6.71 -0.05
C ILE B 255 -12.49 7.27 1.14
N ASP B 256 -13.75 6.87 1.28
CA ASP B 256 -14.56 7.33 2.41
C ASP B 256 -14.00 6.86 3.74
N ALA B 257 -13.25 5.75 3.76
CA ALA B 257 -12.55 5.37 4.97
C ALA B 257 -11.18 6.02 5.04
N GLU B 258 -10.37 5.88 3.97
CA GLU B 258 -8.98 6.33 4.03
C GLU B 258 -8.86 7.83 4.23
N LYS B 259 -9.91 8.59 3.92
CA LYS B 259 -9.79 10.04 4.07
C LYS B 259 -9.53 10.45 5.52
N LEU B 260 -9.89 9.60 6.50
CA LEU B 260 -9.69 9.93 7.89
C LEU B 260 -8.22 10.15 8.24
N THR B 261 -7.31 9.44 7.57
CA THR B 261 -5.90 9.50 7.91
C THR B 261 -5.08 10.01 6.73
N LYS B 262 -5.66 10.89 5.92
CA LYS B 262 -4.90 11.58 4.88
C LYS B 262 -4.19 12.83 5.41
N VAL B 263 -4.96 13.76 5.98
CA VAL B 263 -4.47 15.11 6.28
C VAL B 263 -4.73 15.43 7.75
N LEU B 264 -3.79 16.13 8.37
CA LEU B 264 -3.96 16.68 9.72
C LEU B 264 -4.65 18.04 9.65
N TYR B 265 -5.67 18.24 10.49
CA TYR B 265 -6.44 19.47 10.52
C TYR B 265 -6.90 19.92 9.14
N PRO B 266 -7.55 19.07 8.37
CA PRO B 266 -8.10 19.52 7.09
C PRO B 266 -9.16 20.59 7.32
N ASN B 267 -9.33 21.45 6.31
CA ASN B 267 -10.31 22.54 6.37
C ASN B 267 -11.67 22.07 6.86
N ASP B 268 -12.17 22.73 7.92
CA ASP B 268 -13.47 22.43 8.52
C ASP B 268 -14.44 23.60 8.44
N ASN B 269 -14.29 24.48 7.44
CA ASN B 269 -15.19 25.63 7.27
C ASN B 269 -16.43 25.29 6.48
N HIS B 270 -16.72 24.01 6.27
CA HIS B 270 -17.88 23.56 5.53
C HIS B 270 -18.29 22.25 6.17
N GLN B 271 -19.44 21.75 5.75
CA GLN B 271 -20.05 20.60 6.40
C GLN B 271 -19.24 19.33 6.18
N ALA B 272 -18.69 19.14 4.99
CA ALA B 272 -17.90 17.94 4.72
C ALA B 272 -16.69 17.88 5.64
N GLY B 273 -16.05 19.01 5.87
CA GLY B 273 -14.85 19.06 6.68
C GLY B 273 -15.14 18.94 8.16
N LYS B 274 -16.25 19.52 8.60
CA LYS B 274 -16.65 19.35 10.00
C LYS B 274 -16.94 17.89 10.28
N LYS B 275 -17.71 17.23 9.41
CA LYS B 275 -17.95 15.81 9.56
C LYS B 275 -16.65 15.02 9.52
N LEU B 276 -15.72 15.38 8.64
CA LEU B 276 -14.45 14.67 8.57
C LEU B 276 -13.70 14.75 9.89
N ARG B 277 -13.61 15.96 10.48
CA ARG B 277 -12.88 16.14 11.73
C ARG B 277 -13.46 15.28 12.83
N LEU B 278 -14.79 15.27 12.96
CA LEU B 278 -15.41 14.48 14.00
C LEU B 278 -15.17 12.99 13.79
N MET B 279 -15.27 12.52 12.53
CA MET B 279 -14.94 11.13 12.23
C MET B 279 -13.49 10.79 12.59
N GLN B 280 -12.54 11.68 12.27
CA GLN B 280 -11.14 11.43 12.64
C GLN B 280 -11.00 11.20 14.14
N GLN B 281 -11.60 12.09 14.94
CA GLN B 281 -11.49 11.99 16.39
C GLN B 281 -12.13 10.71 16.91
N TYR B 282 -13.33 10.38 16.42
CA TYR B 282 -13.98 9.16 16.90
C TYR B 282 -13.20 7.92 16.49
N PHE B 283 -12.78 7.85 15.23
CA PHE B 283 -11.97 6.72 14.77
C PHE B 283 -10.74 6.53 15.66
N GLN B 284 -10.01 7.60 15.92
CA GLN B 284 -8.85 7.50 16.82
C GLN B 284 -9.24 6.92 18.17
N CYS B 285 -10.38 7.37 18.73
CA CYS B 285 -10.74 6.99 20.08
C CYS B 285 -11.37 5.61 20.16
N ALA B 286 -12.18 5.23 19.17
CA ALA B 286 -12.72 3.87 19.17
C ALA B 286 -11.60 2.84 19.06
N CYS B 287 -10.66 3.06 18.17
CA CYS B 287 -9.56 2.11 18.04
C CYS B 287 -8.77 2.05 19.35
N SER B 288 -8.42 3.21 19.90
CA SER B 288 -7.59 3.27 21.09
C SER B 288 -8.28 2.60 22.26
N VAL B 289 -9.57 2.90 22.46
CA VAL B 289 -10.30 2.27 23.55
C VAL B 289 -10.32 0.75 23.38
N ALA B 290 -10.59 0.27 22.17
CA ALA B 290 -10.60 -1.17 21.96
C ALA B 290 -9.24 -1.78 22.29
N ASP B 291 -8.16 -1.10 21.91
CA ASP B 291 -6.82 -1.64 22.10
C ASP B 291 -6.44 -1.67 23.58
N ILE B 292 -6.87 -0.66 24.34
CA ILE B 292 -6.59 -0.64 25.78
C ILE B 292 -7.33 -1.79 26.47
N LEU B 293 -8.61 -1.97 26.15
CA LEU B 293 -9.36 -3.08 26.78
C LEU B 293 -8.80 -4.42 26.36
N ARG B 294 -8.30 -4.54 25.12
CA ARG B 294 -7.73 -5.80 24.69
C ARG B 294 -6.47 -6.14 25.50
N ARG B 295 -5.59 -5.14 25.68
CA ARG B 295 -4.39 -5.35 26.48
CA ARG B 295 -4.39 -5.35 26.48
C ARG B 295 -4.74 -5.74 27.91
N HIS B 296 -5.73 -5.05 28.51
CA HIS B 296 -6.14 -5.34 29.88
C HIS B 296 -6.69 -6.77 29.99
N HIS B 297 -7.51 -7.18 29.02
CA HIS B 297 -8.08 -8.53 29.03
C HIS B 297 -7.02 -9.60 28.87
N LEU B 298 -6.13 -9.43 27.89
CA LEU B 298 -5.10 -10.47 27.67
C LEU B 298 -4.15 -10.58 28.83
N ALA B 299 -4.02 -9.54 29.66
CA ALA B 299 -3.25 -9.63 30.89
C ALA B 299 -3.99 -10.37 31.99
N GLY B 300 -5.19 -10.88 31.72
CA GLY B 300 -5.97 -11.60 32.72
C GLY B 300 -6.51 -10.72 33.83
N ARG B 301 -6.72 -9.43 33.56
CA ARG B 301 -7.19 -8.50 34.56
C ARG B 301 -8.69 -8.27 34.42
N LYS B 302 -9.34 -8.00 35.55
CA LYS B 302 -10.78 -7.83 35.55
C LYS B 302 -11.16 -6.43 35.09
N LEU B 303 -12.27 -6.36 34.35
CA LEU B 303 -12.73 -5.09 33.82
C LEU B 303 -12.97 -4.05 34.93
N ALA B 304 -13.50 -4.49 36.07
CA ALA B 304 -13.80 -3.55 37.14
C ALA B 304 -12.56 -2.85 37.68
N GLU B 305 -11.38 -3.45 37.51
CA GLU B 305 -10.15 -2.86 38.03
C GLU B 305 -9.35 -2.12 36.96
N LEU B 306 -9.98 -1.73 35.85
CA LEU B 306 -9.27 -1.02 34.78
C LEU B 306 -8.51 0.19 35.33
N ALA B 307 -9.16 1.01 36.16
CA ALA B 307 -8.48 2.22 36.65
C ALA B 307 -7.33 1.90 37.60
N ASP B 308 -7.27 0.68 38.13
CA ASP B 308 -6.13 0.32 38.97
C ASP B 308 -4.87 0.09 38.14
N TYR B 309 -5.02 -0.26 36.85
CA TYR B 309 -3.89 -0.64 36.01
C TYR B 309 -3.62 0.32 34.85
N GLU B 310 -4.58 1.16 34.50
CA GLU B 310 -4.51 1.99 33.31
C GLU B 310 -4.97 3.40 33.64
N VAL B 311 -4.35 4.37 32.97
CA VAL B 311 -4.84 5.75 32.97
C VAL B 311 -4.77 6.25 31.54
N ILE B 312 -5.73 7.10 31.18
CA ILE B 312 -5.84 7.63 29.83
C ILE B 312 -5.71 9.14 29.92
N GLN B 313 -4.68 9.68 29.29
CA GLN B 313 -4.43 11.11 29.29
C GLN B 313 -4.94 11.70 27.99
N LEU B 314 -5.84 12.65 28.09
CA LEU B 314 -6.43 13.31 26.94
C LEU B 314 -5.67 14.59 26.71
N ASN B 315 -4.98 14.69 25.58
CA ASN B 315 -4.17 15.86 25.26
C ASN B 315 -5.07 16.83 24.51
N ASP B 316 -5.59 17.83 25.24
CA ASP B 316 -6.61 18.72 24.72
C ASP B 316 -7.92 17.96 24.58
N THR B 317 -8.91 18.59 23.93
CA THR B 317 -10.26 18.06 23.83
C THR B 317 -10.51 17.23 22.57
N HIS B 318 -9.51 17.12 21.69
CA HIS B 318 -9.71 16.32 20.48
C HIS B 318 -10.14 14.91 20.77
N PRO B 319 -9.65 14.23 21.84
CA PRO B 319 -10.09 12.87 22.12
C PRO B 319 -11.20 12.72 23.18
N THR B 320 -11.95 13.80 23.42
CA THR B 320 -13.07 13.76 24.38
C THR B 320 -14.00 12.58 24.13
N ILE B 321 -14.32 12.31 22.87
CA ILE B 321 -15.31 11.30 22.55
C ILE B 321 -14.91 9.92 23.08
N ALA B 322 -13.64 9.76 23.46
CA ALA B 322 -13.23 8.50 24.10
C ALA B 322 -14.05 8.19 25.34
N ILE B 323 -14.50 9.21 26.06
CA ILE B 323 -15.26 9.00 27.30
C ILE B 323 -16.58 8.28 27.02
N PRO B 324 -17.48 8.84 26.21
CA PRO B 324 -18.71 8.09 25.90
C PRO B 324 -18.45 6.81 25.12
N GLU B 325 -17.38 6.74 24.34
CA GLU B 325 -17.06 5.48 23.67
C GLU B 325 -16.75 4.38 24.68
N LEU B 326 -15.95 4.70 25.71
CA LEU B 326 -15.67 3.67 26.71
C LEU B 326 -16.93 3.31 27.47
N LEU B 327 -17.76 4.30 27.80
CA LEU B 327 -19.04 3.99 28.44
C LEU B 327 -19.86 3.05 27.55
N ARG B 328 -19.91 3.34 26.25
CA ARG B 328 -20.67 2.53 25.30
C ARG B 328 -20.21 1.07 25.33
N VAL B 329 -18.91 0.84 25.29
CA VAL B 329 -18.41 -0.53 25.28
C VAL B 329 -18.75 -1.24 26.59
N LEU B 330 -18.56 -0.57 27.71
CA LEU B 330 -18.84 -1.18 29.01
C LEU B 330 -20.33 -1.51 29.16
N ILE B 331 -21.20 -0.59 28.77
CA ILE B 331 -22.64 -0.76 28.96
C ILE B 331 -23.22 -1.70 27.92
N ASP B 332 -22.89 -1.49 26.64
CA ASP B 332 -23.56 -2.23 25.59
C ASP B 332 -22.93 -3.58 25.32
N GLU B 333 -21.62 -3.71 25.49
CA GLU B 333 -20.94 -4.94 25.11
C GLU B 333 -20.47 -5.74 26.31
N HIS B 334 -20.48 -5.16 27.52
CA HIS B 334 -20.17 -5.92 28.72
C HIS B 334 -21.28 -5.87 29.76
N GLN B 335 -22.39 -5.20 29.46
CA GLN B 335 -23.60 -5.22 30.29
C GLN B 335 -23.41 -4.61 31.67
N LEU B 336 -22.44 -3.73 31.84
CA LEU B 336 -22.27 -3.05 33.12
C LEU B 336 -23.41 -2.06 33.36
N SER B 337 -23.77 -1.91 34.63
CA SER B 337 -24.68 -0.84 35.02
C SER B 337 -24.06 0.51 34.69
N TRP B 338 -24.93 1.52 34.56
CA TRP B 338 -24.43 2.89 34.37
C TRP B 338 -23.47 3.27 35.49
N ASP B 339 -23.86 3.00 36.73
CA ASP B 339 -23.01 3.43 37.85
C ASP B 339 -21.70 2.66 37.86
N ASP B 340 -21.74 1.36 37.53
CA ASP B 340 -20.50 0.58 37.46
C ASP B 340 -19.60 1.03 36.30
N ALA B 341 -20.20 1.37 35.16
CA ALA B 341 -19.39 1.87 34.04
C ALA B 341 -18.77 3.22 34.37
N TRP B 342 -19.55 4.12 34.94
CA TRP B 342 -19.05 5.46 35.26
C TRP B 342 -18.00 5.41 36.35
N ALA B 343 -18.09 4.44 37.27
CA ALA B 343 -17.08 4.30 38.31
C ALA B 343 -15.72 3.98 37.73
N ILE B 344 -15.69 3.31 36.58
CA ILE B 344 -14.45 3.04 35.87
C ILE B 344 -13.99 4.27 35.11
N THR B 345 -14.81 4.76 34.18
CA THR B 345 -14.39 5.84 33.29
C THR B 345 -14.02 7.09 34.08
N SER B 346 -14.80 7.42 35.10
CA SER B 346 -14.52 8.63 35.86
C SER B 346 -13.25 8.53 36.69
N LYS B 347 -12.66 7.34 36.85
CA LYS B 347 -11.38 7.18 37.53
C LYS B 347 -10.23 6.87 36.56
N THR B 348 -10.51 6.83 35.25
CA THR B 348 -9.53 6.48 34.23
C THR B 348 -9.08 7.67 33.39
N PHE B 349 -9.97 8.63 33.11
CA PHE B 349 -9.68 9.73 32.20
C PHE B 349 -9.17 10.95 32.93
N ALA B 350 -8.08 11.52 32.42
CA ALA B 350 -7.56 12.82 32.84
C ALA B 350 -7.43 13.68 31.59
N TYR B 351 -7.49 14.99 31.77
CA TYR B 351 -7.62 15.95 30.68
C TYR B 351 -6.60 17.05 30.86
N THR B 352 -5.79 17.28 29.82
CA THR B 352 -4.83 18.38 29.81
C THR B 352 -5.36 19.52 28.96
N ASN B 353 -5.51 20.68 29.58
CA ASN B 353 -6.01 21.89 28.94
C ASN B 353 -4.86 22.76 28.45
N HIS B 354 -4.98 23.27 27.21
CA HIS B 354 -4.02 24.19 26.62
C HIS B 354 -4.68 25.52 26.24
N THR B 355 -5.84 25.83 26.80
CA THR B 355 -6.71 26.91 26.36
C THR B 355 -6.68 28.10 27.31
N LEU B 356 -6.80 29.30 26.73
CA LEU B 356 -6.76 30.53 27.52
C LEU B 356 -8.11 31.22 27.66
N MET B 357 -8.96 31.19 26.63
CA MET B 357 -10.24 31.89 26.66
C MET B 357 -11.41 30.92 26.52
N PRO B 358 -12.51 31.14 27.25
CA PRO B 358 -13.66 30.21 27.13
C PRO B 358 -14.14 30.03 25.70
N GLU B 359 -13.98 31.04 24.84
CA GLU B 359 -14.48 30.97 23.48
C GLU B 359 -13.75 29.95 22.61
N ALA B 360 -12.57 29.51 23.04
CA ALA B 360 -11.76 28.58 22.26
C ALA B 360 -12.00 27.12 22.64
N LEU B 361 -12.86 26.85 23.62
CA LEU B 361 -13.13 25.47 24.00
C LEU B 361 -13.98 24.79 22.93
N GLU B 362 -13.68 23.51 22.68
CA GLU B 362 -14.23 22.80 21.53
C GLU B 362 -15.70 22.44 21.76
N CYS B 363 -16.54 22.70 20.75
CA CYS B 363 -17.95 22.39 20.79
C CYS B 363 -18.38 21.78 19.45
N TRP B 364 -19.40 20.92 19.49
CA TRP B 364 -19.95 20.32 18.28
C TRP B 364 -21.45 20.54 18.23
N ASP B 365 -21.96 20.77 17.01
CA ASP B 365 -23.41 20.81 16.79
C ASP B 365 -24.03 19.47 17.15
N GLU B 366 -25.06 19.50 18.00
CA GLU B 366 -25.74 18.28 18.38
C GLU B 366 -26.29 17.54 17.16
N LYS B 367 -26.71 18.26 16.12
CA LYS B 367 -27.28 17.61 14.94
C LYS B 367 -26.25 16.74 14.24
N LEU B 368 -24.99 17.18 14.21
CA LEU B 368 -23.96 16.40 13.55
C LEU B 368 -23.58 15.17 14.39
N VAL B 369 -23.42 15.35 15.71
CA VAL B 369 -23.14 14.22 16.59
C VAL B 369 -24.26 13.19 16.51
N LYS B 370 -25.52 13.64 16.57
CA LYS B 370 -26.63 12.70 16.51
C LYS B 370 -26.58 11.87 15.22
N ALA B 371 -26.40 12.54 14.07
CA ALA B 371 -26.41 11.83 12.81
C ALA B 371 -25.19 10.91 12.67
N LEU B 372 -24.04 11.34 13.15
CA LEU B 372 -22.83 10.56 12.96
C LEU B 372 -22.64 9.47 14.02
N LEU B 373 -23.08 9.72 15.26
CA LEU B 373 -22.82 8.84 16.39
C LEU B 373 -24.09 8.78 17.25
N PRO B 374 -25.15 8.19 16.72
CA PRO B 374 -26.44 8.25 17.43
C PRO B 374 -26.43 7.58 18.78
N ARG B 375 -25.65 6.52 18.98
CA ARG B 375 -25.61 5.89 20.30
C ARG B 375 -24.85 6.77 21.28
N HIS B 376 -23.75 7.38 20.84
CA HIS B 376 -22.99 8.25 21.72
C HIS B 376 -23.81 9.46 22.14
N MET B 377 -24.64 9.99 21.24
CA MET B 377 -25.48 11.12 21.58
C MET B 377 -26.47 10.77 22.69
N GLN B 378 -27.03 9.55 22.67
CA GLN B 378 -27.88 9.14 23.78
C GLN B 378 -27.09 9.09 25.08
N ILE B 379 -25.88 8.54 25.02
CA ILE B 379 -25.02 8.45 26.21
C ILE B 379 -24.68 9.84 26.72
N ILE B 380 -24.36 10.75 25.81
CA ILE B 380 -23.96 12.11 26.19
C ILE B 380 -25.13 12.83 26.85
N LYS B 381 -26.34 12.68 26.30
CA LYS B 381 -27.50 13.29 26.92
C LYS B 381 -27.78 12.70 28.30
N GLU B 382 -27.47 11.41 28.53
CA GLU B 382 -27.65 10.87 29.87
C GLU B 382 -26.59 11.39 30.84
N ILE B 383 -25.34 11.52 30.40
CA ILE B 383 -24.37 12.25 31.21
C ILE B 383 -24.92 13.62 31.59
N ASN B 384 -25.41 14.33 30.59
CA ASN B 384 -25.94 15.68 30.81
C ASN B 384 -27.08 15.66 31.82
N ASP B 385 -28.06 14.76 31.63
CA ASP B 385 -29.21 14.70 32.53
C ASP B 385 -28.80 14.32 33.94
N ARG B 386 -27.82 13.42 34.10
CA ARG B 386 -27.42 13.02 35.44
C ARG B 386 -26.63 14.10 36.15
N PHE B 387 -25.87 14.91 35.38
CA PHE B 387 -25.09 15.99 35.95
C PHE B 387 -25.98 17.14 36.42
N LYS B 388 -27.16 17.29 35.81
CA LYS B 388 -28.04 18.39 36.19
C LYS B 388 -28.46 18.29 37.66
N GLN B 389 -28.62 17.06 38.16
CA GLN B 389 -28.99 16.85 39.55
C GLN B 389 -28.00 17.51 40.51
N LEU B 390 -26.71 17.42 40.20
CA LEU B 390 -25.71 18.03 41.08
C LEU B 390 -25.70 19.54 40.96
N VAL B 391 -25.80 20.05 39.74
CA VAL B 391 -25.75 21.50 39.56
C VAL B 391 -26.95 22.16 40.22
N ASP B 392 -28.11 21.50 40.15
CA ASP B 392 -29.30 22.08 40.77
C ASP B 392 -29.24 21.98 42.28
N LYS B 393 -28.58 20.95 42.81
CA LYS B 393 -28.33 20.86 44.25
C LYS B 393 -27.56 22.08 44.73
N THR B 394 -26.54 22.49 43.97
CA THR B 394 -25.56 23.47 44.40
C THR B 394 -25.95 24.91 44.04
N TRP B 395 -26.61 25.12 42.90
CA TRP B 395 -27.09 26.45 42.49
C TRP B 395 -28.57 26.30 42.13
N PRO B 396 -29.44 26.13 43.13
CA PRO B 396 -30.82 25.77 42.83
C PRO B 396 -31.51 26.82 41.95
N GLY B 397 -32.18 26.33 40.92
CA GLY B 397 -32.92 27.20 40.01
C GLY B 397 -32.09 28.13 39.17
N ASP B 398 -30.76 28.15 39.33
CA ASP B 398 -29.94 29.07 38.55
C ASP B 398 -29.83 28.55 37.12
N LYS B 399 -30.64 29.12 36.22
CA LYS B 399 -30.59 28.70 34.82
C LYS B 399 -29.32 29.18 34.12
N GLN B 400 -28.72 30.28 34.60
CA GLN B 400 -27.51 30.78 33.96
C GLN B 400 -26.33 29.87 34.24
N VAL B 401 -26.17 29.41 35.49
CA VAL B 401 -25.08 28.50 35.82
C VAL B 401 -25.23 27.21 35.04
N TRP B 402 -26.45 26.69 34.94
CA TRP B 402 -26.66 25.46 34.16
C TRP B 402 -26.29 25.66 32.70
N ALA B 403 -26.68 26.79 32.11
CA ALA B 403 -26.35 27.01 30.70
C ALA B 403 -24.84 26.99 30.48
N LYS B 404 -24.08 27.51 31.45
CA LYS B 404 -22.63 27.54 31.31
C LYS B 404 -22.03 26.16 31.49
N LEU B 405 -22.52 25.38 32.46
CA LEU B 405 -21.87 24.15 32.87
C LEU B 405 -22.37 22.92 32.14
N ALA B 406 -23.47 23.04 31.40
CA ALA B 406 -24.10 21.89 30.78
C ALA B 406 -23.15 21.23 29.79
N VAL B 407 -23.30 19.90 29.64
CA VAL B 407 -22.54 19.21 28.61
C VAL B 407 -23.23 19.35 27.25
N VAL B 408 -24.56 19.42 27.24
CA VAL B 408 -25.35 19.68 26.05
C VAL B 408 -26.34 20.80 26.37
N HIS B 409 -26.36 21.84 25.54
CA HIS B 409 -27.27 22.94 25.75
C HIS B 409 -27.39 23.72 24.46
N ASP B 410 -28.61 24.16 24.15
CA ASP B 410 -28.88 24.91 22.91
C ASP B 410 -28.34 24.15 21.69
N LYS B 411 -28.56 22.85 21.66
CA LYS B 411 -28.18 21.99 20.55
C LYS B 411 -26.68 22.03 20.27
N GLN B 412 -25.89 22.17 21.33
CA GLN B 412 -24.44 22.26 21.27
C GLN B 412 -23.85 21.32 22.31
N VAL B 413 -22.84 20.54 21.92
CA VAL B 413 -22.13 19.65 22.84
C VAL B 413 -20.81 20.30 23.21
N ARG B 414 -20.60 20.51 24.51
CA ARG B 414 -19.39 21.18 25.01
C ARG B 414 -18.35 20.13 25.42
N MET B 415 -17.34 19.94 24.59
CA MET B 415 -16.41 18.84 24.83
C MET B 415 -15.54 19.10 26.05
N ALA B 416 -15.05 20.33 26.23
CA ALA B 416 -14.24 20.60 27.40
C ALA B 416 -15.02 20.34 28.68
N ASN B 417 -16.30 20.76 28.69
CA ASN B 417 -17.18 20.44 29.81
C ASN B 417 -17.29 18.94 30.04
N MET B 418 -17.49 18.19 28.96
CA MET B 418 -17.58 16.74 29.15
C MET B 418 -16.29 16.16 29.70
N CYS B 419 -15.13 16.74 29.35
CA CYS B 419 -13.86 16.28 29.90
C CYS B 419 -13.75 16.52 31.40
N VAL B 420 -14.18 17.70 31.87
CA VAL B 420 -14.10 18.00 33.30
C VAL B 420 -15.06 17.13 34.07
N VAL B 421 -16.29 17.00 33.56
CA VAL B 421 -17.33 16.24 34.25
C VAL B 421 -17.00 14.76 34.27
N GLY B 422 -16.36 14.26 33.21
CA GLY B 422 -16.15 12.83 33.05
C GLY B 422 -14.85 12.27 33.55
N GLY B 423 -13.88 13.10 33.95
CA GLY B 423 -12.58 12.64 34.36
C GLY B 423 -12.28 13.00 35.81
N PHE B 424 -11.15 12.49 36.30
CA PHE B 424 -10.75 12.69 37.69
C PHE B 424 -9.71 13.79 37.84
N ALA B 425 -9.13 14.28 36.75
CA ALA B 425 -8.08 15.29 36.83
C ALA B 425 -8.11 16.19 35.60
N VAL B 426 -7.77 17.46 35.86
CA VAL B 426 -7.63 18.50 34.86
C VAL B 426 -6.33 19.22 35.19
N ASN B 427 -5.50 19.48 34.18
CA ASN B 427 -4.27 20.21 34.46
C ASN B 427 -3.98 21.20 33.34
N GLY B 428 -3.43 22.34 33.74
CA GLY B 428 -2.84 23.27 32.81
C GLY B 428 -1.33 23.02 32.71
N VAL B 429 -0.67 23.89 31.94
CA VAL B 429 0.67 23.59 31.47
C VAL B 429 1.70 24.60 31.96
N ALA B 430 1.31 25.46 32.90
CA ALA B 430 2.26 26.34 33.57
C ALA B 430 1.54 26.93 34.77
N ALA B 431 2.31 27.38 35.75
CA ALA B 431 1.70 27.82 37.01
C ALA B 431 0.60 28.85 36.76
N LEU B 432 0.89 29.90 35.99
CA LEU B 432 -0.09 30.97 35.80
C LEU B 432 -1.25 30.51 34.95
N HIS B 433 -0.96 29.70 33.93
CA HIS B 433 -2.03 29.15 33.10
C HIS B 433 -2.96 28.26 33.92
N SER B 434 -2.39 27.38 34.75
CA SER B 434 -3.23 26.48 35.53
C SER B 434 -4.06 27.23 36.56
N ASP B 435 -3.58 28.36 37.08
CA ASP B 435 -4.45 29.22 37.89
C ASP B 435 -5.61 29.76 37.08
N LEU B 436 -5.33 30.20 35.85
CA LEU B 436 -6.37 30.76 34.99
C LEU B 436 -7.38 29.70 34.57
N VAL B 437 -6.93 28.46 34.36
CA VAL B 437 -7.87 27.38 34.09
C VAL B 437 -8.94 27.34 35.17
N VAL B 438 -8.53 27.49 36.43
CA VAL B 438 -9.47 27.40 37.55
C VAL B 438 -10.28 28.69 37.67
N LYS B 439 -9.62 29.85 37.62
CA LYS B 439 -10.30 31.09 37.94
C LYS B 439 -11.14 31.62 36.79
N ASP B 440 -10.72 31.39 35.54
CA ASP B 440 -11.37 31.94 34.35
C ASP B 440 -12.15 30.93 33.53
N LEU B 441 -11.68 29.69 33.40
CA LEU B 441 -12.38 28.72 32.58
C LEU B 441 -13.39 27.91 33.37
N PHE B 442 -12.96 27.32 34.51
CA PHE B 442 -13.78 26.31 35.18
C PHE B 442 -14.02 26.62 36.66
N PRO B 443 -14.34 27.85 37.03
CA PRO B 443 -14.42 28.17 38.47
C PRO B 443 -15.53 27.40 39.19
N GLU B 444 -16.68 27.24 38.54
CA GLU B 444 -17.77 26.50 39.16
C GLU B 444 -17.42 25.04 39.33
N TYR B 445 -16.83 24.43 38.29
CA TYR B 445 -16.37 23.05 38.42
C TYR B 445 -15.38 22.92 39.57
N ASN B 446 -14.49 23.90 39.73
CA ASN B 446 -13.52 23.85 40.83
C ASN B 446 -14.21 23.92 42.19
N GLN B 447 -15.34 24.63 42.26
CA GLN B 447 -16.15 24.59 43.48
C GLN B 447 -16.67 23.18 43.74
N LEU B 448 -17.15 22.48 42.69
CA LEU B 448 -17.70 21.14 42.89
C LEU B 448 -16.62 20.13 43.25
N TRP B 449 -15.45 20.25 42.61
CA TRP B 449 -14.41 19.21 42.65
C TRP B 449 -13.06 19.92 42.81
N PRO B 450 -12.79 20.46 44.00
CA PRO B 450 -11.53 21.23 44.17
C PRO B 450 -10.28 20.40 43.92
N ASN B 451 -10.27 19.12 44.30
CA ASN B 451 -9.08 18.30 44.16
C ASN B 451 -8.86 17.81 42.73
N LYS B 452 -9.73 18.19 41.80
CA LYS B 452 -9.59 17.74 40.42
C LYS B 452 -8.52 18.49 39.66
N PHE B 453 -8.21 19.74 40.03
CA PHE B 453 -7.41 20.62 39.19
C PHE B 453 -5.96 20.69 39.68
N HIS B 454 -5.03 20.72 38.71
CA HIS B 454 -3.60 20.60 38.97
C HIS B 454 -2.83 21.46 37.97
N ASN B 455 -1.53 21.62 38.24
CA ASN B 455 -0.56 22.12 37.27
C ASN B 455 0.48 21.04 36.97
N VAL B 456 0.90 20.97 35.69
CA VAL B 456 2.16 20.33 35.31
C VAL B 456 2.80 21.21 34.25
N THR B 457 3.88 21.89 34.61
CA THR B 457 4.57 22.75 33.67
C THR B 457 5.18 21.91 32.56
N ASN B 458 5.05 22.40 31.33
CA ASN B 458 5.55 21.70 30.16
C ASN B 458 7.08 21.56 30.21
N GLY B 459 7.59 20.72 29.32
CA GLY B 459 9.03 20.49 29.22
C GLY B 459 9.41 19.95 27.86
N ILE B 460 10.72 19.73 27.68
CA ILE B 460 11.28 19.29 26.41
C ILE B 460 12.33 18.23 26.70
N THR B 461 12.54 17.33 25.76
CA THR B 461 13.48 16.27 26.07
C THR B 461 14.92 16.75 25.84
N PRO B 462 15.81 16.57 26.82
CA PRO B 462 17.22 16.94 26.60
C PRO B 462 17.99 16.00 25.69
N ARG B 463 17.42 14.86 25.31
CA ARG B 463 18.13 14.01 24.36
C ARG B 463 18.13 14.64 22.97
N ARG B 464 16.97 14.74 22.31
CA ARG B 464 16.94 15.37 20.99
C ARG B 464 17.47 16.80 21.05
N TRP B 465 17.07 17.57 22.07
CA TRP B 465 17.21 19.02 21.98
C TRP B 465 18.47 19.56 22.63
N ILE B 466 19.34 18.70 23.18
CA ILE B 466 20.70 19.13 23.49
C ILE B 466 21.70 18.10 22.97
N LYS B 467 21.58 16.86 23.45
CA LYS B 467 22.61 15.87 23.11
C LYS B 467 22.67 15.63 21.61
N GLN B 468 21.51 15.55 20.94
CA GLN B 468 21.51 15.18 19.52
C GLN B 468 21.83 16.38 18.62
N CYS B 469 21.17 17.51 18.83
CA CYS B 469 21.33 18.63 17.92
C CYS B 469 22.51 19.52 18.28
N ASN B 470 23.05 19.39 19.50
CA ASN B 470 24.14 20.24 19.96
C ASN B 470 25.21 19.36 20.60
N PRO B 471 25.80 18.45 19.82
CA PRO B 471 26.70 17.45 20.42
C PRO B 471 27.96 18.06 21.02
N ALA B 472 28.44 19.18 20.48
CA ALA B 472 29.62 19.82 21.04
C ALA B 472 29.32 20.42 22.41
N LEU B 473 28.16 21.05 22.58
CA LEU B 473 27.79 21.53 23.91
C LEU B 473 27.60 20.36 24.86
N ALA B 474 27.03 19.27 24.35
CA ALA B 474 26.83 18.08 25.17
C ALA B 474 28.15 17.55 25.70
N SER B 475 29.19 17.55 24.86
CA SER B 475 30.49 17.07 25.28
C SER B 475 31.06 17.95 26.39
N LEU B 476 30.94 19.27 26.25
CA LEU B 476 31.35 20.19 27.30
C LEU B 476 30.65 19.87 28.61
N LEU B 477 29.34 19.58 28.57
CA LEU B 477 28.63 19.24 29.80
C LEU B 477 29.16 17.93 30.39
N ASP B 478 29.47 16.96 29.52
CA ASP B 478 30.01 15.68 30.01
C ASP B 478 31.30 15.89 30.79
N GLU B 479 32.21 16.71 30.27
CA GLU B 479 33.51 16.89 30.92
C GLU B 479 33.41 17.73 32.19
N THR B 480 32.46 18.67 32.23
CA THR B 480 32.40 19.65 33.32
C THR B 480 31.61 19.15 34.51
N LEU B 481 30.52 18.43 34.25
CA LEU B 481 29.63 17.97 35.31
C LEU B 481 30.11 16.62 35.86
N LYS B 482 29.90 16.43 37.16
CA LYS B 482 30.36 15.20 37.80
C LYS B 482 29.46 14.01 37.42
N LYS B 483 28.14 14.20 37.52
CA LYS B 483 27.17 13.15 37.25
C LYS B 483 26.60 13.27 35.84
N GLU B 484 26.05 12.16 35.33
CA GLU B 484 25.34 12.19 34.06
C GLU B 484 24.20 13.21 34.13
N TRP B 485 24.03 13.97 33.05
CA TRP B 485 23.03 15.04 32.99
C TRP B 485 21.91 14.78 31.99
N ALA B 486 22.08 13.83 31.06
CA ALA B 486 21.17 13.73 29.92
C ALA B 486 19.81 13.18 30.33
N ASN B 487 19.74 12.46 31.45
CA ASN B 487 18.49 12.04 32.06
C ASN B 487 18.39 12.53 33.49
N ASP B 488 19.05 13.65 33.78
CA ASP B 488 19.13 14.23 35.12
C ASP B 488 19.51 15.69 34.94
N LEU B 489 18.63 16.44 34.26
CA LEU B 489 19.00 17.75 33.74
C LEU B 489 19.18 18.79 34.83
N ASP B 490 18.68 18.53 36.04
CA ASP B 490 18.93 19.43 37.15
C ASP B 490 20.42 19.56 37.47
N GLN B 491 21.25 18.62 37.00
CA GLN B 491 22.69 18.72 37.21
C GLN B 491 23.29 19.96 36.55
N LEU B 492 22.59 20.53 35.58
CA LEU B 492 23.10 21.70 34.87
C LEU B 492 23.38 22.87 35.81
N ILE B 493 22.76 22.91 37.00
CA ILE B 493 22.96 24.04 37.89
C ILE B 493 24.40 24.13 38.37
N ASN B 494 25.12 23.01 38.35
CA ASN B 494 26.54 23.00 38.70
C ASN B 494 27.40 23.72 37.67
N LEU B 495 26.83 24.18 36.55
CA LEU B 495 27.58 24.98 35.60
C LEU B 495 27.71 26.44 36.04
N GLU B 496 26.89 26.90 36.98
CA GLU B 496 26.89 28.31 37.35
C GLU B 496 28.30 28.81 37.62
N LYS B 497 29.08 28.04 38.39
CA LYS B 497 30.44 28.44 38.77
C LYS B 497 31.31 28.71 37.55
N TYR B 498 31.16 27.92 36.49
CA TYR B 498 32.05 28.05 35.33
C TYR B 498 31.77 29.29 34.50
N ALA B 499 30.71 30.04 34.82
CA ALA B 499 30.52 31.33 34.16
C ALA B 499 31.66 32.30 34.45
N ASP B 500 32.38 32.09 35.55
CA ASP B 500 33.49 32.97 35.92
C ASP B 500 34.83 32.48 35.38
N ASP B 501 34.87 31.26 34.85
CA ASP B 501 36.10 30.66 34.37
C ASP B 501 36.29 31.04 32.90
N ALA B 502 37.41 31.72 32.61
CA ALA B 502 37.63 32.26 31.27
C ALA B 502 37.84 31.17 30.24
N ALA B 503 38.41 30.04 30.64
CA ALA B 503 38.61 28.94 29.71
C ALA B 503 37.28 28.32 29.33
N PHE B 504 36.45 28.02 30.32
CA PHE B 504 35.11 27.54 30.04
C PHE B 504 34.36 28.50 29.12
N ARG B 505 34.36 29.79 29.46
CA ARG B 505 33.66 30.77 28.63
C ARG B 505 34.13 30.69 27.18
N GLN B 506 35.44 30.61 26.96
CA GLN B 506 35.92 30.61 25.59
C GLN B 506 35.45 29.35 24.86
N THR B 507 35.48 28.20 25.55
CA THR B 507 35.07 26.95 24.93
C THR B 507 33.58 26.99 24.61
N TYR B 508 32.78 27.50 25.54
CA TYR B 508 31.33 27.56 25.35
C TYR B 508 30.97 28.48 24.19
N ARG B 509 31.65 29.63 24.09
CA ARG B 509 31.30 30.57 23.02
C ARG B 509 31.78 30.07 21.68
N ASP B 510 32.93 29.39 21.65
CA ASP B 510 33.39 28.76 20.42
C ASP B 510 32.34 27.77 19.91
N ILE B 511 31.71 27.01 20.81
CA ILE B 511 30.68 26.05 20.40
C ILE B 511 29.51 26.77 19.74
N LYS B 512 29.09 27.90 20.30
CA LYS B 512 27.98 28.63 19.69
C LYS B 512 28.37 29.13 18.31
N GLN B 513 29.60 29.62 18.14
CA GLN B 513 30.04 30.09 16.83
C GLN B 513 30.13 28.96 15.82
N ALA B 514 30.59 27.78 16.24
CA ALA B 514 30.63 26.64 15.33
C ALA B 514 29.23 26.20 14.91
N ASN B 515 28.25 26.34 15.82
CA ASN B 515 26.85 26.05 15.45
C ASN B 515 26.33 27.07 14.45
N LYS B 516 26.75 28.33 14.59
CA LYS B 516 26.31 29.34 13.64
C LYS B 516 26.94 29.13 12.27
N VAL B 517 28.18 28.63 12.23
CA VAL B 517 28.79 28.29 10.94
C VAL B 517 28.05 27.11 10.30
N HIS B 518 27.76 26.06 11.10
CA HIS B 518 27.00 24.94 10.57
C HIS B 518 25.66 25.40 10.00
N LEU B 519 24.96 26.29 10.70
CA LEU B 519 23.70 26.80 10.16
C LEU B 519 23.93 27.57 8.88
N ALA B 520 24.97 28.42 8.84
CA ALA B 520 25.28 29.15 7.61
C ALA B 520 25.35 28.22 6.41
N GLU B 521 25.98 27.05 6.54
CA GLU B 521 26.00 26.10 5.43
C GLU B 521 24.59 25.68 5.05
N PHE B 522 23.83 25.20 6.04
CA PHE B 522 22.46 24.77 5.79
C PHE B 522 21.64 25.88 5.14
N VAL B 523 21.87 27.12 5.53
CA VAL B 523 21.11 28.22 4.95
C VAL B 523 21.54 28.43 3.50
N LYS B 524 22.83 28.23 3.21
CA LYS B 524 23.29 28.48 1.85
C LYS B 524 22.83 27.38 0.90
N GLN B 525 22.60 26.17 1.40
CA GLN B 525 22.10 25.08 0.56
C GLN B 525 20.64 25.29 0.17
N ARG B 526 19.81 25.75 1.10
CA ARG B 526 18.37 25.87 0.85
C ARG B 526 18.02 27.16 0.11
N THR B 527 18.64 28.27 0.47
CA THR B 527 18.29 29.57 -0.08
C THR B 527 19.39 30.20 -0.92
N GLY B 528 20.62 29.72 -0.81
CA GLY B 528 21.74 30.36 -1.46
C GLY B 528 22.22 31.62 -0.79
N ILE B 529 21.47 32.17 0.17
CA ILE B 529 21.91 33.37 0.88
C ILE B 529 23.13 33.04 1.73
N GLU B 530 24.13 33.92 1.69
CA GLU B 530 25.31 33.80 2.55
C GLU B 530 25.12 34.76 3.73
N ILE B 531 25.20 34.21 4.95
CA ILE B 531 24.96 34.99 6.15
C ILE B 531 26.25 35.08 6.95
N ASN B 532 26.37 36.17 7.71
CA ASN B 532 27.63 36.53 8.36
C ASN B 532 27.68 35.97 9.77
N PRO B 533 28.52 34.95 10.05
CA PRO B 533 28.51 34.34 11.38
C PRO B 533 29.02 35.22 12.52
N GLN B 534 29.59 36.39 12.22
CA GLN B 534 29.92 37.36 13.25
C GLN B 534 28.70 38.10 13.76
N ALA B 535 27.61 38.08 12.99
CA ALA B 535 26.42 38.83 13.30
C ALA B 535 25.62 38.14 14.40
N ILE B 536 24.63 38.87 14.91
CA ILE B 536 23.68 38.32 15.86
C ILE B 536 22.67 37.48 15.09
N PHE B 537 22.59 36.19 15.42
CA PHE B 537 21.58 35.32 14.84
C PHE B 537 20.31 35.45 15.67
N ASP B 538 19.31 36.11 15.10
CA ASP B 538 18.08 36.55 15.75
C ASP B 538 16.91 35.76 15.17
N ILE B 539 16.38 34.82 15.94
CA ILE B 539 15.57 33.73 15.41
C ILE B 539 14.17 33.77 16.00
N GLN B 540 13.16 33.75 15.12
CA GLN B 540 11.77 33.62 15.51
C GLN B 540 11.19 32.39 14.81
N ILE B 541 10.86 31.38 15.61
CA ILE B 541 10.34 30.13 15.07
C ILE B 541 9.04 29.78 15.78
N LYS B 542 8.01 30.53 15.45
CA LYS B 542 6.65 30.33 15.90
C LYS B 542 5.79 30.05 14.68
N ARG B 543 4.64 29.42 14.90
CA ARG B 543 3.66 29.38 13.84
CA ARG B 543 3.62 29.38 13.87
C ARG B 543 3.29 30.80 13.46
N LEU B 544 2.82 30.97 12.22
CA LEU B 544 2.44 32.29 11.73
C LEU B 544 1.02 32.55 12.18
N HIS B 545 0.87 33.29 13.27
CA HIS B 545 -0.41 33.84 13.65
C HIS B 545 -0.22 35.31 14.01
N GLU B 546 -1.28 36.09 13.81
CA GLU B 546 -1.22 37.52 14.09
C GLU B 546 -0.69 37.83 15.49
N TYR B 547 -1.13 37.06 16.50
CA TYR B 547 -0.72 37.42 17.87
C TYR B 547 0.70 37.02 18.19
N LYS B 548 1.35 36.22 17.34
CA LYS B 548 2.77 35.94 17.47
C LYS B 548 3.64 37.11 17.02
N ARG B 549 3.06 38.02 16.22
CA ARG B 549 3.63 39.31 15.89
C ARG B 549 4.97 39.21 15.15
N GLN B 550 5.00 38.32 14.14
CA GLN B 550 6.12 38.35 13.21
C GLN B 550 6.19 39.69 12.49
N HIS B 551 5.05 40.37 12.33
CA HIS B 551 5.05 41.70 11.75
C HIS B 551 5.53 42.78 12.71
N LEU B 552 5.52 42.54 14.03
CA LEU B 552 6.27 43.43 14.92
C LEU B 552 7.77 43.27 14.69
N ASN B 553 8.24 42.02 14.62
CA ASN B 553 9.60 41.75 14.19
C ASN B 553 9.90 42.48 12.88
N LEU B 554 8.98 42.38 11.91
CA LEU B 554 9.21 43.03 10.61
C LEU B 554 9.41 44.53 10.77
N LEU B 555 8.54 45.20 11.52
CA LEU B 555 8.66 46.65 11.66
C LEU B 555 10.00 47.04 12.26
N HIS B 556 10.48 46.27 13.24
CA HIS B 556 11.79 46.57 13.81
C HIS B 556 12.89 46.38 12.77
N ILE B 557 12.77 45.34 11.95
CA ILE B 557 13.76 45.12 10.89
C ILE B 557 13.77 46.30 9.94
N LEU B 558 12.58 46.79 9.54
CA LEU B 558 12.52 47.95 8.66
C LEU B 558 13.20 49.14 9.31
N ALA B 559 13.03 49.32 10.63
CA ALA B 559 13.69 50.41 11.32
C ALA B 559 15.21 50.27 11.27
N LEU B 560 15.73 49.06 11.50
CA LEU B 560 17.17 48.83 11.32
C LEU B 560 17.58 49.10 9.88
N TYR B 561 16.80 48.62 8.91
CA TYR B 561 17.11 48.86 7.51
C TYR B 561 17.17 50.35 7.21
N LYS B 562 16.20 51.11 7.73
CA LYS B 562 16.18 52.56 7.51
C LYS B 562 17.42 53.23 8.08
N GLU B 563 17.85 52.84 9.28
CA GLU B 563 19.02 53.46 9.87
C GLU B 563 20.28 53.18 9.05
N ILE B 564 20.39 51.98 8.49
CA ILE B 564 21.55 51.67 7.68
C ILE B 564 21.54 52.47 6.37
N ARG B 565 20.35 52.71 5.82
CA ARG B 565 20.27 53.46 4.57
C ARG B 565 20.66 54.93 4.73
N GLU B 566 20.53 55.49 5.94
CA GLU B 566 20.77 56.91 6.14
C GLU B 566 22.11 57.17 6.83
N ASN B 567 22.17 57.07 8.15
CA ASN B 567 23.43 57.22 8.85
C ASN B 567 24.38 56.09 8.46
N ASP B 571 25.99 52.60 13.56
CA ASP B 571 27.00 51.74 14.22
C ASP B 571 26.35 50.54 14.91
N ARG B 572 25.18 50.14 14.43
CA ARG B 572 24.49 48.99 14.99
C ARG B 572 25.28 47.70 14.74
N VAL B 573 25.09 46.74 15.62
CA VAL B 573 25.73 45.41 15.48
C VAL B 573 25.11 44.70 14.27
N PRO B 574 25.90 43.95 13.48
CA PRO B 574 25.30 43.25 12.33
C PRO B 574 24.36 42.15 12.79
N ARG B 575 23.28 41.97 12.03
CA ARG B 575 22.22 41.06 12.40
C ARG B 575 21.84 40.15 11.25
N VAL B 576 21.39 38.94 11.59
CA VAL B 576 20.73 38.04 10.65
C VAL B 576 19.44 37.59 11.31
N PHE B 577 18.32 37.99 10.73
CA PHE B 577 17.00 37.60 11.23
C PHE B 577 16.57 36.34 10.47
N LEU B 578 16.40 35.25 11.21
CA LEU B 578 15.92 34.00 10.63
C LEU B 578 14.49 33.73 11.11
N PHE B 579 13.64 33.33 10.17
CA PHE B 579 12.25 33.01 10.40
C PHE B 579 11.96 31.58 10.00
N GLY B 580 11.16 30.89 10.80
CA GLY B 580 10.55 29.64 10.41
C GLY B 580 9.12 29.64 10.91
N ALA B 581 8.16 29.47 10.01
CA ALA B 581 6.74 29.57 10.36
C ALA B 581 5.90 29.10 9.20
N LYS B 582 4.85 28.35 9.51
CA LYS B 582 3.79 28.02 8.57
C LYS B 582 2.53 28.79 8.94
N ALA B 583 1.79 29.22 7.93
CA ALA B 583 0.44 29.74 8.11
C ALA B 583 -0.59 28.70 7.69
N ALA B 584 -1.68 28.61 8.43
CA ALA B 584 -2.77 27.74 8.03
C ALA B 584 -3.28 28.13 6.65
N PRO B 585 -3.59 27.17 5.79
CA PRO B 585 -4.19 27.53 4.50
C PRO B 585 -5.49 28.29 4.73
N GLY B 586 -5.74 29.29 3.91
CA GLY B 586 -6.93 30.10 4.09
C GLY B 586 -6.84 31.14 5.18
N TYR B 587 -5.72 31.20 5.90
CA TYR B 587 -5.46 32.30 6.84
C TYR B 587 -4.77 33.42 6.06
N TYR B 588 -5.58 34.22 5.38
CA TYR B 588 -5.04 35.15 4.40
C TYR B 588 -4.16 36.21 5.05
N LEU B 589 -4.51 36.68 6.25
CA LEU B 589 -3.69 37.72 6.88
C LEU B 589 -2.30 37.19 7.20
N ALA B 590 -2.23 35.99 7.78
CA ALA B 590 -0.93 35.39 8.07
C ALA B 590 -0.11 35.22 6.80
N LYS B 591 -0.75 34.79 5.72
CA LYS B 591 -0.04 34.63 4.45
C LYS B 591 0.45 35.97 3.91
N ASN B 592 -0.30 37.06 4.14
CA ASN B 592 0.15 38.37 3.70
C ASN B 592 1.34 38.86 4.53
N ILE B 593 1.36 38.54 5.83
CA ILE B 593 2.55 38.82 6.63
C ILE B 593 3.76 38.07 6.09
N ILE B 594 3.57 36.80 5.71
CA ILE B 594 4.66 36.04 5.11
C ILE B 594 5.14 36.73 3.84
N PHE B 595 4.20 37.24 3.05
CA PHE B 595 4.52 37.91 1.80
C PHE B 595 5.36 39.15 2.05
N ALA B 596 4.95 39.98 3.02
CA ALA B 596 5.71 41.18 3.35
C ALA B 596 7.12 40.84 3.80
N ILE B 597 7.27 39.86 4.70
CA ILE B 597 8.59 39.48 5.18
C ILE B 597 9.47 39.03 4.02
N ASN B 598 8.93 38.26 3.09
CA ASN B 598 9.75 37.78 1.99
C ASN B 598 10.11 38.92 1.05
N LYS B 599 9.16 39.81 0.78
CA LYS B 599 9.43 40.95 -0.10
C LYS B 599 10.46 41.88 0.51
N VAL B 600 10.35 42.17 1.81
CA VAL B 600 11.32 43.05 2.44
C VAL B 600 12.69 42.38 2.52
N ALA B 601 12.75 41.05 2.68
CA ALA B 601 14.04 40.38 2.73
C ALA B 601 14.73 40.37 1.36
N GLU B 602 13.96 40.38 0.28
CA GLU B 602 14.55 40.43 -1.05
C GLU B 602 15.35 41.72 -1.22
N ALA B 603 14.73 42.86 -0.89
CA ALA B 603 15.43 44.13 -0.95
C ALA B 603 16.68 44.12 -0.08
N ILE B 604 16.52 43.78 1.20
CA ILE B 604 17.63 43.88 2.15
C ILE B 604 18.81 43.02 1.70
N ASN B 605 18.54 41.79 1.28
CA ASN B 605 19.62 40.86 0.99
C ASN B 605 20.38 41.24 -0.28
N ASN B 606 19.76 41.98 -1.19
CA ASN B 606 20.43 42.38 -2.43
C ASN B 606 20.87 43.83 -2.43
N ASP B 607 20.32 44.67 -1.56
CA ASP B 607 20.65 46.09 -1.56
C ASP B 607 22.12 46.29 -1.19
N PRO B 608 22.95 46.85 -2.07
CA PRO B 608 24.37 47.00 -1.75
C PRO B 608 24.63 47.99 -0.63
N LYS B 609 23.67 48.88 -0.33
CA LYS B 609 23.88 49.86 0.73
C LYS B 609 24.04 49.21 2.10
N VAL B 610 23.54 47.99 2.29
CA VAL B 610 23.61 47.32 3.59
C VAL B 610 24.73 46.29 3.64
N GLY B 611 24.91 45.52 2.57
CA GLY B 611 25.98 44.54 2.58
C GLY B 611 25.80 43.52 3.69
N ASP B 612 26.88 43.28 4.45
CA ASP B 612 26.88 42.25 5.49
C ASP B 612 26.35 42.75 6.83
N LYS B 613 25.69 43.91 6.86
CA LYS B 613 25.16 44.44 8.11
C LYS B 613 23.82 43.81 8.47
N LEU B 614 23.08 43.34 7.48
CA LEU B 614 21.70 42.89 7.70
C LEU B 614 21.34 41.88 6.62
N LYS B 615 20.81 40.74 7.05
CA LYS B 615 20.20 39.77 6.15
C LYS B 615 18.96 39.21 6.83
N VAL B 616 17.96 38.87 6.03
CA VAL B 616 16.76 38.22 6.49
C VAL B 616 16.59 36.91 5.72
N VAL B 617 16.47 35.81 6.44
CA VAL B 617 16.32 34.48 5.85
C VAL B 617 15.04 33.86 6.38
N PHE B 618 14.06 33.64 5.49
CA PHE B 618 12.82 32.93 5.81
C PHE B 618 12.98 31.51 5.27
N LEU B 619 13.41 30.60 6.13
CA LEU B 619 13.56 29.20 5.73
C LEU B 619 12.20 28.52 5.56
N PRO B 620 11.86 28.04 4.37
CA PRO B 620 10.54 27.44 4.18
C PRO B 620 10.44 26.05 4.80
N ASP B 621 9.21 25.68 5.15
CA ASP B 621 8.85 24.33 5.60
C ASP B 621 9.49 23.98 6.96
N TYR B 622 9.33 24.88 7.92
CA TYR B 622 9.82 24.65 9.27
C TYR B 622 9.30 23.32 9.82
N CYS B 623 10.19 22.55 10.43
CA CYS B 623 9.89 21.19 10.91
C CYS B 623 10.90 20.87 12.01
N VAL B 624 10.76 19.70 12.63
CA VAL B 624 11.67 19.32 13.72
C VAL B 624 13.12 19.31 13.25
N SER B 625 13.36 18.78 12.03
CA SER B 625 14.73 18.70 11.53
C SER B 625 15.36 20.08 11.37
N ALA B 626 14.61 21.04 10.83
CA ALA B 626 15.11 22.41 10.73
C ALA B 626 15.39 23.00 12.11
N ALA B 627 14.51 22.74 13.07
CA ALA B 627 14.68 23.29 14.41
C ALA B 627 15.95 22.77 15.05
N GLU B 628 16.30 21.51 14.80
CA GLU B 628 17.55 20.98 15.34
C GLU B 628 18.77 21.73 14.79
N LYS B 629 18.66 22.32 13.61
CA LYS B 629 19.74 23.11 13.03
C LYS B 629 19.71 24.58 13.43
N LEU B 630 18.53 25.17 13.59
CA LEU B 630 18.44 26.59 13.94
C LEU B 630 18.76 26.84 15.42
N ILE B 631 18.21 26.01 16.30
CA ILE B 631 18.20 26.31 17.73
C ILE B 631 19.59 26.34 18.34
N PRO B 632 20.50 25.41 18.03
CA PRO B 632 21.86 25.51 18.58
C PRO B 632 22.60 26.77 18.15
N ALA B 633 22.16 27.42 17.08
CA ALA B 633 22.85 28.57 16.52
C ALA B 633 22.27 29.90 16.97
N ALA B 634 21.22 29.91 17.78
CA ALA B 634 20.53 31.14 18.09
C ALA B 634 21.33 31.97 19.08
N ASP B 635 21.46 33.27 18.81
CA ASP B 635 21.93 34.22 19.82
C ASP B 635 20.75 34.83 20.55
N ILE B 636 19.74 35.26 19.79
CA ILE B 636 18.53 35.86 20.32
C ILE B 636 17.35 34.95 20.01
N SER B 637 16.53 34.72 21.03
CA SER B 637 15.28 33.96 20.94
C SER B 637 14.12 34.93 20.98
N GLU B 638 13.45 35.11 19.84
CA GLU B 638 12.33 36.03 19.70
C GLU B 638 11.06 35.39 20.25
N GLN B 639 10.52 35.97 21.33
CA GLN B 639 9.34 35.43 22.01
C GLN B 639 8.39 36.59 22.33
N ILE B 640 7.84 37.20 21.29
CA ILE B 640 7.25 38.54 21.37
C ILE B 640 5.74 38.51 21.17
N SER B 641 5.09 37.39 21.43
CA SER B 641 3.64 37.37 21.37
C SER B 641 3.03 38.40 22.32
N THR B 642 1.88 38.95 21.93
CA THR B 642 1.13 39.85 22.80
C THR B 642 0.98 39.25 24.20
N ALA B 643 1.29 40.02 25.23
CA ALA B 643 1.07 39.53 26.58
C ALA B 643 -0.39 39.11 26.75
N GLY B 644 -0.59 37.94 27.34
CA GLY B 644 -1.90 37.37 27.55
C GLY B 644 -2.21 36.17 26.67
N LYS B 645 -1.47 35.98 25.58
CA LYS B 645 -1.86 35.02 24.55
C LYS B 645 -1.03 33.74 24.53
N GLU B 646 -0.03 33.60 25.40
CA GLU B 646 0.77 32.38 25.44
C GLU B 646 0.64 31.71 26.81
N ALA B 647 0.17 30.47 26.81
CA ALA B 647 0.19 29.69 28.04
C ALA B 647 1.58 29.13 28.35
N SER B 648 2.34 28.79 27.31
CA SER B 648 3.60 28.07 27.51
C SER B 648 4.64 28.57 26.52
N GLY B 649 5.43 27.66 25.97
CA GLY B 649 6.44 28.05 25.00
C GLY B 649 7.61 27.12 25.10
N THR B 650 7.44 25.93 24.54
CA THR B 650 8.51 24.93 24.59
C THR B 650 9.67 25.30 23.68
N GLY B 651 9.39 25.95 22.56
CA GLY B 651 10.49 26.47 21.76
C GLY B 651 11.37 27.39 22.57
N ASN B 652 10.75 28.27 23.38
CA ASN B 652 11.50 29.16 24.26
C ASN B 652 12.49 28.37 25.10
N MET B 653 12.05 27.21 25.60
CA MET B 653 12.87 26.41 26.51
C MET B 653 14.03 25.78 25.78
N LYS B 654 13.80 25.29 24.56
CA LYS B 654 14.90 24.75 23.76
C LYS B 654 15.97 25.80 23.50
N LEU B 655 15.53 27.01 23.16
CA LEU B 655 16.45 28.06 22.78
C LEU B 655 17.30 28.51 23.96
N ALA B 656 16.68 28.58 25.15
CA ALA B 656 17.40 29.02 26.34
C ALA B 656 18.45 27.99 26.77
N LEU B 657 18.06 26.71 26.77
CA LEU B 657 18.99 25.69 27.21
C LEU B 657 20.23 25.64 26.33
N ASN B 658 20.09 25.99 25.05
CA ASN B 658 21.21 25.95 24.13
C ASN B 658 21.94 27.29 24.05
N GLY B 659 21.58 28.25 24.89
CA GLY B 659 22.40 29.43 25.08
C GLY B 659 22.03 30.64 24.27
N ALA B 660 20.77 30.77 23.85
CA ALA B 660 20.25 32.01 23.31
C ALA B 660 19.66 32.82 24.44
N LEU B 661 19.61 34.14 24.25
CA LEU B 661 19.01 35.05 25.21
C LEU B 661 17.65 35.49 24.67
N THR B 662 16.67 35.58 25.57
CA THR B 662 15.29 35.81 25.18
C THR B 662 14.95 37.29 25.18
N VAL B 663 14.42 37.77 24.06
CA VAL B 663 13.74 39.05 23.96
C VAL B 663 12.25 38.74 23.92
N GLY B 664 11.48 39.22 24.90
CA GLY B 664 10.10 38.77 24.94
C GLY B 664 9.23 39.52 25.94
N THR B 665 7.94 39.30 25.78
CA THR B 665 6.94 39.81 26.69
C THR B 665 6.87 38.93 27.94
N LEU B 666 6.25 39.46 29.00
CA LEU B 666 6.18 38.75 30.28
C LEU B 666 4.92 37.88 30.29
N ASP B 667 5.04 36.73 29.62
CA ASP B 667 3.90 35.82 29.48
C ASP B 667 4.46 34.48 29.03
N GLY B 668 3.61 33.46 29.09
CA GLY B 668 4.04 32.13 28.71
C GLY B 668 5.32 31.71 29.40
N ALA B 669 6.15 30.97 28.68
CA ALA B 669 7.34 30.39 29.25
C ALA B 669 8.42 31.41 29.52
N ASN B 670 8.30 32.62 28.97
CA ASN B 670 9.20 33.70 29.35
C ASN B 670 9.13 33.97 30.85
N VAL B 671 7.96 33.79 31.47
CA VAL B 671 7.85 34.01 32.92
C VAL B 671 8.76 33.05 33.66
N GLU B 672 8.71 31.77 33.28
CA GLU B 672 9.58 30.78 33.92
C GLU B 672 11.06 31.06 33.64
N ILE B 673 11.40 31.44 32.41
CA ILE B 673 12.80 31.70 32.08
C ILE B 673 13.33 32.87 32.89
N ALA B 674 12.60 33.99 32.92
CA ALA B 674 13.05 35.16 33.69
C ALA B 674 13.19 34.83 35.17
N GLU B 675 12.26 34.04 35.70
CA GLU B 675 12.33 33.61 37.10
C GLU B 675 13.61 32.82 37.37
N GLN B 676 14.04 31.99 36.41
CA GLN B 676 15.22 31.17 36.66
C GLN B 676 16.53 31.89 36.37
N VAL B 677 16.59 32.70 35.31
CA VAL B 677 17.88 33.20 34.84
C VAL B 677 18.26 34.54 35.44
N GLY B 678 17.29 35.38 35.80
CA GLY B 678 17.56 36.67 36.40
C GLY B 678 17.47 37.80 35.39
N GLU B 679 17.16 39.00 35.89
CA GLU B 679 16.94 40.14 35.00
C GLU B 679 18.19 40.55 34.23
N GLU B 680 19.38 40.25 34.72
CA GLU B 680 20.58 40.59 33.98
C GLU B 680 20.73 39.79 32.69
N ASN B 681 19.96 38.71 32.55
CA ASN B 681 20.22 37.67 31.55
C ASN B 681 19.03 37.43 30.63
N ILE B 682 18.11 38.38 30.56
CA ILE B 682 16.93 38.27 29.72
C ILE B 682 16.44 39.68 29.44
N PHE B 683 15.76 39.86 28.31
CA PHE B 683 15.30 41.15 27.80
C PHE B 683 13.78 41.13 27.74
N ILE B 684 13.14 41.30 28.89
CA ILE B 684 11.68 41.39 28.97
C ILE B 684 11.25 42.80 28.58
N PHE B 685 10.17 42.92 27.80
CA PHE B 685 9.74 44.25 27.34
C PHE B 685 8.22 44.29 27.18
N GLY B 686 7.71 45.52 27.03
CA GLY B 686 6.37 45.76 26.54
C GLY B 686 5.29 45.69 27.61
N HIS B 687 4.05 45.87 27.14
CA HIS B 687 2.89 45.83 28.01
C HIS B 687 2.74 44.47 28.70
N THR B 688 2.43 44.51 29.98
CA THR B 688 2.04 43.32 30.70
C THR B 688 0.64 42.88 30.29
N VAL B 689 0.27 41.67 30.74
CA VAL B 689 -1.10 41.19 30.54
C VAL B 689 -2.10 42.23 31.00
N GLU B 690 -1.94 42.73 32.22
CA GLU B 690 -2.91 43.69 32.76
C GLU B 690 -2.87 45.02 32.00
N GLU B 691 -1.69 45.45 31.57
CA GLU B 691 -1.61 46.70 30.82
C GLU B 691 -2.23 46.57 29.44
N VAL B 692 -2.17 45.39 28.82
CA VAL B 692 -2.86 45.19 27.54
C VAL B 692 -4.37 45.38 27.72
N LYS B 693 -4.93 44.78 28.76
CA LYS B 693 -6.36 44.88 29.01
C LYS B 693 -6.78 46.32 29.31
N ALA B 694 -6.01 47.04 30.12
CA ALA B 694 -6.37 48.43 30.44
C ALA B 694 -6.30 49.32 29.21
N LEU B 695 -5.34 49.09 28.32
CA LEU B 695 -5.22 49.94 27.14
C LEU B 695 -6.43 49.79 26.23
N LYS B 696 -6.91 48.56 26.04
CA LYS B 696 -8.12 48.37 25.24
C LYS B 696 -9.34 48.93 25.96
N ALA B 697 -9.37 48.80 27.30
CA ALA B 697 -10.50 49.30 28.08
C ALA B 697 -10.65 50.82 27.98
N LYS B 698 -9.54 51.54 27.93
CA LYS B 698 -9.58 52.99 27.82
C LYS B 698 -9.83 53.46 26.40
N GLY B 699 -9.67 52.59 25.41
CA GLY B 699 -9.80 53.00 24.02
C GLY B 699 -8.45 53.13 23.36
N TYR B 700 -8.04 52.09 22.67
CA TYR B 700 -6.76 52.05 21.98
C TYR B 700 -6.99 52.35 20.51
N ASP B 701 -6.35 53.40 20.02
CA ASP B 701 -6.40 53.73 18.59
C ASP B 701 -4.97 53.70 18.05
N PRO B 702 -4.60 52.70 17.25
CA PRO B 702 -3.23 52.70 16.71
C PRO B 702 -2.94 53.88 15.80
N LEU B 703 -3.96 54.48 15.18
CA LEU B 703 -3.72 55.63 14.31
C LEU B 703 -3.13 56.80 15.11
N LYS B 704 -3.68 57.07 16.29
CA LYS B 704 -3.12 58.10 17.14
C LYS B 704 -1.66 57.78 17.50
N TRP B 705 -1.35 56.51 17.77
CA TRP B 705 0.03 56.16 18.04
C TRP B 705 0.91 56.39 16.82
N ARG B 706 0.35 56.20 15.63
CA ARG B 706 1.11 56.49 14.42
C ARG B 706 1.43 57.96 14.31
N LYS B 707 0.44 58.82 14.59
CA LYS B 707 0.62 60.27 14.41
C LYS B 707 1.76 60.82 15.25
N LYS B 708 2.04 60.22 16.40
CA LYS B 708 3.04 60.75 17.33
C LYS B 708 4.40 60.07 17.24
N ASP B 709 4.62 59.21 16.24
CA ASP B 709 5.86 58.41 16.16
C ASP B 709 6.39 58.48 14.74
N LYS B 710 7.39 59.35 14.53
CA LYS B 710 7.92 59.58 13.19
C LYS B 710 8.54 58.31 12.61
N LEU B 711 9.31 57.57 13.42
CA LEU B 711 9.91 56.32 12.93
C LEU B 711 8.84 55.30 12.58
N LEU B 712 7.81 55.18 13.41
CA LEU B 712 6.74 54.22 13.14
C LEU B 712 5.98 54.59 11.89
N ASP B 713 5.58 55.86 11.77
CA ASP B 713 4.90 56.32 10.56
C ASP B 713 5.75 56.07 9.32
N ALA B 714 7.07 56.21 9.45
CA ALA B 714 7.95 56.11 8.29
C ALA B 714 8.04 54.68 7.78
N VAL B 715 8.27 53.71 8.66
CA VAL B 715 8.38 52.33 8.21
C VAL B 715 7.06 51.84 7.63
N LEU B 716 5.94 52.32 8.16
CA LEU B 716 4.64 51.94 7.61
C LEU B 716 4.39 52.57 6.25
N LYS B 717 4.96 53.75 6.00
CA LYS B 717 4.87 54.36 4.69
C LYS B 717 5.57 53.50 3.64
N GLU B 718 6.74 52.95 3.99
CA GLU B 718 7.47 52.11 3.05
C GLU B 718 6.65 50.90 2.61
N LEU B 719 5.68 50.47 3.42
CA LEU B 719 4.85 49.32 3.10
C LEU B 719 3.56 49.71 2.38
N GLU B 720 3.25 51.01 2.32
CA GLU B 720 2.05 51.49 1.66
C GLU B 720 2.30 52.04 0.27
N ASN B 721 3.56 52.33 -0.09
CA ASN B 721 3.88 53.11 -1.26
C ASN B 721 4.62 52.32 -2.34
N GLY B 722 4.73 51.00 -2.20
CA GLY B 722 5.28 50.16 -3.24
C GLY B 722 6.77 49.96 -3.21
N THR B 723 7.44 50.36 -2.13
CA THR B 723 8.89 50.28 -2.10
C THR B 723 9.39 48.84 -2.18
N TYR B 724 8.58 47.88 -1.73
CA TYR B 724 8.99 46.49 -1.71
C TYR B 724 8.14 45.61 -2.63
N SER B 725 7.36 46.22 -3.52
CA SER B 725 6.48 45.46 -4.42
C SER B 725 6.52 45.96 -5.85
N ASN B 726 7.57 46.68 -6.25
CA ASN B 726 7.69 47.25 -7.59
C ASN B 726 6.49 48.13 -7.92
N GLY B 727 6.06 48.95 -6.97
CA GLY B 727 5.05 49.95 -7.23
C GLY B 727 3.62 49.49 -7.10
N ASP B 728 3.35 48.39 -6.39
CA ASP B 728 2.00 48.07 -5.97
C ASP B 728 1.81 48.61 -4.55
N LYS B 729 0.83 49.48 -4.37
CA LYS B 729 0.54 50.05 -3.06
C LYS B 729 -0.41 49.19 -2.25
N HIS B 730 -0.95 48.12 -2.84
CA HIS B 730 -1.85 47.19 -2.14
C HIS B 730 -1.23 45.82 -1.97
N ALA B 731 0.07 45.67 -2.20
CA ALA B 731 0.72 44.39 -2.00
C ALA B 731 0.49 43.86 -0.58
N PHE B 732 0.75 44.71 0.41
CA PHE B 732 0.66 44.34 1.83
C PHE B 732 -0.61 44.92 2.46
N ASP B 733 -1.67 45.00 1.66
CA ASP B 733 -2.90 45.69 2.06
C ASP B 733 -3.54 45.03 3.27
N GLN B 734 -3.51 43.69 3.33
CA GLN B 734 -4.23 43.00 4.41
C GLN B 734 -3.52 43.18 5.75
N MET B 735 -2.18 43.10 5.74
CA MET B 735 -1.40 43.34 6.95
C MET B 735 -1.61 44.75 7.47
N LEU B 736 -1.55 45.74 6.58
CA LEU B 736 -1.63 47.13 7.01
C LEU B 736 -3.00 47.47 7.56
N HIS B 737 -4.07 46.90 6.99
CA HIS B 737 -5.41 47.21 7.49
C HIS B 737 -5.64 46.63 8.87
N SER B 738 -5.04 45.47 9.18
CA SER B 738 -5.17 44.91 10.52
C SER B 738 -4.49 45.81 11.56
N LEU B 739 -3.44 46.52 11.15
CA LEU B 739 -2.67 47.38 12.03
C LEU B 739 -3.23 48.79 12.16
N LEU B 740 -4.16 49.19 11.29
CA LEU B 740 -4.60 50.58 11.25
C LEU B 740 -6.11 50.66 11.44
N GLN B 741 -6.88 50.60 10.35
CA GLN B 741 -8.34 50.67 10.47
C GLN B 741 -8.91 49.43 11.15
N GLY B 742 -8.23 48.29 11.06
CA GLY B 742 -8.68 47.10 11.76
C GLY B 742 -8.50 47.20 13.26
N GLY B 743 -7.68 48.13 13.72
CA GLY B 743 -7.55 48.43 15.13
C GLY B 743 -6.34 47.84 15.83
N ASP B 744 -5.47 47.13 15.14
CA ASP B 744 -4.25 46.58 15.73
C ASP B 744 -4.56 45.85 17.04
N PRO B 745 -5.44 44.84 17.01
CA PRO B 745 -5.90 44.23 18.27
C PRO B 745 -4.82 43.46 19.02
N TYR B 746 -3.67 43.18 18.43
CA TYR B 746 -2.58 42.55 19.16
C TYR B 746 -1.45 43.52 19.52
N LEU B 747 -1.68 44.83 19.31
CA LEU B 747 -0.87 45.89 19.91
C LEU B 747 0.57 45.88 19.37
N VAL B 748 0.73 45.69 18.06
CA VAL B 748 2.03 45.79 17.43
C VAL B 748 2.59 47.20 17.58
N LEU B 749 1.75 48.21 17.28
CA LEU B 749 2.22 49.59 17.41
C LEU B 749 2.49 49.97 18.86
N ALA B 750 1.63 49.52 19.77
CA ALA B 750 1.76 49.93 21.17
C ALA B 750 3.03 49.36 21.79
N ASP B 751 3.51 48.22 21.33
CA ASP B 751 4.74 47.64 21.85
C ASP B 751 5.96 47.99 21.01
N PHE B 752 5.79 48.73 19.91
CA PHE B 752 6.86 48.95 18.96
C PHE B 752 8.09 49.59 19.61
N GLU B 753 7.91 50.74 20.27
CA GLU B 753 9.08 51.44 20.79
C GLU B 753 9.68 50.71 21.98
N ALA B 754 8.87 50.02 22.79
CA ALA B 754 9.42 49.15 23.82
C ALA B 754 10.29 48.07 23.22
N TYR B 755 9.85 47.49 22.09
CA TYR B 755 10.63 46.45 21.43
C TYR B 755 11.92 47.03 20.84
N VAL B 756 11.81 48.13 20.10
CA VAL B 756 12.99 48.77 19.55
C VAL B 756 14.01 49.06 20.65
N ALA B 757 13.53 49.58 21.78
CA ALA B 757 14.44 49.92 22.88
C ALA B 757 15.08 48.68 23.50
N ALA B 758 14.32 47.59 23.63
CA ALA B 758 14.90 46.36 24.17
C ALA B 758 16.01 45.84 23.25
N GLN B 759 15.79 45.91 21.94
CA GLN B 759 16.79 45.42 20.99
C GLN B 759 18.06 46.26 21.00
N LYS B 760 17.95 47.54 21.36
CA LYS B 760 19.16 48.36 21.52
C LYS B 760 19.96 47.88 22.72
N ARG B 761 19.29 47.42 23.79
CA ARG B 761 20.02 46.82 24.90
C ARG B 761 20.71 45.52 24.47
N VAL B 762 20.12 44.80 23.51
CA VAL B 762 20.75 43.59 23.00
C VAL B 762 22.10 43.93 22.36
N ASP B 763 22.14 44.95 21.51
CA ASP B 763 23.40 45.43 20.94
C ASP B 763 24.46 45.60 22.03
N GLU B 764 24.10 46.32 23.10
CA GLU B 764 25.08 46.68 24.12
C GLU B 764 25.67 45.46 24.79
N LEU B 765 24.83 44.47 25.10
CA LEU B 765 25.37 43.26 25.71
C LEU B 765 26.28 42.52 24.75
N TYR B 766 25.91 42.47 23.47
CA TYR B 766 26.67 41.65 22.52
C TYR B 766 28.08 42.21 22.31
N ARG B 767 28.24 43.53 22.44
CA ARG B 767 29.57 44.13 22.36
C ARG B 767 30.45 43.74 23.53
N ASP B 768 29.86 43.51 24.71
CA ASP B 768 30.60 43.07 25.88
C ASP B 768 30.66 41.55 25.88
N GLU B 769 31.60 41.02 25.09
CA GLU B 769 31.62 39.59 24.77
C GLU B 769 31.62 38.73 26.04
N GLU B 770 32.38 39.13 27.06
CA GLU B 770 32.39 38.35 28.29
C GLU B 770 31.02 38.36 28.98
N ALA B 771 30.35 39.52 28.99
CA ALA B 771 29.08 39.59 29.69
C ALA B 771 28.01 38.83 28.94
N TRP B 772 28.04 38.90 27.61
CA TRP B 772 27.11 38.11 26.81
C TRP B 772 27.26 36.63 27.11
N THR B 773 28.49 36.11 27.01
CA THR B 773 28.73 34.70 27.24
C THR B 773 28.32 34.29 28.65
N ARG B 774 28.58 35.14 29.65
CA ARG B 774 28.11 34.83 31.00
C ARG B 774 26.60 34.65 31.00
N ALA B 775 25.88 35.57 30.37
CA ALA B 775 24.42 35.49 30.34
C ALA B 775 23.97 34.21 29.66
N ALA B 776 24.59 33.86 28.54
CA ALA B 776 24.19 32.63 27.83
C ALA B 776 24.41 31.40 28.70
N ILE B 777 25.60 31.27 29.29
CA ILE B 777 25.89 30.14 30.17
C ILE B 777 24.84 30.06 31.26
N LEU B 778 24.45 31.21 31.81
CA LEU B 778 23.52 31.18 32.92
C LEU B 778 22.14 30.72 32.47
N ASN B 779 21.79 30.96 31.20
CA ASN B 779 20.54 30.41 30.67
C ASN B 779 20.61 28.90 30.58
N THR B 780 21.72 28.35 30.08
CA THR B 780 21.88 26.90 30.07
C THR B 780 21.84 26.33 31.48
N ALA B 781 22.53 26.97 32.42
CA ALA B 781 22.75 26.34 33.72
C ALA B 781 21.52 26.40 34.62
N ARG B 782 20.63 27.36 34.41
CA ARG B 782 19.56 27.61 35.35
C ARG B 782 18.22 27.07 34.88
N CYS B 783 18.17 26.49 33.70
CA CYS B 783 16.90 26.06 33.09
C CYS B 783 16.71 24.55 33.08
N GLY B 784 17.38 23.81 33.97
CA GLY B 784 17.22 22.37 34.04
C GLY B 784 15.80 21.93 34.33
N MET B 785 14.97 22.82 34.89
CA MET B 785 13.59 22.46 35.20
C MET B 785 12.75 22.24 33.95
N PHE B 786 13.21 22.69 32.78
CA PHE B 786 12.45 22.53 31.55
C PHE B 786 12.55 21.13 30.96
N SER B 787 13.21 20.19 31.63
CA SER B 787 13.28 18.83 31.10
C SER B 787 11.92 18.17 31.15
N SER B 788 11.50 17.53 30.05
CA SER B 788 10.22 16.83 30.11
C SER B 788 10.28 15.62 31.03
N ASP B 789 11.47 15.17 31.44
CA ASP B 789 11.55 14.16 32.49
C ASP B 789 10.90 14.67 33.78
N ARG B 790 11.12 15.95 34.08
CA ARG B 790 10.53 16.55 35.27
C ARG B 790 9.01 16.67 35.12
N SER B 791 8.55 17.10 33.96
CA SER B 791 7.12 17.05 33.65
C SER B 791 6.54 15.67 33.93
N ILE B 792 7.17 14.63 33.40
CA ILE B 792 6.59 13.30 33.56
C ILE B 792 6.54 12.90 35.02
N ARG B 793 7.59 13.19 35.78
CA ARG B 793 7.56 12.87 37.19
C ARG B 793 6.45 13.64 37.90
N ASP B 794 6.18 14.88 37.48
CA ASP B 794 5.05 15.63 38.06
C ASP B 794 3.72 14.97 37.70
N TYR B 795 3.56 14.57 36.43
CA TYR B 795 2.35 13.85 36.04
C TYR B 795 2.20 12.57 36.86
N GLN B 796 3.30 11.84 37.06
CA GLN B 796 3.22 10.60 37.80
C GLN B 796 2.74 10.83 39.23
N GLN B 797 3.29 11.85 39.89
CA GLN B 797 2.99 12.06 41.31
C GLN B 797 1.60 12.62 41.52
N ARG B 798 1.16 13.53 40.65
CA ARG B 798 -0.09 14.23 40.85
C ARG B 798 -1.30 13.55 40.22
N ILE B 799 -1.11 12.70 39.21
CA ILE B 799 -2.23 12.20 38.43
C ILE B 799 -2.10 10.70 38.14
N TRP B 800 -1.05 10.31 37.41
CA TRP B 800 -1.02 8.95 36.86
C TRP B 800 -0.86 7.89 37.94
N GLN B 801 -0.01 8.13 38.93
CA GLN B 801 0.25 7.17 39.99
C GLN B 801 -0.36 7.58 41.32
N ALA B 802 -1.27 8.53 41.33
CA ALA B 802 -1.92 8.99 42.55
C ALA B 802 -3.02 8.02 42.98
N LYS B 803 -3.40 8.11 44.26
CA LYS B 803 -4.51 7.32 44.77
C LYS B 803 -5.82 8.02 44.41
N ARG B 804 -6.80 7.26 43.93
CA ARG B 804 -8.05 7.87 43.46
C ARG B 804 -9.08 8.03 44.58
#